data_6ZIL
# 
_entry.id   6ZIL 
# 
_audit_conform.dict_name       mmcif_pdbx.dic 
_audit_conform.dict_version    5.384 
_audit_conform.dict_location   http://mmcif.pdb.org/dictionaries/ascii/mmcif_pdbx.dic 
# 
loop_
_database_2.database_id 
_database_2.database_code 
_database_2.pdbx_database_accession 
_database_2.pdbx_DOI 
PDB   6ZIL         pdb_00006zil 10.2210/pdb6zil/pdb 
WWPDB D_1292109627 ?            ?                   
# 
loop_
_pdbx_audit_revision_history.ordinal 
_pdbx_audit_revision_history.data_content_type 
_pdbx_audit_revision_history.major_revision 
_pdbx_audit_revision_history.minor_revision 
_pdbx_audit_revision_history.revision_date 
1 'Structure model' 1 0 2021-02-17 
2 'Structure model' 1 1 2021-03-10 
3 'Structure model' 1 2 2024-01-31 
# 
_pdbx_audit_revision_details.ordinal             1 
_pdbx_audit_revision_details.revision_ordinal    1 
_pdbx_audit_revision_details.data_content_type   'Structure model' 
_pdbx_audit_revision_details.provider            repository 
_pdbx_audit_revision_details.type                'Initial release' 
_pdbx_audit_revision_details.description         ? 
_pdbx_audit_revision_details.details             ? 
# 
loop_
_pdbx_audit_revision_group.ordinal 
_pdbx_audit_revision_group.revision_ordinal 
_pdbx_audit_revision_group.data_content_type 
_pdbx_audit_revision_group.group 
1 2 'Structure model' 'Database references'    
2 3 'Structure model' 'Data collection'        
3 3 'Structure model' 'Database references'    
4 3 'Structure model' 'Refinement description' 
# 
loop_
_pdbx_audit_revision_category.ordinal 
_pdbx_audit_revision_category.revision_ordinal 
_pdbx_audit_revision_category.data_content_type 
_pdbx_audit_revision_category.category 
1 2 'Structure model' citation                      
2 2 'Structure model' citation_author               
3 3 'Structure model' chem_comp_atom                
4 3 'Structure model' chem_comp_bond                
5 3 'Structure model' database_2                    
6 3 'Structure model' pdbx_initial_refinement_model 
# 
loop_
_pdbx_audit_revision_item.ordinal 
_pdbx_audit_revision_item.revision_ordinal 
_pdbx_audit_revision_item.data_content_type 
_pdbx_audit_revision_item.item 
1 2 'Structure model' '_citation.journal_volume'            
2 2 'Structure model' '_citation.page_first'                
3 2 'Structure model' '_citation.page_last'                 
4 2 'Structure model' '_citation.pdbx_database_id_PubMed'   
5 2 'Structure model' '_citation.title'                     
6 2 'Structure model' '_citation_author.identifier_ORCID'   
7 2 'Structure model' '_citation_author.name'               
8 3 'Structure model' '_database_2.pdbx_DOI'                
9 3 'Structure model' '_database_2.pdbx_database_accession' 
# 
_pdbx_database_status.status_code                     REL 
_pdbx_database_status.status_code_sf                  REL 
_pdbx_database_status.status_code_mr                  ? 
_pdbx_database_status.entry_id                        6ZIL 
_pdbx_database_status.recvd_initial_deposition_date   2020-06-26 
_pdbx_database_status.SG_entry                        N 
_pdbx_database_status.deposit_site                    PDBE 
_pdbx_database_status.process_site                    PDBE 
_pdbx_database_status.status_code_cs                  ? 
_pdbx_database_status.status_code_nmr_data            ? 
_pdbx_database_status.methods_development_category    ? 
_pdbx_database_status.pdb_format_compatible           Y 
# 
_pdbx_database_related.db_name        PDB 
_pdbx_database_related.details        phosphorylated 
_pdbx_database_related.db_id          6ZII 
_pdbx_database_related.content_type   unspecified 
# 
loop_
_audit_author.name 
_audit_author.pdbx_ordinal 
_audit_author.identifier_ORCID 
'Huesa, J.'  1 0000-0002-4586-051X 
'Marina, A.' 2 0000-0002-1334-5273 
'Casino, P.' 3 0000-0002-2144-188X 
# 
_citation.abstract                  ? 
_citation.abstract_id_CAS           ? 
_citation.book_id_ISBN              ? 
_citation.book_publisher            ? 
_citation.book_publisher_city       ? 
_citation.book_title                ? 
_citation.coordinate_linkage        ? 
_citation.country                   UK 
_citation.database_id_Medline       ? 
_citation.details                   ? 
_citation.id                        primary 
_citation.journal_abbrev            'Nucleic Acids Res.' 
_citation.journal_id_ASTM           NARHAD 
_citation.journal_id_CSD            0389 
_citation.journal_id_ISSN           1362-4962 
_citation.journal_full              ? 
_citation.journal_issue             ? 
_citation.journal_volume            49 
_citation.language                  ? 
_citation.page_first                2357 
_citation.page_last                 2374 
_citation.title                     'Structure-based analyses of Salmonella RcsB variants unravel new features of the Rcs regulon.' 
_citation.year                      2021 
_citation.database_id_CSD           ? 
_citation.pdbx_database_id_DOI      10.1093/nar/gkab060 
_citation.pdbx_database_id_PubMed   33638994 
_citation.unpublished_flag          ? 
# 
loop_
_citation_author.citation_id 
_citation_author.name 
_citation_author.ordinal 
_citation_author.identifier_ORCID 
primary 'Huesa, J.'            1 ? 
primary 'Giner-Lamia, J.'      2 ? 
primary 'Pucciarelli, M.G.'    3 ? 
primary 'Paredes-Martinez, F.' 4 ? 
primary 'Portillo, F.G.'       5 ? 
primary 'Marina, A.'           6 ? 
primary 'Casino, P.'           7 ? 
# 
loop_
_entity.id 
_entity.type 
_entity.src_method 
_entity.pdbx_description 
_entity.formula_weight 
_entity.pdbx_number_of_molecules 
_entity.pdbx_ec 
_entity.pdbx_mutation 
_entity.pdbx_fragment 
_entity.details 
1 polymer man 'Transcriptional regulatory protein RcsB' 15703.307 1 ? ? ? ? 
2 water   nat water                                     18.015    1 ? ? ? ? 
# 
_entity_poly.entity_id                      1 
_entity_poly.type                           'polypeptide(L)' 
_entity_poly.nstd_linkage                   no 
_entity_poly.nstd_monomer                   no 
_entity_poly.pdbx_seq_one_letter_code       
;MNNMNVIIADDHPIVLFGIRKSLEQIEWVNVVGEFEDSTALINNLPKLDAHVLITDLSMPGDKYGDGITLIKYIKRHFPS
LSIIVLTMNNNPAILSAVLDLDIEGIVLKQGAPTDLPKALAALQKGKKFTPESVSRLLEKISA
;
_entity_poly.pdbx_seq_one_letter_code_can   
;MNNMNVIIADDHPIVLFGIRKSLEQIEWVNVVGEFEDSTALINNLPKLDAHVLITDLSMPGDKYGDGITLIKYIKRHFPS
LSIIVLTMNNNPAILSAVLDLDIEGIVLKQGAPTDLPKALAALQKGKKFTPESVSRLLEKISA
;
_entity_poly.pdbx_strand_id                 B 
_entity_poly.pdbx_target_identifier         ? 
# 
_pdbx_entity_nonpoly.entity_id   2 
_pdbx_entity_nonpoly.name        water 
_pdbx_entity_nonpoly.comp_id     HOH 
# 
loop_
_entity_poly_seq.entity_id 
_entity_poly_seq.num 
_entity_poly_seq.mon_id 
_entity_poly_seq.hetero 
1 1   MET n 
1 2   ASN n 
1 3   ASN n 
1 4   MET n 
1 5   ASN n 
1 6   VAL n 
1 7   ILE n 
1 8   ILE n 
1 9   ALA n 
1 10  ASP n 
1 11  ASP n 
1 12  HIS n 
1 13  PRO n 
1 14  ILE n 
1 15  VAL n 
1 16  LEU n 
1 17  PHE n 
1 18  GLY n 
1 19  ILE n 
1 20  ARG n 
1 21  LYS n 
1 22  SER n 
1 23  LEU n 
1 24  GLU n 
1 25  GLN n 
1 26  ILE n 
1 27  GLU n 
1 28  TRP n 
1 29  VAL n 
1 30  ASN n 
1 31  VAL n 
1 32  VAL n 
1 33  GLY n 
1 34  GLU n 
1 35  PHE n 
1 36  GLU n 
1 37  ASP n 
1 38  SER n 
1 39  THR n 
1 40  ALA n 
1 41  LEU n 
1 42  ILE n 
1 43  ASN n 
1 44  ASN n 
1 45  LEU n 
1 46  PRO n 
1 47  LYS n 
1 48  LEU n 
1 49  ASP n 
1 50  ALA n 
1 51  HIS n 
1 52  VAL n 
1 53  LEU n 
1 54  ILE n 
1 55  THR n 
1 56  ASP n 
1 57  LEU n 
1 58  SER n 
1 59  MET n 
1 60  PRO n 
1 61  GLY n 
1 62  ASP n 
1 63  LYS n 
1 64  TYR n 
1 65  GLY n 
1 66  ASP n 
1 67  GLY n 
1 68  ILE n 
1 69  THR n 
1 70  LEU n 
1 71  ILE n 
1 72  LYS n 
1 73  TYR n 
1 74  ILE n 
1 75  LYS n 
1 76  ARG n 
1 77  HIS n 
1 78  PHE n 
1 79  PRO n 
1 80  SER n 
1 81  LEU n 
1 82  SER n 
1 83  ILE n 
1 84  ILE n 
1 85  VAL n 
1 86  LEU n 
1 87  THR n 
1 88  MET n 
1 89  ASN n 
1 90  ASN n 
1 91  ASN n 
1 92  PRO n 
1 93  ALA n 
1 94  ILE n 
1 95  LEU n 
1 96  SER n 
1 97  ALA n 
1 98  VAL n 
1 99  LEU n 
1 100 ASP n 
1 101 LEU n 
1 102 ASP n 
1 103 ILE n 
1 104 GLU n 
1 105 GLY n 
1 106 ILE n 
1 107 VAL n 
1 108 LEU n 
1 109 LYS n 
1 110 GLN n 
1 111 GLY n 
1 112 ALA n 
1 113 PRO n 
1 114 THR n 
1 115 ASP n 
1 116 LEU n 
1 117 PRO n 
1 118 LYS n 
1 119 ALA n 
1 120 LEU n 
1 121 ALA n 
1 122 ALA n 
1 123 LEU n 
1 124 GLN n 
1 125 LYS n 
1 126 GLY n 
1 127 LYS n 
1 128 LYS n 
1 129 PHE n 
1 130 THR n 
1 131 PRO n 
1 132 GLU n 
1 133 SER n 
1 134 VAL n 
1 135 SER n 
1 136 ARG n 
1 137 LEU n 
1 138 LEU n 
1 139 GLU n 
1 140 LYS n 
1 141 ILE n 
1 142 SER n 
1 143 ALA n 
# 
_entity_src_gen.entity_id                          1 
_entity_src_gen.pdbx_src_id                        1 
_entity_src_gen.pdbx_alt_source_flag               sample 
_entity_src_gen.pdbx_seq_type                      'Biological sequence' 
_entity_src_gen.pdbx_beg_seq_num                   1 
_entity_src_gen.pdbx_end_seq_num                   143 
_entity_src_gen.gene_src_common_name               ? 
_entity_src_gen.gene_src_genus                     ? 
_entity_src_gen.pdbx_gene_src_gene                 'rcsB, STM2270' 
_entity_src_gen.gene_src_species                   ? 
_entity_src_gen.gene_src_strain                    'LT2 / SGSC1412 / ATCC 700720' 
_entity_src_gen.gene_src_tissue                    ? 
_entity_src_gen.gene_src_tissue_fraction           ? 
_entity_src_gen.gene_src_details                   ? 
_entity_src_gen.pdbx_gene_src_fragment             ? 
_entity_src_gen.pdbx_gene_src_scientific_name      'Salmonella typhimurium (strain LT2 / SGSC1412 / ATCC 700720)' 
_entity_src_gen.pdbx_gene_src_ncbi_taxonomy_id     99287 
_entity_src_gen.pdbx_gene_src_variant              ? 
_entity_src_gen.pdbx_gene_src_cell_line            ? 
_entity_src_gen.pdbx_gene_src_atcc                 ? 
_entity_src_gen.pdbx_gene_src_organ                ? 
_entity_src_gen.pdbx_gene_src_organelle            ? 
_entity_src_gen.pdbx_gene_src_cell                 ? 
_entity_src_gen.pdbx_gene_src_cellular_location    ? 
_entity_src_gen.host_org_common_name               ? 
_entity_src_gen.pdbx_host_org_scientific_name      'Escherichia coli' 
_entity_src_gen.pdbx_host_org_ncbi_taxonomy_id     562 
_entity_src_gen.host_org_genus                     ? 
_entity_src_gen.pdbx_host_org_gene                 ? 
_entity_src_gen.pdbx_host_org_organ                ? 
_entity_src_gen.host_org_species                   ? 
_entity_src_gen.pdbx_host_org_tissue               ? 
_entity_src_gen.pdbx_host_org_tissue_fraction      ? 
_entity_src_gen.pdbx_host_org_strain               ? 
_entity_src_gen.pdbx_host_org_variant              ? 
_entity_src_gen.pdbx_host_org_cell_line            ? 
_entity_src_gen.pdbx_host_org_atcc                 ? 
_entity_src_gen.pdbx_host_org_culture_collection   ? 
_entity_src_gen.pdbx_host_org_cell                 ? 
_entity_src_gen.pdbx_host_org_organelle            ? 
_entity_src_gen.pdbx_host_org_cellular_location    ? 
_entity_src_gen.pdbx_host_org_vector_type          ? 
_entity_src_gen.pdbx_host_org_vector               ? 
_entity_src_gen.host_org_details                   ? 
_entity_src_gen.expression_system_id               ? 
_entity_src_gen.plasmid_name                       ? 
_entity_src_gen.plasmid_details                    ? 
_entity_src_gen.pdbx_description                   ? 
# 
loop_
_chem_comp.id 
_chem_comp.type 
_chem_comp.mon_nstd_flag 
_chem_comp.name 
_chem_comp.pdbx_synonyms 
_chem_comp.formula 
_chem_comp.formula_weight 
ALA 'L-peptide linking' y ALANINE         ? 'C3 H7 N O2'     89.093  
ARG 'L-peptide linking' y ARGININE        ? 'C6 H15 N4 O2 1' 175.209 
ASN 'L-peptide linking' y ASPARAGINE      ? 'C4 H8 N2 O3'    132.118 
ASP 'L-peptide linking' y 'ASPARTIC ACID' ? 'C4 H7 N O4'     133.103 
GLN 'L-peptide linking' y GLUTAMINE       ? 'C5 H10 N2 O3'   146.144 
GLU 'L-peptide linking' y 'GLUTAMIC ACID' ? 'C5 H9 N O4'     147.129 
GLY 'peptide linking'   y GLYCINE         ? 'C2 H5 N O2'     75.067  
HIS 'L-peptide linking' y HISTIDINE       ? 'C6 H10 N3 O2 1' 156.162 
HOH non-polymer         . WATER           ? 'H2 O'           18.015  
ILE 'L-peptide linking' y ISOLEUCINE      ? 'C6 H13 N O2'    131.173 
LEU 'L-peptide linking' y LEUCINE         ? 'C6 H13 N O2'    131.173 
LYS 'L-peptide linking' y LYSINE          ? 'C6 H15 N2 O2 1' 147.195 
MET 'L-peptide linking' y METHIONINE      ? 'C5 H11 N O2 S'  149.211 
PHE 'L-peptide linking' y PHENYLALANINE   ? 'C9 H11 N O2'    165.189 
PRO 'L-peptide linking' y PROLINE         ? 'C5 H9 N O2'     115.130 
SER 'L-peptide linking' y SERINE          ? 'C3 H7 N O3'     105.093 
THR 'L-peptide linking' y THREONINE       ? 'C4 H9 N O3'     119.119 
TRP 'L-peptide linking' y TRYPTOPHAN      ? 'C11 H12 N2 O2'  204.225 
TYR 'L-peptide linking' y TYROSINE        ? 'C9 H11 N O3'    181.189 
VAL 'L-peptide linking' y VALINE          ? 'C5 H11 N O2'    117.146 
# 
loop_
_pdbx_poly_seq_scheme.asym_id 
_pdbx_poly_seq_scheme.entity_id 
_pdbx_poly_seq_scheme.seq_id 
_pdbx_poly_seq_scheme.mon_id 
_pdbx_poly_seq_scheme.ndb_seq_num 
_pdbx_poly_seq_scheme.pdb_seq_num 
_pdbx_poly_seq_scheme.auth_seq_num 
_pdbx_poly_seq_scheme.pdb_mon_id 
_pdbx_poly_seq_scheme.auth_mon_id 
_pdbx_poly_seq_scheme.pdb_strand_id 
_pdbx_poly_seq_scheme.pdb_ins_code 
_pdbx_poly_seq_scheme.hetero 
A 1 1   MET 1   1   ?   ?   ?   B . n 
A 1 2   ASN 2   2   ?   ?   ?   B . n 
A 1 3   ASN 3   3   3   ASN ALA B . n 
A 1 4   MET 4   4   4   MET MET B . n 
A 1 5   ASN 5   5   5   ASN ASN B . n 
A 1 6   VAL 6   6   6   VAL VAL B . n 
A 1 7   ILE 7   7   7   ILE ILE B . n 
A 1 8   ILE 8   8   8   ILE ILE B . n 
A 1 9   ALA 9   9   9   ALA ALA B . n 
A 1 10  ASP 10  10  10  ASP ASP B . n 
A 1 11  ASP 11  11  11  ASP ASP B . n 
A 1 12  HIS 12  12  12  HIS HIS B . n 
A 1 13  PRO 13  13  13  PRO PRO B . n 
A 1 14  ILE 14  14  14  ILE ILE B . n 
A 1 15  VAL 15  15  15  VAL VAL B . n 
A 1 16  LEU 16  16  16  LEU LEU B . n 
A 1 17  PHE 17  17  17  PHE PHE B . n 
A 1 18  GLY 18  18  18  GLY GLY B . n 
A 1 19  ILE 19  19  19  ILE ILE B . n 
A 1 20  ARG 20  20  20  ARG ARG B . n 
A 1 21  LYS 21  21  21  LYS ALA B . n 
A 1 22  SER 22  22  22  SER SER B . n 
A 1 23  LEU 23  23  23  LEU LEU B . n 
A 1 24  GLU 24  24  24  GLU GLU B . n 
A 1 25  GLN 25  25  25  GLN ALA B . n 
A 1 26  ILE 26  26  26  ILE ILE B . n 
A 1 27  GLU 27  27  27  GLU GLU B . n 
A 1 28  TRP 28  28  28  TRP TRP B . n 
A 1 29  VAL 29  29  29  VAL VAL B . n 
A 1 30  ASN 30  30  30  ASN ALA B . n 
A 1 31  VAL 31  31  31  VAL VAL B . n 
A 1 32  VAL 32  32  32  VAL VAL B . n 
A 1 33  GLY 33  33  33  GLY GLY B . n 
A 1 34  GLU 34  34  34  GLU GLU B . n 
A 1 35  PHE 35  35  35  PHE PHE B . n 
A 1 36  GLU 36  36  36  GLU GLU B . n 
A 1 37  ASP 37  37  37  ASP ASP B . n 
A 1 38  SER 38  38  38  SER SER B . n 
A 1 39  THR 39  39  39  THR THR B . n 
A 1 40  ALA 40  40  40  ALA ALA B . n 
A 1 41  LEU 41  41  41  LEU LEU B . n 
A 1 42  ILE 42  42  42  ILE ILE B . n 
A 1 43  ASN 43  43  43  ASN ASN B . n 
A 1 44  ASN 44  44  44  ASN ASN B . n 
A 1 45  LEU 45  45  45  LEU LEU B . n 
A 1 46  PRO 46  46  46  PRO PRO B . n 
A 1 47  LYS 47  47  47  LYS LYS B . n 
A 1 48  LEU 48  48  48  LEU LEU B . n 
A 1 49  ASP 49  49  49  ASP ASP B . n 
A 1 50  ALA 50  50  50  ALA ALA B . n 
A 1 51  HIS 51  51  51  HIS HIS B . n 
A 1 52  VAL 52  52  52  VAL VAL B . n 
A 1 53  LEU 53  53  53  LEU LEU B . n 
A 1 54  ILE 54  54  54  ILE ILE B . n 
A 1 55  THR 55  55  55  THR THR B . n 
A 1 56  ASP 56  56  56  ASP ASP B . n 
A 1 57  LEU 57  57  57  LEU LEU B . n 
A 1 58  SER 58  58  58  SER ALA B . n 
A 1 59  MET 59  59  59  MET ALA B . n 
A 1 60  PRO 60  60  ?   ?   ?   B . n 
A 1 61  GLY 61  61  ?   ?   ?   B . n 
A 1 62  ASP 62  62  ?   ?   ?   B . n 
A 1 63  LYS 63  63  ?   ?   ?   B . n 
A 1 64  TYR 64  64  ?   ?   ?   B . n 
A 1 65  GLY 65  65  65  GLY GLY B . n 
A 1 66  ASP 66  66  66  ASP ASP B . n 
A 1 67  GLY 67  67  67  GLY GLY B . n 
A 1 68  ILE 68  68  68  ILE ALA B . n 
A 1 69  THR 69  69  69  THR THR B . n 
A 1 70  LEU 70  70  70  LEU LEU B . n 
A 1 71  ILE 71  71  71  ILE ILE B . n 
A 1 72  LYS 72  72  72  LYS ALA B . n 
A 1 73  TYR 73  73  73  TYR TYR B . n 
A 1 74  ILE 74  74  74  ILE ILE B . n 
A 1 75  LYS 75  75  75  LYS LYS B . n 
A 1 76  ARG 76  76  76  ARG ALA B . n 
A 1 77  HIS 77  77  77  HIS HIS B . n 
A 1 78  PHE 78  78  78  PHE PHE B . n 
A 1 79  PRO 79  79  79  PRO PRO B . n 
A 1 80  SER 80  80  80  SER SER B . n 
A 1 81  LEU 81  81  81  LEU LEU B . n 
A 1 82  SER 82  82  82  SER SER B . n 
A 1 83  ILE 83  83  83  ILE ILE B . n 
A 1 84  ILE 84  84  84  ILE ILE B . n 
A 1 85  VAL 85  85  85  VAL VAL B . n 
A 1 86  LEU 86  86  86  LEU LEU B . n 
A 1 87  THR 87  87  87  THR THR B . n 
A 1 88  MET 88  88  88  MET MET B . n 
A 1 89  ASN 89  89  89  ASN ALA B . n 
A 1 90  ASN 90  90  90  ASN ASN B . n 
A 1 91  ASN 91  91  91  ASN ALA B . n 
A 1 92  PRO 92  92  92  PRO PRO B . n 
A 1 93  ALA 93  93  93  ALA ALA B . n 
A 1 94  ILE 94  94  94  ILE ILE B . n 
A 1 95  LEU 95  95  95  LEU LEU B . n 
A 1 96  SER 96  96  96  SER SER B . n 
A 1 97  ALA 97  97  97  ALA ALA B . n 
A 1 98  VAL 98  98  98  VAL VAL B . n 
A 1 99  LEU 99  99  99  LEU LEU B . n 
A 1 100 ASP 100 100 100 ASP ASP B . n 
A 1 101 LEU 101 101 101 LEU LEU B . n 
A 1 102 ASP 102 102 102 ASP ASP B . n 
A 1 103 ILE 103 103 103 ILE ILE B . n 
A 1 104 GLU 104 104 104 GLU ALA B . n 
A 1 105 GLY 105 105 105 GLY GLY B . n 
A 1 106 ILE 106 106 106 ILE ILE B . n 
A 1 107 VAL 107 107 107 VAL ALA B . n 
A 1 108 LEU 108 108 108 LEU LEU B . n 
A 1 109 LYS 109 109 109 LYS LYS B . n 
A 1 110 GLN 110 110 110 GLN GLN B . n 
A 1 111 GLY 111 111 111 GLY GLY B . n 
A 1 112 ALA 112 112 112 ALA ALA B . n 
A 1 113 PRO 113 113 113 PRO PRO B . n 
A 1 114 THR 114 114 114 THR THR B . n 
A 1 115 ASP 115 115 115 ASP ALA B . n 
A 1 116 LEU 116 116 116 LEU LEU B . n 
A 1 117 PRO 117 117 117 PRO PRO B . n 
A 1 118 LYS 118 118 118 LYS LYS B . n 
A 1 119 ALA 119 119 119 ALA ALA B . n 
A 1 120 LEU 120 120 120 LEU LEU B . n 
A 1 121 ALA 121 121 121 ALA ALA B . n 
A 1 122 ALA 122 122 122 ALA ALA B . n 
A 1 123 LEU 123 123 123 LEU LEU B . n 
A 1 124 GLN 124 124 124 GLN GLN B . n 
A 1 125 LYS 125 125 125 LYS LYS B . n 
A 1 126 GLY 126 126 126 GLY GLY B . n 
A 1 127 LYS 127 127 127 LYS ALA B . n 
A 1 128 LYS 128 128 128 LYS LYS B . n 
A 1 129 PHE 129 129 129 PHE PHE B . n 
A 1 130 THR 130 130 130 THR THR B . n 
A 1 131 PRO 131 131 131 PRO PRO B . n 
A 1 132 GLU 132 132 132 GLU ALA B . n 
A 1 133 SER 133 133 133 SER ALA B . n 
A 1 134 VAL 134 134 134 VAL VAL B . n 
A 1 135 SER 135 135 135 SER ALA B . n 
A 1 136 ARG 136 136 136 ARG ALA B . n 
A 1 137 LEU 137 137 137 LEU ALA B . n 
A 1 138 LEU 138 138 138 LEU LEU B . n 
A 1 139 GLU 139 139 139 GLU ALA B . n 
A 1 140 LYS 140 140 140 LYS ALA B . n 
A 1 141 ILE 141 141 ?   ?   ?   B . n 
A 1 142 SER 142 142 ?   ?   ?   B . n 
A 1 143 ALA 143 143 ?   ?   ?   B . n 
# 
_pdbx_nonpoly_scheme.asym_id         B 
_pdbx_nonpoly_scheme.entity_id       2 
_pdbx_nonpoly_scheme.mon_id          HOH 
_pdbx_nonpoly_scheme.ndb_seq_num     1 
_pdbx_nonpoly_scheme.pdb_seq_num     201 
_pdbx_nonpoly_scheme.auth_seq_num    1 
_pdbx_nonpoly_scheme.pdb_mon_id      HOH 
_pdbx_nonpoly_scheme.auth_mon_id     HOH 
_pdbx_nonpoly_scheme.pdb_strand_id   B 
_pdbx_nonpoly_scheme.pdb_ins_code    . 
# 
loop_
_pdbx_unobs_or_zero_occ_atoms.id 
_pdbx_unobs_or_zero_occ_atoms.PDB_model_num 
_pdbx_unobs_or_zero_occ_atoms.polymer_flag 
_pdbx_unobs_or_zero_occ_atoms.occupancy_flag 
_pdbx_unobs_or_zero_occ_atoms.auth_asym_id 
_pdbx_unobs_or_zero_occ_atoms.auth_comp_id 
_pdbx_unobs_or_zero_occ_atoms.auth_seq_id 
_pdbx_unobs_or_zero_occ_atoms.PDB_ins_code 
_pdbx_unobs_or_zero_occ_atoms.auth_atom_id 
_pdbx_unobs_or_zero_occ_atoms.label_alt_id 
_pdbx_unobs_or_zero_occ_atoms.label_asym_id 
_pdbx_unobs_or_zero_occ_atoms.label_comp_id 
_pdbx_unobs_or_zero_occ_atoms.label_seq_id 
_pdbx_unobs_or_zero_occ_atoms.label_atom_id 
1  1 Y 1 B ASN 3   ? CG  ? A ASN 3   CG  
2  1 Y 1 B ASN 3   ? OD1 ? A ASN 3   OD1 
3  1 Y 1 B ASN 3   ? ND2 ? A ASN 3   ND2 
4  1 Y 1 B LYS 21  ? CG  ? A LYS 21  CG  
5  1 Y 1 B LYS 21  ? CD  ? A LYS 21  CD  
6  1 Y 1 B LYS 21  ? CE  ? A LYS 21  CE  
7  1 Y 1 B LYS 21  ? NZ  ? A LYS 21  NZ  
8  1 Y 1 B GLN 25  ? CG  ? A GLN 25  CG  
9  1 Y 1 B GLN 25  ? CD  ? A GLN 25  CD  
10 1 Y 1 B GLN 25  ? OE1 ? A GLN 25  OE1 
11 1 Y 1 B GLN 25  ? NE2 ? A GLN 25  NE2 
12 1 Y 1 B ASN 30  ? CG  ? A ASN 30  CG  
13 1 Y 1 B ASN 30  ? OD1 ? A ASN 30  OD1 
14 1 Y 1 B ASN 30  ? ND2 ? A ASN 30  ND2 
15 1 Y 1 B SER 58  ? OG  ? A SER 58  OG  
16 1 Y 1 B MET 59  ? CG  ? A MET 59  CG  
17 1 Y 1 B MET 59  ? SD  ? A MET 59  SD  
18 1 Y 1 B MET 59  ? CE  ? A MET 59  CE  
19 1 Y 1 B ILE 68  ? CG1 ? A ILE 68  CG1 
20 1 Y 1 B ILE 68  ? CG2 ? A ILE 68  CG2 
21 1 Y 1 B ILE 68  ? CD1 ? A ILE 68  CD1 
22 1 Y 1 B LYS 72  ? CG  ? A LYS 72  CG  
23 1 Y 1 B LYS 72  ? CD  ? A LYS 72  CD  
24 1 Y 1 B LYS 72  ? CE  ? A LYS 72  CE  
25 1 Y 1 B LYS 72  ? NZ  ? A LYS 72  NZ  
26 1 Y 1 B ARG 76  ? CG  ? A ARG 76  CG  
27 1 Y 1 B ARG 76  ? CD  ? A ARG 76  CD  
28 1 Y 1 B ARG 76  ? NE  ? A ARG 76  NE  
29 1 Y 1 B ARG 76  ? CZ  ? A ARG 76  CZ  
30 1 Y 1 B ARG 76  ? NH1 ? A ARG 76  NH1 
31 1 Y 1 B ARG 76  ? NH2 ? A ARG 76  NH2 
32 1 Y 1 B ASN 89  ? CG  ? A ASN 89  CG  
33 1 Y 1 B ASN 89  ? OD1 ? A ASN 89  OD1 
34 1 Y 1 B ASN 89  ? ND2 ? A ASN 89  ND2 
35 1 Y 1 B ASN 91  ? CG  ? A ASN 91  CG  
36 1 Y 1 B ASN 91  ? OD1 ? A ASN 91  OD1 
37 1 Y 1 B ASN 91  ? ND2 ? A ASN 91  ND2 
38 1 Y 1 B GLU 104 ? CG  ? A GLU 104 CG  
39 1 Y 1 B GLU 104 ? CD  ? A GLU 104 CD  
40 1 Y 1 B GLU 104 ? OE1 ? A GLU 104 OE1 
41 1 Y 1 B GLU 104 ? OE2 ? A GLU 104 OE2 
42 1 Y 1 B VAL 107 ? CG1 ? A VAL 107 CG1 
43 1 Y 1 B VAL 107 ? CG2 ? A VAL 107 CG2 
44 1 Y 1 B ASP 115 ? CG  ? A ASP 115 CG  
45 1 Y 1 B ASP 115 ? OD1 ? A ASP 115 OD1 
46 1 Y 1 B ASP 115 ? OD2 ? A ASP 115 OD2 
47 1 Y 1 B LYS 127 ? CG  ? A LYS 127 CG  
48 1 Y 1 B LYS 127 ? CD  ? A LYS 127 CD  
49 1 Y 1 B LYS 127 ? CE  ? A LYS 127 CE  
50 1 Y 1 B LYS 127 ? NZ  ? A LYS 127 NZ  
51 1 Y 1 B GLU 132 ? CG  ? A GLU 132 CG  
52 1 Y 1 B GLU 132 ? CD  ? A GLU 132 CD  
53 1 Y 1 B GLU 132 ? OE1 ? A GLU 132 OE1 
54 1 Y 1 B GLU 132 ? OE2 ? A GLU 132 OE2 
55 1 Y 1 B SER 133 ? OG  ? A SER 133 OG  
56 1 Y 1 B SER 135 ? OG  ? A SER 135 OG  
57 1 Y 1 B ARG 136 ? CG  ? A ARG 136 CG  
58 1 Y 1 B ARG 136 ? CD  ? A ARG 136 CD  
59 1 Y 1 B ARG 136 ? NE  ? A ARG 136 NE  
60 1 Y 1 B ARG 136 ? CZ  ? A ARG 136 CZ  
61 1 Y 1 B ARG 136 ? NH1 ? A ARG 136 NH1 
62 1 Y 1 B ARG 136 ? NH2 ? A ARG 136 NH2 
63 1 Y 1 B LEU 137 ? CG  ? A LEU 137 CG  
64 1 Y 1 B LEU 137 ? CD1 ? A LEU 137 CD1 
65 1 Y 1 B LEU 137 ? CD2 ? A LEU 137 CD2 
66 1 Y 1 B GLU 139 ? CG  ? A GLU 139 CG  
67 1 Y 1 B GLU 139 ? CD  ? A GLU 139 CD  
68 1 Y 1 B GLU 139 ? OE1 ? A GLU 139 OE1 
69 1 Y 1 B GLU 139 ? OE2 ? A GLU 139 OE2 
70 1 Y 1 B LYS 140 ? CG  ? A LYS 140 CG  
71 1 Y 1 B LYS 140 ? CD  ? A LYS 140 CD  
72 1 Y 1 B LYS 140 ? CE  ? A LYS 140 CE  
73 1 Y 1 B LYS 140 ? NZ  ? A LYS 140 NZ  
# 
loop_
_software.citation_id 
_software.classification 
_software.compiler_name 
_software.compiler_version 
_software.contact_author 
_software.contact_author_email 
_software.date 
_software.description 
_software.dependencies 
_software.hardware 
_software.language 
_software.location 
_software.mods 
_software.name 
_software.os 
_software.os_version 
_software.type 
_software.version 
_software.pdbx_ordinal 
? 'data scaling'    ? ? ? ? ? ? ? ? ? ? ? Aimless     ? ? ? 0.2.8    1 
? refinement        ? ? ? ? ? ? ? ? ? ? ? REFMAC      ? ? ? 5.8.0135 2 
? 'data extraction' ? ? ? ? ? ? ? ? ? ? ? PDB_EXTRACT ? ? ? 3.25     3 
? 'data reduction'  ? ? ? ? ? ? ? ? ? ? ? XDS         ? ? ? .        4 
? phasing           ? ? ? ? ? ? ? ? ? ? ? PHASER      ? ? ? .        5 
# 
_cell.angle_alpha                  90.000 
_cell.angle_alpha_esd              ? 
_cell.angle_beta                   90.000 
_cell.angle_beta_esd               ? 
_cell.angle_gamma                  90.000 
_cell.angle_gamma_esd              ? 
_cell.entry_id                     6ZIL 
_cell.details                      ? 
_cell.formula_units_Z              ? 
_cell.length_a                     148.136 
_cell.length_a_esd                 ? 
_cell.length_b                     148.136 
_cell.length_b_esd                 ? 
_cell.length_c                     148.136 
_cell.length_c_esd                 ? 
_cell.volume                       ? 
_cell.volume_esd                   ? 
_cell.Z_PDB                        48 
_cell.reciprocal_angle_alpha       ? 
_cell.reciprocal_angle_beta        ? 
_cell.reciprocal_angle_gamma       ? 
_cell.reciprocal_angle_alpha_esd   ? 
_cell.reciprocal_angle_beta_esd    ? 
_cell.reciprocal_angle_gamma_esd   ? 
_cell.reciprocal_length_a          ? 
_cell.reciprocal_length_b          ? 
_cell.reciprocal_length_c          ? 
_cell.reciprocal_length_a_esd      ? 
_cell.reciprocal_length_b_esd      ? 
_cell.reciprocal_length_c_esd      ? 
_cell.pdbx_unique_axis             ? 
# 
_symmetry.entry_id                         6ZIL 
_symmetry.cell_setting                     ? 
_symmetry.Int_Tables_number                214 
_symmetry.space_group_name_Hall            ? 
_symmetry.space_group_name_H-M             'I 41 3 2' 
_symmetry.pdbx_full_space_group_name_H-M   ? 
# 
_exptl.absorpt_coefficient_mu     ? 
_exptl.absorpt_correction_T_max   ? 
_exptl.absorpt_correction_T_min   ? 
_exptl.absorpt_correction_type    ? 
_exptl.absorpt_process_details    ? 
_exptl.entry_id                   6ZIL 
_exptl.crystals_number            1 
_exptl.details                    ? 
_exptl.method                     'X-RAY DIFFRACTION' 
_exptl.method_details             ? 
# 
_exptl_crystal.colour                      ? 
_exptl_crystal.density_diffrn              ? 
_exptl_crystal.density_Matthews            4.31 
_exptl_crystal.density_method              ? 
_exptl_crystal.density_percent_sol         71.48 
_exptl_crystal.description                 ? 
_exptl_crystal.F_000                       ? 
_exptl_crystal.id                          1 
_exptl_crystal.preparation                 ? 
_exptl_crystal.size_max                    ? 
_exptl_crystal.size_mid                    ? 
_exptl_crystal.size_min                    ? 
_exptl_crystal.size_rad                    ? 
_exptl_crystal.colour_lustre               ? 
_exptl_crystal.colour_modifier             ? 
_exptl_crystal.colour_primary              ? 
_exptl_crystal.density_meas                ? 
_exptl_crystal.density_meas_esd            ? 
_exptl_crystal.density_meas_gt             ? 
_exptl_crystal.density_meas_lt             ? 
_exptl_crystal.density_meas_temp           ? 
_exptl_crystal.density_meas_temp_esd       ? 
_exptl_crystal.density_meas_temp_gt        ? 
_exptl_crystal.density_meas_temp_lt        ? 
_exptl_crystal.pdbx_crystal_image_url      ? 
_exptl_crystal.pdbx_crystal_image_format   ? 
_exptl_crystal.pdbx_mosaicity              ? 
_exptl_crystal.pdbx_mosaicity_esd          ? 
# 
_exptl_crystal_grow.apparatus       ? 
_exptl_crystal_grow.atmosphere      ? 
_exptl_crystal_grow.crystal_id      1 
_exptl_crystal_grow.details         ? 
_exptl_crystal_grow.method          'VAPOR DIFFUSION, SITTING DROP' 
_exptl_crystal_grow.method_ref      ? 
_exptl_crystal_grow.pH              ? 
_exptl_crystal_grow.pressure        ? 
_exptl_crystal_grow.pressure_esd    ? 
_exptl_crystal_grow.seeding         ? 
_exptl_crystal_grow.seeding_ref     ? 
_exptl_crystal_grow.temp            294 
_exptl_crystal_grow.temp_details    ? 
_exptl_crystal_grow.temp_esd        ? 
_exptl_crystal_grow.time            ? 
_exptl_crystal_grow.pdbx_details    '1.6M Tartrate, 0.1 M Hepes pH 7.5 and glucose 2.85%' 
_exptl_crystal_grow.pdbx_pH_range   ? 
# 
_diffrn.ambient_environment              ? 
_diffrn.ambient_temp                     100 
_diffrn.ambient_temp_details             ? 
_diffrn.ambient_temp_esd                 ? 
_diffrn.crystal_id                       1 
_diffrn.crystal_support                  ? 
_diffrn.crystal_treatment                ? 
_diffrn.details                          ? 
_diffrn.id                               1 
_diffrn.ambient_pressure                 ? 
_diffrn.ambient_pressure_esd             ? 
_diffrn.ambient_pressure_gt              ? 
_diffrn.ambient_pressure_lt              ? 
_diffrn.ambient_temp_gt                  ? 
_diffrn.ambient_temp_lt                  ? 
_diffrn.pdbx_serial_crystal_experiment   N 
# 
_diffrn_detector.details                      ? 
_diffrn_detector.detector                     PIXEL 
_diffrn_detector.diffrn_id                    1 
_diffrn_detector.type                         'DECTRIS PILATUS3 S 6M' 
_diffrn_detector.area_resol_mean              ? 
_diffrn_detector.dtime                        ? 
_diffrn_detector.pdbx_frames_total            ? 
_diffrn_detector.pdbx_collection_time_total   ? 
_diffrn_detector.pdbx_collection_date         2018-06-03 
_diffrn_detector.pdbx_frequency               ? 
# 
_diffrn_radiation.collimation                      ? 
_diffrn_radiation.diffrn_id                        1 
_diffrn_radiation.filter_edge                      ? 
_diffrn_radiation.inhomogeneity                    ? 
_diffrn_radiation.monochromator                    ? 
_diffrn_radiation.polarisn_norm                    ? 
_diffrn_radiation.polarisn_ratio                   ? 
_diffrn_radiation.probe                            ? 
_diffrn_radiation.type                             ? 
_diffrn_radiation.xray_symbol                      ? 
_diffrn_radiation.wavelength_id                    1 
_diffrn_radiation.pdbx_monochromatic_or_laue_m_l   M 
_diffrn_radiation.pdbx_wavelength_list             ? 
_diffrn_radiation.pdbx_wavelength                  ? 
_diffrn_radiation.pdbx_diffrn_protocol             'SINGLE WAVELENGTH' 
_diffrn_radiation.pdbx_analyzer                    ? 
_diffrn_radiation.pdbx_scattering_type             x-ray 
# 
_diffrn_radiation_wavelength.id           1 
_diffrn_radiation_wavelength.wavelength   0.97949 
_diffrn_radiation_wavelength.wt           1.0 
# 
_diffrn_source.current                     ? 
_diffrn_source.details                     ? 
_diffrn_source.diffrn_id                   1 
_diffrn_source.power                       ? 
_diffrn_source.size                        ? 
_diffrn_source.source                      SYNCHROTRON 
_diffrn_source.target                      ? 
_diffrn_source.type                        'ALBA BEAMLINE XALOC' 
_diffrn_source.voltage                     ? 
_diffrn_source.take-off_angle              ? 
_diffrn_source.pdbx_wavelength_list        0.97949 
_diffrn_source.pdbx_wavelength             ? 
_diffrn_source.pdbx_synchrotron_beamline   XALOC 
_diffrn_source.pdbx_synchrotron_site       ALBA 
# 
_reflns.B_iso_Wilson_estimate            ? 
_reflns.entry_id                         6ZIL 
_reflns.data_reduction_details           ? 
_reflns.data_reduction_method            ? 
_reflns.d_resolution_high                3.120 
_reflns.d_resolution_low                 104.750 
_reflns.details                          ? 
_reflns.limit_h_max                      ? 
_reflns.limit_h_min                      ? 
_reflns.limit_k_max                      ? 
_reflns.limit_k_min                      ? 
_reflns.limit_l_max                      ? 
_reflns.limit_l_min                      ? 
_reflns.number_all                       ? 
_reflns.number_obs                       5069 
_reflns.observed_criterion               ? 
_reflns.observed_criterion_F_max         ? 
_reflns.observed_criterion_F_min         ? 
_reflns.observed_criterion_I_max         ? 
_reflns.observed_criterion_I_min         ? 
_reflns.observed_criterion_sigma_F       ? 
_reflns.observed_criterion_sigma_I       ? 
_reflns.percent_possible_obs             96.800 
_reflns.R_free_details                   ? 
_reflns.Rmerge_F_all                     ? 
_reflns.Rmerge_F_obs                     ? 
_reflns.Friedel_coverage                 ? 
_reflns.number_gt                        ? 
_reflns.threshold_expression             ? 
_reflns.pdbx_redundancy                  34.900 
_reflns.pdbx_Rmerge_I_obs                0.051 
_reflns.pdbx_Rmerge_I_all                ? 
_reflns.pdbx_Rsym_value                  ? 
_reflns.pdbx_netI_over_av_sigmaI         ? 
_reflns.pdbx_netI_over_sigmaI            36.700 
_reflns.pdbx_res_netI_over_av_sigmaI_2   ? 
_reflns.pdbx_res_netI_over_sigmaI_2      ? 
_reflns.pdbx_chi_squared                 ? 
_reflns.pdbx_scaling_rejects             35 
_reflns.pdbx_d_res_high_opt              ? 
_reflns.pdbx_d_res_low_opt               ? 
_reflns.pdbx_d_res_opt_method            ? 
_reflns.phase_calculation_details        ? 
_reflns.pdbx_Rrim_I_all                  0.052 
_reflns.pdbx_Rpim_I_all                  0.009 
_reflns.pdbx_d_opt                       ? 
_reflns.pdbx_number_measured_all         176922 
_reflns.pdbx_diffrn_id                   1 
_reflns.pdbx_ordinal                     1 
_reflns.pdbx_CC_half                     0.998 
_reflns.pdbx_CC_star                     ? 
_reflns.pdbx_R_split                     ? 
# 
loop_
_reflns_shell.d_res_high 
_reflns_shell.d_res_low 
_reflns_shell.meanI_over_sigI_all 
_reflns_shell.meanI_over_sigI_obs 
_reflns_shell.number_measured_all 
_reflns_shell.number_measured_obs 
_reflns_shell.number_possible 
_reflns_shell.number_unique_all 
_reflns_shell.number_unique_obs 
_reflns_shell.percent_possible_all 
_reflns_shell.percent_possible_obs 
_reflns_shell.Rmerge_F_all 
_reflns_shell.Rmerge_F_obs 
_reflns_shell.Rmerge_I_all 
_reflns_shell.Rmerge_I_obs 
_reflns_shell.meanI_over_sigI_gt 
_reflns_shell.meanI_over_uI_all 
_reflns_shell.meanI_over_uI_gt 
_reflns_shell.number_measured_gt 
_reflns_shell.number_unique_gt 
_reflns_shell.percent_possible_gt 
_reflns_shell.Rmerge_F_gt 
_reflns_shell.Rmerge_I_gt 
_reflns_shell.pdbx_redundancy 
_reflns_shell.pdbx_Rsym_value 
_reflns_shell.pdbx_chi_squared 
_reflns_shell.pdbx_netI_over_sigmaI_all 
_reflns_shell.pdbx_netI_over_sigmaI_obs 
_reflns_shell.pdbx_Rrim_I_all 
_reflns_shell.pdbx_Rpim_I_all 
_reflns_shell.pdbx_rejects 
_reflns_shell.pdbx_ordinal 
_reflns_shell.pdbx_diffrn_id 
_reflns_shell.pdbx_CC_half 
_reflns_shell.pdbx_CC_star 
_reflns_shell.pdbx_R_split 
3.120 3.420   ? ? 44893 ? ? ? 1213 100.000 ? ? ? ? 2.447 ? ? ? ? ? ? ? ? 37.000 ? ? ? 2.200   2.481 0.405 ? 1 1 0.815 ? ? 
7.640 104.750 ? ? 12780 ? ? ? 416  100.000 ? ? ? ? 0.024 ? ? ? ? ? ? ? ? 30.700 ? ? ? 132.300 0.024 0.005 ? 2 1 0.997 ? ? 
# 
_refine.aniso_B[1][1]                            0.0000 
_refine.aniso_B[1][2]                            0.0000 
_refine.aniso_B[1][3]                            0.0000 
_refine.aniso_B[2][2]                            0.0000 
_refine.aniso_B[2][3]                            0.0000 
_refine.aniso_B[3][3]                            0.0000 
_refine.B_iso_max                                221.910 
_refine.B_iso_mean                               165.0560 
_refine.B_iso_min                                116.720 
_refine.correlation_coeff_Fo_to_Fc               0.9570 
_refine.correlation_coeff_Fo_to_Fc_free          0.9320 
_refine.details                                  
'HYDROGENS HAVE BEEN ADDED IN THE RIDING POSITIONS U VALUES      : REFINED INDIVIDUALLY' 
_refine.diff_density_max                         ? 
_refine.diff_density_max_esd                     ? 
_refine.diff_density_min                         ? 
_refine.diff_density_min_esd                     ? 
_refine.diff_density_rms                         ? 
_refine.diff_density_rms_esd                     ? 
_refine.entry_id                                 6ZIL 
_refine.pdbx_refine_id                           'X-RAY DIFFRACTION' 
_refine.ls_abs_structure_details                 ? 
_refine.ls_abs_structure_Flack                   ? 
_refine.ls_abs_structure_Flack_esd               ? 
_refine.ls_abs_structure_Rogers                  ? 
_refine.ls_abs_structure_Rogers_esd              ? 
_refine.ls_d_res_high                            3.1200 
_refine.ls_d_res_low                             104.7500 
_refine.ls_extinction_coef                       ? 
_refine.ls_extinction_coef_esd                   ? 
_refine.ls_extinction_expression                 ? 
_refine.ls_extinction_method                     ? 
_refine.ls_goodness_of_fit_all                   ? 
_refine.ls_goodness_of_fit_all_esd               ? 
_refine.ls_goodness_of_fit_obs                   ? 
_refine.ls_goodness_of_fit_obs_esd               ? 
_refine.ls_hydrogen_treatment                    ? 
_refine.ls_matrix_type                           ? 
_refine.ls_number_constraints                    ? 
_refine.ls_number_parameters                     ? 
_refine.ls_number_reflns_all                     ? 
_refine.ls_number_reflns_obs                     4534 
_refine.ls_number_reflns_R_free                  496 
_refine.ls_number_reflns_R_work                  ? 
_refine.ls_number_restraints                     ? 
_refine.ls_percent_reflns_obs                    96.3000 
_refine.ls_percent_reflns_R_free                 9.9000 
_refine.ls_R_factor_all                          ? 
_refine.ls_R_factor_obs                          0.2599 
_refine.ls_R_factor_R_free                       0.3018 
_refine.ls_R_factor_R_free_error                 ? 
_refine.ls_R_factor_R_free_error_details         ? 
_refine.ls_R_factor_R_work                       0.2558 
_refine.ls_R_Fsqd_factor_obs                     ? 
_refine.ls_R_I_factor_obs                        ? 
_refine.ls_redundancy_reflns_all                 ? 
_refine.ls_redundancy_reflns_obs                 ? 
_refine.ls_restrained_S_all                      ? 
_refine.ls_restrained_S_obs                      ? 
_refine.ls_shift_over_esd_max                    ? 
_refine.ls_shift_over_esd_mean                   ? 
_refine.ls_structure_factor_coef                 ? 
_refine.ls_weighting_details                     ? 
_refine.ls_weighting_scheme                      ? 
_refine.ls_wR_factor_all                         ? 
_refine.ls_wR_factor_obs                         ? 
_refine.ls_wR_factor_R_free                      ? 
_refine.ls_wR_factor_R_work                      ? 
_refine.occupancy_max                            ? 
_refine.occupancy_min                            ? 
_refine.solvent_model_details                    MASK 
_refine.solvent_model_param_bsol                 ? 
_refine.solvent_model_param_ksol                 ? 
_refine.pdbx_R_complete                          ? 
_refine.ls_R_factor_gt                           ? 
_refine.ls_goodness_of_fit_gt                    ? 
_refine.ls_goodness_of_fit_ref                   ? 
_refine.ls_shift_over_su_max                     ? 
_refine.ls_shift_over_su_max_lt                  ? 
_refine.ls_shift_over_su_mean                    ? 
_refine.ls_shift_over_su_mean_lt                 ? 
_refine.pdbx_ls_sigma_I                          ? 
_refine.pdbx_ls_sigma_F                          0.000 
_refine.pdbx_ls_sigma_Fsqd                       ? 
_refine.pdbx_data_cutoff_high_absF               ? 
_refine.pdbx_data_cutoff_high_rms_absF           ? 
_refine.pdbx_data_cutoff_low_absF                ? 
_refine.pdbx_isotropic_thermal_model             ? 
_refine.pdbx_ls_cross_valid_method               THROUGHOUT 
_refine.pdbx_method_to_determine_struct          'MOLECULAR REPLACEMENT' 
_refine.pdbx_starting_model                      5O8Z 
_refine.pdbx_stereochemistry_target_values       'MAXIMUM LIKELIHOOD' 
_refine.pdbx_R_Free_selection_details            RANDOM 
_refine.pdbx_stereochem_target_val_spec_case     ? 
_refine.pdbx_overall_ESU_R                       0.9680 
_refine.pdbx_overall_ESU_R_Free                  0.4530 
_refine.pdbx_solvent_vdw_probe_radii             1.2000 
_refine.pdbx_solvent_ion_probe_radii             0.8000 
_refine.pdbx_solvent_shrinkage_radii             0.8000 
_refine.pdbx_real_space_R                        ? 
_refine.pdbx_density_correlation                 ? 
_refine.pdbx_pd_number_of_powder_patterns        ? 
_refine.pdbx_pd_number_of_points                 ? 
_refine.pdbx_pd_meas_number_of_points            ? 
_refine.pdbx_pd_proc_ls_prof_R_factor            ? 
_refine.pdbx_pd_proc_ls_prof_wR_factor           ? 
_refine.pdbx_pd_Marquardt_correlation_coeff      ? 
_refine.pdbx_pd_Fsqrd_R_factor                   ? 
_refine.pdbx_pd_ls_matrix_band_width             ? 
_refine.pdbx_overall_phase_error                 ? 
_refine.pdbx_overall_SU_R_free_Cruickshank_DPI   ? 
_refine.pdbx_overall_SU_R_free_Blow_DPI          ? 
_refine.pdbx_overall_SU_R_Blow_DPI               ? 
_refine.pdbx_TLS_residual_ADP_flag               ? 
_refine.pdbx_diffrn_id                           1 
_refine.overall_SU_B                             22.6540 
_refine.overall_SU_ML                            0.3870 
_refine.overall_SU_R_Cruickshank_DPI             ? 
_refine.overall_SU_R_free                        ? 
_refine.overall_FOM_free_R_set                   ? 
_refine.overall_FOM_work_R_set                   ? 
_refine.pdbx_average_fsc_overall                 ? 
_refine.pdbx_average_fsc_work                    ? 
_refine.pdbx_average_fsc_free                    ? 
# 
_refine_hist.pdbx_refine_id                   'X-RAY DIFFRACTION' 
_refine_hist.cycle_id                         final 
_refine_hist.details                          ? 
_refine_hist.d_res_high                       3.1200 
_refine_hist.d_res_low                        104.7500 
_refine_hist.number_atoms_solvent             1 
_refine_hist.number_atoms_total               955 
_refine_hist.number_reflns_all                ? 
_refine_hist.number_reflns_obs                ? 
_refine_hist.number_reflns_R_free             ? 
_refine_hist.number_reflns_R_work             ? 
_refine_hist.R_factor_all                     ? 
_refine_hist.R_factor_obs                     ? 
_refine_hist.R_factor_R_free                  ? 
_refine_hist.R_factor_R_work                  ? 
_refine_hist.pdbx_number_residues_total       133 
_refine_hist.pdbx_B_iso_mean_ligand           ? 
_refine_hist.pdbx_B_iso_mean_solvent          143.22 
_refine_hist.pdbx_number_atoms_protein        954 
_refine_hist.pdbx_number_atoms_nucleic_acid   0 
_refine_hist.pdbx_number_atoms_ligand         0 
_refine_hist.pdbx_number_atoms_lipid          ? 
_refine_hist.pdbx_number_atoms_carb           ? 
_refine_hist.pdbx_pseudo_atom_details         ? 
# 
loop_
_refine_ls_restr.pdbx_refine_id 
_refine_ls_restr.criterion 
_refine_ls_restr.dev_ideal 
_refine_ls_restr.dev_ideal_target 
_refine_ls_restr.number 
_refine_ls_restr.rejects 
_refine_ls_restr.type 
_refine_ls_restr.weight 
_refine_ls_restr.pdbx_restraint_function 
'X-RAY DIFFRACTION' ? 0.007  0.019  969  ? r_bond_refined_d       ? ? 
'X-RAY DIFFRACTION' ? 0.002  0.020  999  ? r_bond_other_d         ? ? 
'X-RAY DIFFRACTION' ? 1.088  1.984  1326 ? r_angle_refined_deg    ? ? 
'X-RAY DIFFRACTION' ? 0.859  3.000  2291 ? r_angle_other_deg      ? ? 
'X-RAY DIFFRACTION' ? 6.075  5.000  131  ? r_dihedral_angle_1_deg ? ? 
'X-RAY DIFFRACTION' ? 38.547 26.071 28   ? r_dihedral_angle_2_deg ? ? 
'X-RAY DIFFRACTION' ? 15.285 15.000 150  ? r_dihedral_angle_3_deg ? ? 
'X-RAY DIFFRACTION' ? 23.576 15.000 1    ? r_dihedral_angle_4_deg ? ? 
'X-RAY DIFFRACTION' ? 0.057  0.200  173  ? r_chiral_restr         ? ? 
'X-RAY DIFFRACTION' ? 0.005  0.021  1077 ? r_gen_planes_refined   ? ? 
'X-RAY DIFFRACTION' ? 0.001  0.020  182  ? r_gen_planes_other     ? ? 
# 
_refine_ls_shell.pdbx_refine_id                   'X-RAY DIFFRACTION' 
_refine_ls_shell.d_res_high                       3.1200 
_refine_ls_shell.d_res_low                        3.2010 
_refine_ls_shell.number_reflns_all                385 
_refine_ls_shell.number_reflns_obs                ? 
_refine_ls_shell.number_reflns_R_free             37 
_refine_ls_shell.number_reflns_R_work             348 
_refine_ls_shell.percent_reflns_obs               99.4800 
_refine_ls_shell.percent_reflns_R_free            ? 
_refine_ls_shell.R_factor_all                     ? 
_refine_ls_shell.R_factor_obs                     ? 
_refine_ls_shell.R_factor_R_free                  0.3750 
_refine_ls_shell.R_factor_R_free_error            0.0000 
_refine_ls_shell.R_factor_R_work                  0.3940 
_refine_ls_shell.redundancy_reflns_all            ? 
_refine_ls_shell.redundancy_reflns_obs            ? 
_refine_ls_shell.wR_factor_all                    ? 
_refine_ls_shell.wR_factor_obs                    ? 
_refine_ls_shell.wR_factor_R_free                 ? 
_refine_ls_shell.wR_factor_R_work                 ? 
_refine_ls_shell.pdbx_R_complete                  ? 
_refine_ls_shell.pdbx_total_number_of_bins_used   20 
_refine_ls_shell.pdbx_phase_error                 ? 
_refine_ls_shell.pdbx_fsc_work                    ? 
_refine_ls_shell.pdbx_fsc_free                    ? 
# 
_struct.entry_id                     6ZIL 
_struct.title                        
'Structure of the isolated REC domain of RcsB from Salmonella enterica serovar Typhimurium in the apo form' 
_struct.pdbx_model_details           ? 
_struct.pdbx_formula_weight          ? 
_struct.pdbx_formula_weight_method   ? 
_struct.pdbx_model_type_details      ? 
_struct.pdbx_CASP_flag               N 
# 
_struct_keywords.entry_id        6ZIL 
_struct_keywords.text            
'response regulator, phosphorylation, two-component systems, transcriptional factor, DNA BINDING PROTEIN' 
_struct_keywords.pdbx_keywords   'DNA BINDING PROTEIN' 
# 
loop_
_struct_asym.id 
_struct_asym.pdbx_blank_PDB_chainid_flag 
_struct_asym.pdbx_modified 
_struct_asym.entity_id 
_struct_asym.details 
A N N 1 ? 
B N N 2 ? 
# 
_struct_ref.id                         1 
_struct_ref.db_name                    UNP 
_struct_ref.db_code                    RCSB_SALTY 
_struct_ref.pdbx_db_accession          P58663 
_struct_ref.pdbx_db_isoform            ? 
_struct_ref.entity_id                  1 
_struct_ref.pdbx_seq_one_letter_code   
;MNNMNVIIADDHPIVLFGIRKSLEQIEWVNVVGEFEDSTALINNLPKLDAHVLITDLSMPGDKYGDGITLIKYIKRHFPS
LSIIVLTMNNNPAILSAVLDLDIEGIVLKQGAPTDLPKALAALQKGKKFTPESVSRLLEKISA
;
_struct_ref.pdbx_align_begin           1 
# 
_struct_ref_seq.align_id                      1 
_struct_ref_seq.ref_id                        1 
_struct_ref_seq.pdbx_PDB_id_code              6ZIL 
_struct_ref_seq.pdbx_strand_id                B 
_struct_ref_seq.seq_align_beg                 1 
_struct_ref_seq.pdbx_seq_align_beg_ins_code   ? 
_struct_ref_seq.seq_align_end                 143 
_struct_ref_seq.pdbx_seq_align_end_ins_code   ? 
_struct_ref_seq.pdbx_db_accession             P58663 
_struct_ref_seq.db_align_beg                  1 
_struct_ref_seq.pdbx_db_align_beg_ins_code    ? 
_struct_ref_seq.db_align_end                  143 
_struct_ref_seq.pdbx_db_align_end_ins_code    ? 
_struct_ref_seq.pdbx_auth_seq_align_beg       1 
_struct_ref_seq.pdbx_auth_seq_align_end       143 
# 
_pdbx_struct_assembly.id                   1 
_pdbx_struct_assembly.details              author_defined_assembly 
_pdbx_struct_assembly.method_details       ? 
_pdbx_struct_assembly.oligomeric_details   monomeric 
_pdbx_struct_assembly.oligomeric_count     1 
# 
loop_
_pdbx_struct_assembly_prop.biol_id 
_pdbx_struct_assembly_prop.type 
_pdbx_struct_assembly_prop.value 
_pdbx_struct_assembly_prop.details 
1 'ABSA (A^2)' 0    ? 
1 MORE         0    ? 
1 'SSA (A^2)'  7020 ? 
# 
_pdbx_struct_assembly_gen.assembly_id       1 
_pdbx_struct_assembly_gen.oper_expression   1 
_pdbx_struct_assembly_gen.asym_id_list      A,B 
# 
_pdbx_struct_assembly_auth_evidence.id                     1 
_pdbx_struct_assembly_auth_evidence.assembly_id            1 
_pdbx_struct_assembly_auth_evidence.experimental_support   'gel filtration' 
_pdbx_struct_assembly_auth_evidence.details                ? 
# 
_pdbx_struct_oper_list.id                   1 
_pdbx_struct_oper_list.type                 'identity operation' 
_pdbx_struct_oper_list.name                 1_555 
_pdbx_struct_oper_list.symmetry_operation   x,y,z 
_pdbx_struct_oper_list.matrix[1][1]         1.0000000000 
_pdbx_struct_oper_list.matrix[1][2]         0.0000000000 
_pdbx_struct_oper_list.matrix[1][3]         0.0000000000 
_pdbx_struct_oper_list.vector[1]            0.0000000000 
_pdbx_struct_oper_list.matrix[2][1]         0.0000000000 
_pdbx_struct_oper_list.matrix[2][2]         1.0000000000 
_pdbx_struct_oper_list.matrix[2][3]         0.0000000000 
_pdbx_struct_oper_list.vector[2]            0.0000000000 
_pdbx_struct_oper_list.matrix[3][1]         0.0000000000 
_pdbx_struct_oper_list.matrix[3][2]         0.0000000000 
_pdbx_struct_oper_list.matrix[3][3]         1.0000000000 
_pdbx_struct_oper_list.vector[3]            0.0000000000 
# 
loop_
_struct_conf.conf_type_id 
_struct_conf.id 
_struct_conf.pdbx_PDB_helix_id 
_struct_conf.beg_label_comp_id 
_struct_conf.beg_label_asym_id 
_struct_conf.beg_label_seq_id 
_struct_conf.pdbx_beg_PDB_ins_code 
_struct_conf.end_label_comp_id 
_struct_conf.end_label_asym_id 
_struct_conf.end_label_seq_id 
_struct_conf.pdbx_end_PDB_ins_code 
_struct_conf.beg_auth_comp_id 
_struct_conf.beg_auth_asym_id 
_struct_conf.beg_auth_seq_id 
_struct_conf.end_auth_comp_id 
_struct_conf.end_auth_asym_id 
_struct_conf.end_auth_seq_id 
_struct_conf.pdbx_PDB_helix_class 
_struct_conf.details 
_struct_conf.pdbx_PDB_helix_length 
HELX_P HELX_P1 AA1 HIS A 12  ? LEU A 23  ? HIS B 12  LEU B 23  1 ? 12 
HELX_P HELX_P2 AA2 ASP A 37  ? LEU A 45  ? ASP B 37  LEU B 45  1 ? 9  
HELX_P HELX_P3 AA3 ASP A 66  ? PHE A 78  ? ASP B 66  PHE B 78  1 ? 13 
HELX_P HELX_P4 AA4 ASN A 91  ? LEU A 101 ? ASN B 91  LEU B 101 1 ? 11 
HELX_P HELX_P5 AA5 GLY A 111 ? LYS A 125 ? GLY B 111 LYS B 125 1 ? 15 
HELX_P HELX_P6 AA6 SER A 133 ? LYS A 140 ? SER B 133 LYS B 140 1 ? 8  
# 
_struct_conf_type.id          HELX_P 
_struct_conf_type.criteria    ? 
_struct_conf_type.reference   ? 
# 
_struct_sheet.id               AA1 
_struct_sheet.type             ? 
_struct_sheet.number_strands   5 
_struct_sheet.details          ? 
# 
loop_
_struct_sheet_order.sheet_id 
_struct_sheet_order.range_id_1 
_struct_sheet_order.range_id_2 
_struct_sheet_order.offset 
_struct_sheet_order.sense 
AA1 1 2 ? parallel 
AA1 2 3 ? parallel 
AA1 3 4 ? parallel 
AA1 4 5 ? parallel 
# 
loop_
_struct_sheet_range.sheet_id 
_struct_sheet_range.id 
_struct_sheet_range.beg_label_comp_id 
_struct_sheet_range.beg_label_asym_id 
_struct_sheet_range.beg_label_seq_id 
_struct_sheet_range.pdbx_beg_PDB_ins_code 
_struct_sheet_range.end_label_comp_id 
_struct_sheet_range.end_label_asym_id 
_struct_sheet_range.end_label_seq_id 
_struct_sheet_range.pdbx_end_PDB_ins_code 
_struct_sheet_range.beg_auth_comp_id 
_struct_sheet_range.beg_auth_asym_id 
_struct_sheet_range.beg_auth_seq_id 
_struct_sheet_range.end_auth_comp_id 
_struct_sheet_range.end_auth_asym_id 
_struct_sheet_range.end_auth_seq_id 
AA1 1 VAL A 29  ? PHE A 35  ? VAL B 29  PHE B 35  
AA1 2 MET A 4   ? ALA A 9   ? MET B 4   ALA B 9   
AA1 3 VAL A 52  ? ASP A 56  ? VAL B 52  ASP B 56  
AA1 4 SER A 82  ? THR A 87  ? SER B 82  THR B 87  
AA1 5 GLY A 105 ? LEU A 108 ? GLY B 105 LEU B 108 
# 
loop_
_pdbx_struct_sheet_hbond.sheet_id 
_pdbx_struct_sheet_hbond.range_id_1 
_pdbx_struct_sheet_hbond.range_id_2 
_pdbx_struct_sheet_hbond.range_1_label_atom_id 
_pdbx_struct_sheet_hbond.range_1_label_comp_id 
_pdbx_struct_sheet_hbond.range_1_label_asym_id 
_pdbx_struct_sheet_hbond.range_1_label_seq_id 
_pdbx_struct_sheet_hbond.range_1_PDB_ins_code 
_pdbx_struct_sheet_hbond.range_1_auth_atom_id 
_pdbx_struct_sheet_hbond.range_1_auth_comp_id 
_pdbx_struct_sheet_hbond.range_1_auth_asym_id 
_pdbx_struct_sheet_hbond.range_1_auth_seq_id 
_pdbx_struct_sheet_hbond.range_2_label_atom_id 
_pdbx_struct_sheet_hbond.range_2_label_comp_id 
_pdbx_struct_sheet_hbond.range_2_label_asym_id 
_pdbx_struct_sheet_hbond.range_2_label_seq_id 
_pdbx_struct_sheet_hbond.range_2_PDB_ins_code 
_pdbx_struct_sheet_hbond.range_2_auth_atom_id 
_pdbx_struct_sheet_hbond.range_2_auth_comp_id 
_pdbx_struct_sheet_hbond.range_2_auth_asym_id 
_pdbx_struct_sheet_hbond.range_2_auth_seq_id 
AA1 1 2 O ASN A 30 ? O ASN B 30 N MET A 4   ? N MET B 4   
AA1 2 3 N ILE A 7  ? N ILE B 7  O VAL A 52  ? O VAL B 52  
AA1 3 4 N LEU A 53 ? N LEU B 53 O SER A 82  ? O SER B 82  
AA1 4 5 N VAL A 85 ? N VAL B 85 O GLY A 105 ? O GLY B 105 
# 
loop_
_pdbx_validate_torsion.id 
_pdbx_validate_torsion.PDB_model_num 
_pdbx_validate_torsion.auth_comp_id 
_pdbx_validate_torsion.auth_asym_id 
_pdbx_validate_torsion.auth_seq_id 
_pdbx_validate_torsion.PDB_ins_code 
_pdbx_validate_torsion.label_alt_id 
_pdbx_validate_torsion.phi 
_pdbx_validate_torsion.psi 
1 1 ASN B 91  ? ? -59.55 104.61 
2 1 ASP B 102 ? ? 75.76  49.66  
# 
loop_
_pdbx_unobs_or_zero_occ_residues.id 
_pdbx_unobs_or_zero_occ_residues.PDB_model_num 
_pdbx_unobs_or_zero_occ_residues.polymer_flag 
_pdbx_unobs_or_zero_occ_residues.occupancy_flag 
_pdbx_unobs_or_zero_occ_residues.auth_asym_id 
_pdbx_unobs_or_zero_occ_residues.auth_comp_id 
_pdbx_unobs_or_zero_occ_residues.auth_seq_id 
_pdbx_unobs_or_zero_occ_residues.PDB_ins_code 
_pdbx_unobs_or_zero_occ_residues.label_asym_id 
_pdbx_unobs_or_zero_occ_residues.label_comp_id 
_pdbx_unobs_or_zero_occ_residues.label_seq_id 
1  1 Y 1 B MET 1   ? A MET 1   
2  1 Y 1 B ASN 2   ? A ASN 2   
3  1 Y 1 B PRO 60  ? A PRO 60  
4  1 Y 1 B GLY 61  ? A GLY 61  
5  1 Y 1 B ASP 62  ? A ASP 62  
6  1 Y 1 B LYS 63  ? A LYS 63  
7  1 Y 1 B TYR 64  ? A TYR 64  
8  1 Y 1 B ILE 141 ? A ILE 141 
9  1 Y 1 B SER 142 ? A SER 142 
10 1 Y 1 B ALA 143 ? A ALA 143 
# 
loop_
_chem_comp_atom.comp_id 
_chem_comp_atom.atom_id 
_chem_comp_atom.type_symbol 
_chem_comp_atom.pdbx_aromatic_flag 
_chem_comp_atom.pdbx_stereo_config 
_chem_comp_atom.pdbx_ordinal 
ALA N    N N N 1   
ALA CA   C N S 2   
ALA C    C N N 3   
ALA O    O N N 4   
ALA CB   C N N 5   
ALA OXT  O N N 6   
ALA H    H N N 7   
ALA H2   H N N 8   
ALA HA   H N N 9   
ALA HB1  H N N 10  
ALA HB2  H N N 11  
ALA HB3  H N N 12  
ALA HXT  H N N 13  
ARG N    N N N 14  
ARG CA   C N S 15  
ARG C    C N N 16  
ARG O    O N N 17  
ARG CB   C N N 18  
ARG CG   C N N 19  
ARG CD   C N N 20  
ARG NE   N N N 21  
ARG CZ   C N N 22  
ARG NH1  N N N 23  
ARG NH2  N N N 24  
ARG OXT  O N N 25  
ARG H    H N N 26  
ARG H2   H N N 27  
ARG HA   H N N 28  
ARG HB2  H N N 29  
ARG HB3  H N N 30  
ARG HG2  H N N 31  
ARG HG3  H N N 32  
ARG HD2  H N N 33  
ARG HD3  H N N 34  
ARG HE   H N N 35  
ARG HH11 H N N 36  
ARG HH12 H N N 37  
ARG HH21 H N N 38  
ARG HH22 H N N 39  
ARG HXT  H N N 40  
ASN N    N N N 41  
ASN CA   C N S 42  
ASN C    C N N 43  
ASN O    O N N 44  
ASN CB   C N N 45  
ASN CG   C N N 46  
ASN OD1  O N N 47  
ASN ND2  N N N 48  
ASN OXT  O N N 49  
ASN H    H N N 50  
ASN H2   H N N 51  
ASN HA   H N N 52  
ASN HB2  H N N 53  
ASN HB3  H N N 54  
ASN HD21 H N N 55  
ASN HD22 H N N 56  
ASN HXT  H N N 57  
ASP N    N N N 58  
ASP CA   C N S 59  
ASP C    C N N 60  
ASP O    O N N 61  
ASP CB   C N N 62  
ASP CG   C N N 63  
ASP OD1  O N N 64  
ASP OD2  O N N 65  
ASP OXT  O N N 66  
ASP H    H N N 67  
ASP H2   H N N 68  
ASP HA   H N N 69  
ASP HB2  H N N 70  
ASP HB3  H N N 71  
ASP HD2  H N N 72  
ASP HXT  H N N 73  
GLN N    N N N 74  
GLN CA   C N S 75  
GLN C    C N N 76  
GLN O    O N N 77  
GLN CB   C N N 78  
GLN CG   C N N 79  
GLN CD   C N N 80  
GLN OE1  O N N 81  
GLN NE2  N N N 82  
GLN OXT  O N N 83  
GLN H    H N N 84  
GLN H2   H N N 85  
GLN HA   H N N 86  
GLN HB2  H N N 87  
GLN HB3  H N N 88  
GLN HG2  H N N 89  
GLN HG3  H N N 90  
GLN HE21 H N N 91  
GLN HE22 H N N 92  
GLN HXT  H N N 93  
GLU N    N N N 94  
GLU CA   C N S 95  
GLU C    C N N 96  
GLU O    O N N 97  
GLU CB   C N N 98  
GLU CG   C N N 99  
GLU CD   C N N 100 
GLU OE1  O N N 101 
GLU OE2  O N N 102 
GLU OXT  O N N 103 
GLU H    H N N 104 
GLU H2   H N N 105 
GLU HA   H N N 106 
GLU HB2  H N N 107 
GLU HB3  H N N 108 
GLU HG2  H N N 109 
GLU HG3  H N N 110 
GLU HE2  H N N 111 
GLU HXT  H N N 112 
GLY N    N N N 113 
GLY CA   C N N 114 
GLY C    C N N 115 
GLY O    O N N 116 
GLY OXT  O N N 117 
GLY H    H N N 118 
GLY H2   H N N 119 
GLY HA2  H N N 120 
GLY HA3  H N N 121 
GLY HXT  H N N 122 
HIS N    N N N 123 
HIS CA   C N S 124 
HIS C    C N N 125 
HIS O    O N N 126 
HIS CB   C N N 127 
HIS CG   C Y N 128 
HIS ND1  N Y N 129 
HIS CD2  C Y N 130 
HIS CE1  C Y N 131 
HIS NE2  N Y N 132 
HIS OXT  O N N 133 
HIS H    H N N 134 
HIS H2   H N N 135 
HIS HA   H N N 136 
HIS HB2  H N N 137 
HIS HB3  H N N 138 
HIS HD1  H N N 139 
HIS HD2  H N N 140 
HIS HE1  H N N 141 
HIS HE2  H N N 142 
HIS HXT  H N N 143 
HOH O    O N N 144 
HOH H1   H N N 145 
HOH H2   H N N 146 
ILE N    N N N 147 
ILE CA   C N S 148 
ILE C    C N N 149 
ILE O    O N N 150 
ILE CB   C N S 151 
ILE CG1  C N N 152 
ILE CG2  C N N 153 
ILE CD1  C N N 154 
ILE OXT  O N N 155 
ILE H    H N N 156 
ILE H2   H N N 157 
ILE HA   H N N 158 
ILE HB   H N N 159 
ILE HG12 H N N 160 
ILE HG13 H N N 161 
ILE HG21 H N N 162 
ILE HG22 H N N 163 
ILE HG23 H N N 164 
ILE HD11 H N N 165 
ILE HD12 H N N 166 
ILE HD13 H N N 167 
ILE HXT  H N N 168 
LEU N    N N N 169 
LEU CA   C N S 170 
LEU C    C N N 171 
LEU O    O N N 172 
LEU CB   C N N 173 
LEU CG   C N N 174 
LEU CD1  C N N 175 
LEU CD2  C N N 176 
LEU OXT  O N N 177 
LEU H    H N N 178 
LEU H2   H N N 179 
LEU HA   H N N 180 
LEU HB2  H N N 181 
LEU HB3  H N N 182 
LEU HG   H N N 183 
LEU HD11 H N N 184 
LEU HD12 H N N 185 
LEU HD13 H N N 186 
LEU HD21 H N N 187 
LEU HD22 H N N 188 
LEU HD23 H N N 189 
LEU HXT  H N N 190 
LYS N    N N N 191 
LYS CA   C N S 192 
LYS C    C N N 193 
LYS O    O N N 194 
LYS CB   C N N 195 
LYS CG   C N N 196 
LYS CD   C N N 197 
LYS CE   C N N 198 
LYS NZ   N N N 199 
LYS OXT  O N N 200 
LYS H    H N N 201 
LYS H2   H N N 202 
LYS HA   H N N 203 
LYS HB2  H N N 204 
LYS HB3  H N N 205 
LYS HG2  H N N 206 
LYS HG3  H N N 207 
LYS HD2  H N N 208 
LYS HD3  H N N 209 
LYS HE2  H N N 210 
LYS HE3  H N N 211 
LYS HZ1  H N N 212 
LYS HZ2  H N N 213 
LYS HZ3  H N N 214 
LYS HXT  H N N 215 
MET N    N N N 216 
MET CA   C N S 217 
MET C    C N N 218 
MET O    O N N 219 
MET CB   C N N 220 
MET CG   C N N 221 
MET SD   S N N 222 
MET CE   C N N 223 
MET OXT  O N N 224 
MET H    H N N 225 
MET H2   H N N 226 
MET HA   H N N 227 
MET HB2  H N N 228 
MET HB3  H N N 229 
MET HG2  H N N 230 
MET HG3  H N N 231 
MET HE1  H N N 232 
MET HE2  H N N 233 
MET HE3  H N N 234 
MET HXT  H N N 235 
PHE N    N N N 236 
PHE CA   C N S 237 
PHE C    C N N 238 
PHE O    O N N 239 
PHE CB   C N N 240 
PHE CG   C Y N 241 
PHE CD1  C Y N 242 
PHE CD2  C Y N 243 
PHE CE1  C Y N 244 
PHE CE2  C Y N 245 
PHE CZ   C Y N 246 
PHE OXT  O N N 247 
PHE H    H N N 248 
PHE H2   H N N 249 
PHE HA   H N N 250 
PHE HB2  H N N 251 
PHE HB3  H N N 252 
PHE HD1  H N N 253 
PHE HD2  H N N 254 
PHE HE1  H N N 255 
PHE HE2  H N N 256 
PHE HZ   H N N 257 
PHE HXT  H N N 258 
PRO N    N N N 259 
PRO CA   C N S 260 
PRO C    C N N 261 
PRO O    O N N 262 
PRO CB   C N N 263 
PRO CG   C N N 264 
PRO CD   C N N 265 
PRO OXT  O N N 266 
PRO H    H N N 267 
PRO HA   H N N 268 
PRO HB2  H N N 269 
PRO HB3  H N N 270 
PRO HG2  H N N 271 
PRO HG3  H N N 272 
PRO HD2  H N N 273 
PRO HD3  H N N 274 
PRO HXT  H N N 275 
SER N    N N N 276 
SER CA   C N S 277 
SER C    C N N 278 
SER O    O N N 279 
SER CB   C N N 280 
SER OG   O N N 281 
SER OXT  O N N 282 
SER H    H N N 283 
SER H2   H N N 284 
SER HA   H N N 285 
SER HB2  H N N 286 
SER HB3  H N N 287 
SER HG   H N N 288 
SER HXT  H N N 289 
THR N    N N N 290 
THR CA   C N S 291 
THR C    C N N 292 
THR O    O N N 293 
THR CB   C N R 294 
THR OG1  O N N 295 
THR CG2  C N N 296 
THR OXT  O N N 297 
THR H    H N N 298 
THR H2   H N N 299 
THR HA   H N N 300 
THR HB   H N N 301 
THR HG1  H N N 302 
THR HG21 H N N 303 
THR HG22 H N N 304 
THR HG23 H N N 305 
THR HXT  H N N 306 
TRP N    N N N 307 
TRP CA   C N S 308 
TRP C    C N N 309 
TRP O    O N N 310 
TRP CB   C N N 311 
TRP CG   C Y N 312 
TRP CD1  C Y N 313 
TRP CD2  C Y N 314 
TRP NE1  N Y N 315 
TRP CE2  C Y N 316 
TRP CE3  C Y N 317 
TRP CZ2  C Y N 318 
TRP CZ3  C Y N 319 
TRP CH2  C Y N 320 
TRP OXT  O N N 321 
TRP H    H N N 322 
TRP H2   H N N 323 
TRP HA   H N N 324 
TRP HB2  H N N 325 
TRP HB3  H N N 326 
TRP HD1  H N N 327 
TRP HE1  H N N 328 
TRP HE3  H N N 329 
TRP HZ2  H N N 330 
TRP HZ3  H N N 331 
TRP HH2  H N N 332 
TRP HXT  H N N 333 
TYR N    N N N 334 
TYR CA   C N S 335 
TYR C    C N N 336 
TYR O    O N N 337 
TYR CB   C N N 338 
TYR CG   C Y N 339 
TYR CD1  C Y N 340 
TYR CD2  C Y N 341 
TYR CE1  C Y N 342 
TYR CE2  C Y N 343 
TYR CZ   C Y N 344 
TYR OH   O N N 345 
TYR OXT  O N N 346 
TYR H    H N N 347 
TYR H2   H N N 348 
TYR HA   H N N 349 
TYR HB2  H N N 350 
TYR HB3  H N N 351 
TYR HD1  H N N 352 
TYR HD2  H N N 353 
TYR HE1  H N N 354 
TYR HE2  H N N 355 
TYR HH   H N N 356 
TYR HXT  H N N 357 
VAL N    N N N 358 
VAL CA   C N S 359 
VAL C    C N N 360 
VAL O    O N N 361 
VAL CB   C N N 362 
VAL CG1  C N N 363 
VAL CG2  C N N 364 
VAL OXT  O N N 365 
VAL H    H N N 366 
VAL H2   H N N 367 
VAL HA   H N N 368 
VAL HB   H N N 369 
VAL HG11 H N N 370 
VAL HG12 H N N 371 
VAL HG13 H N N 372 
VAL HG21 H N N 373 
VAL HG22 H N N 374 
VAL HG23 H N N 375 
VAL HXT  H N N 376 
# 
loop_
_chem_comp_bond.comp_id 
_chem_comp_bond.atom_id_1 
_chem_comp_bond.atom_id_2 
_chem_comp_bond.value_order 
_chem_comp_bond.pdbx_aromatic_flag 
_chem_comp_bond.pdbx_stereo_config 
_chem_comp_bond.pdbx_ordinal 
ALA N   CA   sing N N 1   
ALA N   H    sing N N 2   
ALA N   H2   sing N N 3   
ALA CA  C    sing N N 4   
ALA CA  CB   sing N N 5   
ALA CA  HA   sing N N 6   
ALA C   O    doub N N 7   
ALA C   OXT  sing N N 8   
ALA CB  HB1  sing N N 9   
ALA CB  HB2  sing N N 10  
ALA CB  HB3  sing N N 11  
ALA OXT HXT  sing N N 12  
ARG N   CA   sing N N 13  
ARG N   H    sing N N 14  
ARG N   H2   sing N N 15  
ARG CA  C    sing N N 16  
ARG CA  CB   sing N N 17  
ARG CA  HA   sing N N 18  
ARG C   O    doub N N 19  
ARG C   OXT  sing N N 20  
ARG CB  CG   sing N N 21  
ARG CB  HB2  sing N N 22  
ARG CB  HB3  sing N N 23  
ARG CG  CD   sing N N 24  
ARG CG  HG2  sing N N 25  
ARG CG  HG3  sing N N 26  
ARG CD  NE   sing N N 27  
ARG CD  HD2  sing N N 28  
ARG CD  HD3  sing N N 29  
ARG NE  CZ   sing N N 30  
ARG NE  HE   sing N N 31  
ARG CZ  NH1  sing N N 32  
ARG CZ  NH2  doub N N 33  
ARG NH1 HH11 sing N N 34  
ARG NH1 HH12 sing N N 35  
ARG NH2 HH21 sing N N 36  
ARG NH2 HH22 sing N N 37  
ARG OXT HXT  sing N N 38  
ASN N   CA   sing N N 39  
ASN N   H    sing N N 40  
ASN N   H2   sing N N 41  
ASN CA  C    sing N N 42  
ASN CA  CB   sing N N 43  
ASN CA  HA   sing N N 44  
ASN C   O    doub N N 45  
ASN C   OXT  sing N N 46  
ASN CB  CG   sing N N 47  
ASN CB  HB2  sing N N 48  
ASN CB  HB3  sing N N 49  
ASN CG  OD1  doub N N 50  
ASN CG  ND2  sing N N 51  
ASN ND2 HD21 sing N N 52  
ASN ND2 HD22 sing N N 53  
ASN OXT HXT  sing N N 54  
ASP N   CA   sing N N 55  
ASP N   H    sing N N 56  
ASP N   H2   sing N N 57  
ASP CA  C    sing N N 58  
ASP CA  CB   sing N N 59  
ASP CA  HA   sing N N 60  
ASP C   O    doub N N 61  
ASP C   OXT  sing N N 62  
ASP CB  CG   sing N N 63  
ASP CB  HB2  sing N N 64  
ASP CB  HB3  sing N N 65  
ASP CG  OD1  doub N N 66  
ASP CG  OD2  sing N N 67  
ASP OD2 HD2  sing N N 68  
ASP OXT HXT  sing N N 69  
GLN N   CA   sing N N 70  
GLN N   H    sing N N 71  
GLN N   H2   sing N N 72  
GLN CA  C    sing N N 73  
GLN CA  CB   sing N N 74  
GLN CA  HA   sing N N 75  
GLN C   O    doub N N 76  
GLN C   OXT  sing N N 77  
GLN CB  CG   sing N N 78  
GLN CB  HB2  sing N N 79  
GLN CB  HB3  sing N N 80  
GLN CG  CD   sing N N 81  
GLN CG  HG2  sing N N 82  
GLN CG  HG3  sing N N 83  
GLN CD  OE1  doub N N 84  
GLN CD  NE2  sing N N 85  
GLN NE2 HE21 sing N N 86  
GLN NE2 HE22 sing N N 87  
GLN OXT HXT  sing N N 88  
GLU N   CA   sing N N 89  
GLU N   H    sing N N 90  
GLU N   H2   sing N N 91  
GLU CA  C    sing N N 92  
GLU CA  CB   sing N N 93  
GLU CA  HA   sing N N 94  
GLU C   O    doub N N 95  
GLU C   OXT  sing N N 96  
GLU CB  CG   sing N N 97  
GLU CB  HB2  sing N N 98  
GLU CB  HB3  sing N N 99  
GLU CG  CD   sing N N 100 
GLU CG  HG2  sing N N 101 
GLU CG  HG3  sing N N 102 
GLU CD  OE1  doub N N 103 
GLU CD  OE2  sing N N 104 
GLU OE2 HE2  sing N N 105 
GLU OXT HXT  sing N N 106 
GLY N   CA   sing N N 107 
GLY N   H    sing N N 108 
GLY N   H2   sing N N 109 
GLY CA  C    sing N N 110 
GLY CA  HA2  sing N N 111 
GLY CA  HA3  sing N N 112 
GLY C   O    doub N N 113 
GLY C   OXT  sing N N 114 
GLY OXT HXT  sing N N 115 
HIS N   CA   sing N N 116 
HIS N   H    sing N N 117 
HIS N   H2   sing N N 118 
HIS CA  C    sing N N 119 
HIS CA  CB   sing N N 120 
HIS CA  HA   sing N N 121 
HIS C   O    doub N N 122 
HIS C   OXT  sing N N 123 
HIS CB  CG   sing N N 124 
HIS CB  HB2  sing N N 125 
HIS CB  HB3  sing N N 126 
HIS CG  ND1  sing Y N 127 
HIS CG  CD2  doub Y N 128 
HIS ND1 CE1  doub Y N 129 
HIS ND1 HD1  sing N N 130 
HIS CD2 NE2  sing Y N 131 
HIS CD2 HD2  sing N N 132 
HIS CE1 NE2  sing Y N 133 
HIS CE1 HE1  sing N N 134 
HIS NE2 HE2  sing N N 135 
HIS OXT HXT  sing N N 136 
HOH O   H1   sing N N 137 
HOH O   H2   sing N N 138 
ILE N   CA   sing N N 139 
ILE N   H    sing N N 140 
ILE N   H2   sing N N 141 
ILE CA  C    sing N N 142 
ILE CA  CB   sing N N 143 
ILE CA  HA   sing N N 144 
ILE C   O    doub N N 145 
ILE C   OXT  sing N N 146 
ILE CB  CG1  sing N N 147 
ILE CB  CG2  sing N N 148 
ILE CB  HB   sing N N 149 
ILE CG1 CD1  sing N N 150 
ILE CG1 HG12 sing N N 151 
ILE CG1 HG13 sing N N 152 
ILE CG2 HG21 sing N N 153 
ILE CG2 HG22 sing N N 154 
ILE CG2 HG23 sing N N 155 
ILE CD1 HD11 sing N N 156 
ILE CD1 HD12 sing N N 157 
ILE CD1 HD13 sing N N 158 
ILE OXT HXT  sing N N 159 
LEU N   CA   sing N N 160 
LEU N   H    sing N N 161 
LEU N   H2   sing N N 162 
LEU CA  C    sing N N 163 
LEU CA  CB   sing N N 164 
LEU CA  HA   sing N N 165 
LEU C   O    doub N N 166 
LEU C   OXT  sing N N 167 
LEU CB  CG   sing N N 168 
LEU CB  HB2  sing N N 169 
LEU CB  HB3  sing N N 170 
LEU CG  CD1  sing N N 171 
LEU CG  CD2  sing N N 172 
LEU CG  HG   sing N N 173 
LEU CD1 HD11 sing N N 174 
LEU CD1 HD12 sing N N 175 
LEU CD1 HD13 sing N N 176 
LEU CD2 HD21 sing N N 177 
LEU CD2 HD22 sing N N 178 
LEU CD2 HD23 sing N N 179 
LEU OXT HXT  sing N N 180 
LYS N   CA   sing N N 181 
LYS N   H    sing N N 182 
LYS N   H2   sing N N 183 
LYS CA  C    sing N N 184 
LYS CA  CB   sing N N 185 
LYS CA  HA   sing N N 186 
LYS C   O    doub N N 187 
LYS C   OXT  sing N N 188 
LYS CB  CG   sing N N 189 
LYS CB  HB2  sing N N 190 
LYS CB  HB3  sing N N 191 
LYS CG  CD   sing N N 192 
LYS CG  HG2  sing N N 193 
LYS CG  HG3  sing N N 194 
LYS CD  CE   sing N N 195 
LYS CD  HD2  sing N N 196 
LYS CD  HD3  sing N N 197 
LYS CE  NZ   sing N N 198 
LYS CE  HE2  sing N N 199 
LYS CE  HE3  sing N N 200 
LYS NZ  HZ1  sing N N 201 
LYS NZ  HZ2  sing N N 202 
LYS NZ  HZ3  sing N N 203 
LYS OXT HXT  sing N N 204 
MET N   CA   sing N N 205 
MET N   H    sing N N 206 
MET N   H2   sing N N 207 
MET CA  C    sing N N 208 
MET CA  CB   sing N N 209 
MET CA  HA   sing N N 210 
MET C   O    doub N N 211 
MET C   OXT  sing N N 212 
MET CB  CG   sing N N 213 
MET CB  HB2  sing N N 214 
MET CB  HB3  sing N N 215 
MET CG  SD   sing N N 216 
MET CG  HG2  sing N N 217 
MET CG  HG3  sing N N 218 
MET SD  CE   sing N N 219 
MET CE  HE1  sing N N 220 
MET CE  HE2  sing N N 221 
MET CE  HE3  sing N N 222 
MET OXT HXT  sing N N 223 
PHE N   CA   sing N N 224 
PHE N   H    sing N N 225 
PHE N   H2   sing N N 226 
PHE CA  C    sing N N 227 
PHE CA  CB   sing N N 228 
PHE CA  HA   sing N N 229 
PHE C   O    doub N N 230 
PHE C   OXT  sing N N 231 
PHE CB  CG   sing N N 232 
PHE CB  HB2  sing N N 233 
PHE CB  HB3  sing N N 234 
PHE CG  CD1  doub Y N 235 
PHE CG  CD2  sing Y N 236 
PHE CD1 CE1  sing Y N 237 
PHE CD1 HD1  sing N N 238 
PHE CD2 CE2  doub Y N 239 
PHE CD2 HD2  sing N N 240 
PHE CE1 CZ   doub Y N 241 
PHE CE1 HE1  sing N N 242 
PHE CE2 CZ   sing Y N 243 
PHE CE2 HE2  sing N N 244 
PHE CZ  HZ   sing N N 245 
PHE OXT HXT  sing N N 246 
PRO N   CA   sing N N 247 
PRO N   CD   sing N N 248 
PRO N   H    sing N N 249 
PRO CA  C    sing N N 250 
PRO CA  CB   sing N N 251 
PRO CA  HA   sing N N 252 
PRO C   O    doub N N 253 
PRO C   OXT  sing N N 254 
PRO CB  CG   sing N N 255 
PRO CB  HB2  sing N N 256 
PRO CB  HB3  sing N N 257 
PRO CG  CD   sing N N 258 
PRO CG  HG2  sing N N 259 
PRO CG  HG3  sing N N 260 
PRO CD  HD2  sing N N 261 
PRO CD  HD3  sing N N 262 
PRO OXT HXT  sing N N 263 
SER N   CA   sing N N 264 
SER N   H    sing N N 265 
SER N   H2   sing N N 266 
SER CA  C    sing N N 267 
SER CA  CB   sing N N 268 
SER CA  HA   sing N N 269 
SER C   O    doub N N 270 
SER C   OXT  sing N N 271 
SER CB  OG   sing N N 272 
SER CB  HB2  sing N N 273 
SER CB  HB3  sing N N 274 
SER OG  HG   sing N N 275 
SER OXT HXT  sing N N 276 
THR N   CA   sing N N 277 
THR N   H    sing N N 278 
THR N   H2   sing N N 279 
THR CA  C    sing N N 280 
THR CA  CB   sing N N 281 
THR CA  HA   sing N N 282 
THR C   O    doub N N 283 
THR C   OXT  sing N N 284 
THR CB  OG1  sing N N 285 
THR CB  CG2  sing N N 286 
THR CB  HB   sing N N 287 
THR OG1 HG1  sing N N 288 
THR CG2 HG21 sing N N 289 
THR CG2 HG22 sing N N 290 
THR CG2 HG23 sing N N 291 
THR OXT HXT  sing N N 292 
TRP N   CA   sing N N 293 
TRP N   H    sing N N 294 
TRP N   H2   sing N N 295 
TRP CA  C    sing N N 296 
TRP CA  CB   sing N N 297 
TRP CA  HA   sing N N 298 
TRP C   O    doub N N 299 
TRP C   OXT  sing N N 300 
TRP CB  CG   sing N N 301 
TRP CB  HB2  sing N N 302 
TRP CB  HB3  sing N N 303 
TRP CG  CD1  doub Y N 304 
TRP CG  CD2  sing Y N 305 
TRP CD1 NE1  sing Y N 306 
TRP CD1 HD1  sing N N 307 
TRP CD2 CE2  doub Y N 308 
TRP CD2 CE3  sing Y N 309 
TRP NE1 CE2  sing Y N 310 
TRP NE1 HE1  sing N N 311 
TRP CE2 CZ2  sing Y N 312 
TRP CE3 CZ3  doub Y N 313 
TRP CE3 HE3  sing N N 314 
TRP CZ2 CH2  doub Y N 315 
TRP CZ2 HZ2  sing N N 316 
TRP CZ3 CH2  sing Y N 317 
TRP CZ3 HZ3  sing N N 318 
TRP CH2 HH2  sing N N 319 
TRP OXT HXT  sing N N 320 
TYR N   CA   sing N N 321 
TYR N   H    sing N N 322 
TYR N   H2   sing N N 323 
TYR CA  C    sing N N 324 
TYR CA  CB   sing N N 325 
TYR CA  HA   sing N N 326 
TYR C   O    doub N N 327 
TYR C   OXT  sing N N 328 
TYR CB  CG   sing N N 329 
TYR CB  HB2  sing N N 330 
TYR CB  HB3  sing N N 331 
TYR CG  CD1  doub Y N 332 
TYR CG  CD2  sing Y N 333 
TYR CD1 CE1  sing Y N 334 
TYR CD1 HD1  sing N N 335 
TYR CD2 CE2  doub Y N 336 
TYR CD2 HD2  sing N N 337 
TYR CE1 CZ   doub Y N 338 
TYR CE1 HE1  sing N N 339 
TYR CE2 CZ   sing Y N 340 
TYR CE2 HE2  sing N N 341 
TYR CZ  OH   sing N N 342 
TYR OH  HH   sing N N 343 
TYR OXT HXT  sing N N 344 
VAL N   CA   sing N N 345 
VAL N   H    sing N N 346 
VAL N   H2   sing N N 347 
VAL CA  C    sing N N 348 
VAL CA  CB   sing N N 349 
VAL CA  HA   sing N N 350 
VAL C   O    doub N N 351 
VAL C   OXT  sing N N 352 
VAL CB  CG1  sing N N 353 
VAL CB  CG2  sing N N 354 
VAL CB  HB   sing N N 355 
VAL CG1 HG11 sing N N 356 
VAL CG1 HG12 sing N N 357 
VAL CG1 HG13 sing N N 358 
VAL CG2 HG21 sing N N 359 
VAL CG2 HG22 sing N N 360 
VAL CG2 HG23 sing N N 361 
VAL OXT HXT  sing N N 362 
# 
loop_
_pdbx_audit_support.funding_organization 
_pdbx_audit_support.country 
_pdbx_audit_support.grant_number 
_pdbx_audit_support.ordinal 
'Spanish Ministry of Economy and Competitiveness' Spain BFU2016-78606-P 1 
'Spanish Ministry of Economy and Competitiveness' Spain BIO2016-78571-P 2 
'Spanish Ministry of Economy and Competitiveness' Spain BIO2016-77639-P 3 
'Spanish Ministry of Economy and Competitiveness' Spain RYC-2014-16490  4 
# 
_pdbx_initial_refinement_model.id               1 
_pdbx_initial_refinement_model.entity_id_list   ? 
_pdbx_initial_refinement_model.type             'experimental model' 
_pdbx_initial_refinement_model.source_name      PDB 
_pdbx_initial_refinement_model.accession_code   5O8Z 
_pdbx_initial_refinement_model.details          ? 
# 
_atom_sites.entry_id                    6ZIL 
_atom_sites.Cartn_transf_matrix[1][1]   ? 
_atom_sites.Cartn_transf_matrix[1][2]   ? 
_atom_sites.Cartn_transf_matrix[1][3]   ? 
_atom_sites.Cartn_transf_matrix[2][1]   ? 
_atom_sites.Cartn_transf_matrix[2][2]   ? 
_atom_sites.Cartn_transf_matrix[2][3]   ? 
_atom_sites.Cartn_transf_matrix[3][1]   ? 
_atom_sites.Cartn_transf_matrix[3][2]   ? 
_atom_sites.Cartn_transf_matrix[3][3]   ? 
_atom_sites.Cartn_transf_vector[1]      ? 
_atom_sites.Cartn_transf_vector[2]      ? 
_atom_sites.Cartn_transf_vector[3]      ? 
_atom_sites.fract_transf_matrix[1][1]   -0.00511751 
_atom_sites.fract_transf_matrix[1][2]   -0.00009566 
_atom_sites.fract_transf_matrix[1][3]   -0.00440203 
_atom_sites.fract_transf_matrix[2][1]   0.00436129 
_atom_sites.fract_transf_matrix[2][2]   -0.00103777 
_atom_sites.fract_transf_matrix[2][3]   -0.00504759 
_atom_sites.fract_transf_matrix[3][1]   -0.00060516 
_atom_sites.fract_transf_matrix[3][2]   -0.00667007 
_atom_sites.fract_transf_matrix[3][3]   0.00084847 
_atom_sites.fract_transf_vector[1]      -0.026519 
_atom_sites.fract_transf_vector[2]      0.066042 
_atom_sites.fract_transf_vector[3]      0.162584 
_atom_sites.solution_primary            ? 
_atom_sites.solution_secondary          ? 
_atom_sites.solution_hydrogens          ? 
_atom_sites.special_details             ? 
# 
loop_
_atom_type.symbol 
C 
N 
O 
S 
# 
loop_
_atom_site.group_PDB 
_atom_site.id 
_atom_site.type_symbol 
_atom_site.label_atom_id 
_atom_site.label_alt_id 
_atom_site.label_comp_id 
_atom_site.label_asym_id 
_atom_site.label_entity_id 
_atom_site.label_seq_id 
_atom_site.pdbx_PDB_ins_code 
_atom_site.Cartn_x 
_atom_site.Cartn_y 
_atom_site.Cartn_z 
_atom_site.occupancy 
_atom_site.B_iso_or_equiv 
_atom_site.pdbx_formal_charge 
_atom_site.auth_seq_id 
_atom_site.auth_comp_id 
_atom_site.auth_asym_id 
_atom_site.auth_atom_id 
_atom_site.pdbx_PDB_model_num 
ATOM   1   N N   . ASN A 1 3   ? 3.724   -9.180  15.446  1.00 212.02 ? 3   ASN B N   1 
ATOM   2   C CA  . ASN A 1 3   ? 3.288   -9.534  14.057  1.00 207.75 ? 3   ASN B CA  1 
ATOM   3   C C   . ASN A 1 3   ? 2.507   -8.399  13.397  1.00 206.63 ? 3   ASN B C   1 
ATOM   4   O O   . ASN A 1 3   ? 1.957   -7.536  14.091  1.00 206.28 ? 3   ASN B O   1 
ATOM   5   C CB  . ASN A 1 3   ? 2.452   -10.808 14.069  1.00 204.44 ? 3   ASN B CB  1 
ATOM   6   N N   . MET A 1 4   ? 2.468   -8.406  12.063  1.00 203.78 ? 4   MET B N   1 
ATOM   7   C CA  . MET A 1 4   ? 1.701   -7.422  11.286  1.00 196.20 ? 4   MET B CA  1 
ATOM   8   C C   . MET A 1 4   ? 0.553   -8.062  10.506  1.00 187.70 ? 4   MET B C   1 
ATOM   9   O O   . MET A 1 4   ? 0.653   -9.202  10.042  1.00 166.98 ? 4   MET B O   1 
ATOM   10  C CB  . MET A 1 4   ? 2.612   -6.615  10.349  1.00 200.89 ? 4   MET B CB  1 
ATOM   11  C CG  . MET A 1 4   ? 2.769   -5.160  10.781  1.00 202.48 ? 4   MET B CG  1 
ATOM   12  S SD  . MET A 1 4   ? 3.906   -4.173  9.791   1.00 205.16 ? 4   MET B SD  1 
ATOM   13  C CE  . MET A 1 4   ? 3.413   -4.612  8.127   1.00 205.32 ? 4   MET B CE  1 
ATOM   14  N N   . ASN A 1 5   ? -0.515  -7.279  10.344  1.00 188.96 ? 5   ASN B N   1 
ATOM   15  C CA  . ASN A 1 5   ? -1.785  -7.724  9.786   1.00 187.58 ? 5   ASN B CA  1 
ATOM   16  C C   . ASN A 1 5   ? -2.060  -6.884  8.548   1.00 182.77 ? 5   ASN B C   1 
ATOM   17  O O   . ASN A 1 5   ? -2.338  -5.687  8.658   1.00 176.69 ? 5   ASN B O   1 
ATOM   18  C CB  . ASN A 1 5   ? -2.910  -7.561  10.812  1.00 191.91 ? 5   ASN B CB  1 
ATOM   19  C CG  . ASN A 1 5   ? -2.825  -8.572  11.952  1.00 196.19 ? 5   ASN B CG  1 
ATOM   20  O OD1 . ASN A 1 5   ? -2.479  -9.739  11.747  1.00 186.14 ? 5   ASN B OD1 1 
ATOM   21  N ND2 . ASN A 1 5   ? -3.158  -8.128  13.162  1.00 202.20 ? 5   ASN B ND2 1 
ATOM   22  N N   . VAL A 1 6   ? -1.967  -7.518  7.379   1.00 182.29 ? 6   VAL B N   1 
ATOM   23  C CA  . VAL A 1 6   ? -1.948  -6.824  6.091   1.00 177.73 ? 6   VAL B CA  1 
ATOM   24  C C   . VAL A 1 6   ? -3.231  -7.093  5.309   1.00 171.44 ? 6   VAL B C   1 
ATOM   25  O O   . VAL A 1 6   ? -3.631  -8.250  5.153   1.00 169.21 ? 6   VAL B O   1 
ATOM   26  C CB  . VAL A 1 6   ? -0.736  -7.277  5.241   1.00 177.04 ? 6   VAL B CB  1 
ATOM   27  C CG1 . VAL A 1 6   ? -0.717  -6.567  3.892   1.00 178.91 ? 6   VAL B CG1 1 
ATOM   28  C CG2 . VAL A 1 6   ? 0.568   -7.022  5.990   1.00 179.17 ? 6   VAL B CG2 1 
ATOM   29  N N   . ILE A 1 7   ? -3.863  -6.020  4.827   1.00 164.04 ? 7   ILE B N   1 
ATOM   30  C CA  . ILE A 1 7   ? -4.986  -6.114  3.893   1.00 157.76 ? 7   ILE B CA  1 
ATOM   31  C C   . ILE A 1 7   ? -4.473  -5.808  2.489   1.00 152.32 ? 7   ILE B C   1 
ATOM   32  O O   . ILE A 1 7   ? -3.925  -4.733  2.249   1.00 150.80 ? 7   ILE B O   1 
ATOM   33  C CB  . ILE A 1 7   ? -6.112  -5.106  4.213   1.00 157.90 ? 7   ILE B CB  1 
ATOM   34  C CG1 . ILE A 1 7   ? -6.589  -5.246  5.662   1.00 154.93 ? 7   ILE B CG1 1 
ATOM   35  C CG2 . ILE A 1 7   ? -7.283  -5.307  3.256   1.00 161.78 ? 7   ILE B CG2 1 
ATOM   36  C CD1 . ILE A 1 7   ? -7.503  -4.123  6.108   1.00 155.03 ? 7   ILE B CD1 1 
ATOM   37  N N   . ILE A 1 8   ? -4.674  -6.746  1.568   1.00 146.22 ? 8   ILE B N   1 
ATOM   38  C CA  . ILE A 1 8   ? -4.345  -6.548  0.158   1.00 145.73 ? 8   ILE B CA  1 
ATOM   39  C C   . ILE A 1 8   ? -5.631  -6.093  -0.537  1.00 147.82 ? 8   ILE B C   1 
ATOM   40  O O   . ILE A 1 8   ? -6.719  -6.529  -0.163  1.00 157.50 ? 8   ILE B O   1 
ATOM   41  C CB  . ILE A 1 8   ? -3.811  -7.839  -0.499  1.00 143.91 ? 8   ILE B CB  1 
ATOM   42  C CG1 . ILE A 1 8   ? -2.750  -8.520  0.382   1.00 142.63 ? 8   ILE B CG1 1 
ATOM   43  C CG2 . ILE A 1 8   ? -3.205  -7.523  -1.861  1.00 152.05 ? 8   ILE B CG2 1 
ATOM   44  C CD1 . ILE A 1 8   ? -2.442  -9.948  -0.022  1.00 145.89 ? 8   ILE B CD1 1 
ATOM   45  N N   . ALA A 1 9   ? -5.509  -5.220  -1.537  1.00 146.11 ? 9   ALA B N   1 
ATOM   46  C CA  . ALA A 1 9   ? -6.678  -4.651  -2.216  1.00 139.15 ? 9   ALA B CA  1 
ATOM   47  C C   . ALA A 1 9   ? -6.410  -4.300  -3.688  1.00 139.33 ? 9   ALA B C   1 
ATOM   48  O O   . ALA A 1 9   ? -5.738  -3.309  -3.985  1.00 146.45 ? 9   ALA B O   1 
ATOM   49  C CB  . ALA A 1 9   ? -7.163  -3.424  -1.458  1.00 134.73 ? 9   ALA B CB  1 
ATOM   50  N N   . ASP A 1 10  ? -6.957  -5.105  -4.600  1.00 132.75 ? 10  ASP B N   1 
ATOM   51  C CA  . ASP A 1 10  ? -6.784  -4.899  -6.039  1.00 137.36 ? 10  ASP B CA  1 
ATOM   52  C C   . ASP A 1 10  ? -7.812  -5.703  -6.841  1.00 136.28 ? 10  ASP B C   1 
ATOM   53  O O   . ASP A 1 10  ? -8.152  -6.830  -6.481  1.00 128.75 ? 10  ASP B O   1 
ATOM   54  C CB  . ASP A 1 10  ? -5.369  -5.290  -6.483  1.00 146.89 ? 10  ASP B CB  1 
ATOM   55  C CG  . ASP A 1 10  ? -5.058  -4.850  -7.906  1.00 151.33 ? 10  ASP B CG  1 
ATOM   56  O OD1 . ASP A 1 10  ? -5.093  -3.629  -8.170  1.00 159.52 ? 10  ASP B OD1 1 
ATOM   57  O OD2 . ASP A 1 10  ? -4.781  -5.721  -8.760  1.00 150.31 ? 10  ASP B OD2 1 
ATOM   58  N N   . ASP A 1 11  ? -8.271  -5.122  -7.947  1.00 143.84 ? 11  ASP B N   1 
ATOM   59  C CA  . ASP A 1 11  ? -9.339  -5.716  -8.771  1.00 144.60 ? 11  ASP B CA  1 
ATOM   60  C C   . ASP A 1 11  ? -8.967  -6.997  -9.541  1.00 137.66 ? 11  ASP B C   1 
ATOM   61  O O   . ASP A 1 11  ? -9.856  -7.657  -10.083 1.00 139.89 ? 11  ASP B O   1 
ATOM   62  C CB  . ASP A 1 11  ? -9.943  -4.672  -9.736  1.00 149.25 ? 11  ASP B CB  1 
ATOM   63  C CG  . ASP A 1 11  ? -8.906  -4.033  -10.650 1.00 154.26 ? 11  ASP B CG  1 
ATOM   64  O OD1 . ASP A 1 11  ? -8.042  -3.285  -10.136 1.00 158.94 ? 11  ASP B OD1 1 
ATOM   65  O OD2 . ASP A 1 11  ? -8.967  -4.264  -11.878 1.00 158.18 ? 11  ASP B OD2 1 
ATOM   66  N N   . HIS A 1 12  ? -7.682  -7.346  -9.596  1.00 133.33 ? 12  HIS B N   1 
ATOM   67  C CA  . HIS A 1 12  ? -7.237  -8.579  -10.246 1.00 134.49 ? 12  HIS B CA  1 
ATOM   68  C C   . HIS A 1 12  ? -6.970  -9.655  -9.177  1.00 136.43 ? 12  HIS B C   1 
ATOM   69  O O   . HIS A 1 12  ? -6.268  -9.377  -8.200  1.00 141.38 ? 12  HIS B O   1 
ATOM   70  C CB  . HIS A 1 12  ? -5.974  -8.312  -11.071 1.00 132.44 ? 12  HIS B CB  1 
ATOM   71  C CG  . HIS A 1 12  ? -5.687  -9.361  -12.101 1.00 128.81 ? 12  HIS B CG  1 
ATOM   72  N ND1 . HIS A 1 12  ? -5.571  -9.082  -13.446 1.00 130.63 ? 12  HIS B ND1 1 
ATOM   73  C CD2 . HIS A 1 12  ? -5.510  -10.695 -11.981 1.00 125.48 ? 12  HIS B CD2 1 
ATOM   74  C CE1 . HIS A 1 12  ? -5.326  -10.200 -14.107 1.00 128.55 ? 12  HIS B CE1 1 
ATOM   75  N NE2 . HIS A 1 12  ? -5.285  -11.194 -13.239 1.00 128.13 ? 12  HIS B NE2 1 
ATOM   76  N N   . PRO A 1 13  ? -7.528  -10.878 -9.351  1.00 132.56 ? 13  PRO B N   1 
ATOM   77  C CA  . PRO A 1 13  ? -7.278  -11.972 -8.390  1.00 134.59 ? 13  PRO B CA  1 
ATOM   78  C C   . PRO A 1 13  ? -5.822  -12.475 -8.337  1.00 136.51 ? 13  PRO B C   1 
ATOM   79  O O   . PRO A 1 13  ? -5.250  -12.595 -7.253  1.00 139.72 ? 13  PRO B O   1 
ATOM   80  C CB  . PRO A 1 13  ? -8.231  -13.088 -8.851  1.00 132.53 ? 13  PRO B CB  1 
ATOM   81  C CG  . PRO A 1 13  ? -8.645  -12.731 -10.232 1.00 128.78 ? 13  PRO B CG  1 
ATOM   82  C CD  . PRO A 1 13  ? -8.564  -11.244 -10.337 1.00 129.75 ? 13  PRO B CD  1 
ATOM   83  N N   . ILE A 1 14  ? -5.253  -12.799 -9.496  1.00 133.80 ? 14  ILE B N   1 
ATOM   84  C CA  . ILE A 1 14  ? -3.814  -13.135 -9.626  1.00 130.30 ? 14  ILE B CA  1 
ATOM   85  C C   . ILE A 1 14  ? -2.868  -12.084 -8.995  1.00 123.68 ? 14  ILE B C   1 
ATOM   86  O O   . ILE A 1 14  ? -1.838  -12.455 -8.431  1.00 122.27 ? 14  ILE B O   1 
ATOM   87  C CB  . ILE A 1 14  ? -3.391  -13.440 -11.096 1.00 122.91 ? 14  ILE B CB  1 
ATOM   88  C CG1 . ILE A 1 14  ? -4.305  -14.515 -11.717 1.00 122.36 ? 14  ILE B CG1 1 
ATOM   89  C CG2 . ILE A 1 14  ? -1.945  -13.929 -11.150 1.00 122.72 ? 14  ILE B CG2 1 
ATOM   90  C CD1 . ILE A 1 14  ? -3.914  -15.004 -13.097 1.00 121.31 ? 14  ILE B CD1 1 
ATOM   91  N N   . VAL A 1 15  ? -3.212  -10.798 -9.067  1.00 121.13 ? 15  VAL B N   1 
ATOM   92  C CA  . VAL A 1 15  ? -2.427  -9.758  -8.385  1.00 123.64 ? 15  VAL B CA  1 
ATOM   93  C C   . VAL A 1 15  ? -2.529  -9.924  -6.874  1.00 125.06 ? 15  VAL B C   1 
ATOM   94  O O   . VAL A 1 15  ? -1.524  -9.804  -6.171  1.00 128.81 ? 15  VAL B O   1 
ATOM   95  C CB  . VAL A 1 15  ? -2.854  -8.325  -8.785  1.00 129.85 ? 15  VAL B CB  1 
ATOM   96  C CG1 . VAL A 1 15  ? -2.186  -7.271  -7.898  1.00 129.07 ? 15  VAL B CG1 1 
ATOM   97  C CG2 . VAL A 1 15  ? -2.512  -8.065  -10.246 1.00 128.16 ? 15  VAL B CG2 1 
ATOM   98  N N   . LEU A 1 16  ? -3.744  -10.179 -6.386  1.00 132.13 ? 16  LEU B N   1 
ATOM   99  C CA  . LEU A 1 16  ? -3.979  -10.485 -4.962  1.00 129.39 ? 16  LEU B CA  1 
ATOM   100 C C   . LEU A 1 16  ? -3.244  -11.750 -4.531  1.00 128.90 ? 16  LEU B C   1 
ATOM   101 O O   . LEU A 1 16  ? -2.661  -11.792 -3.445  1.00 122.75 ? 16  LEU B O   1 
ATOM   102 C CB  . LEU A 1 16  ? -5.473  -10.650 -4.675  1.00 124.04 ? 16  LEU B CB  1 
ATOM   103 C CG  . LEU A 1 16  ? -6.307  -9.377  -4.777  1.00 123.63 ? 16  LEU B CG  1 
ATOM   104 C CD1 . LEU A 1 16  ? -7.758  -9.693  -5.110  1.00 126.34 ? 16  LEU B CD1 1 
ATOM   105 C CD2 . LEU A 1 16  ? -6.198  -8.596  -3.479  1.00 123.72 ? 16  LEU B CD2 1 
ATOM   106 N N   . PHE A 1 17  ? -3.293  -12.772 -5.386  1.00 129.29 ? 17  PHE B N   1 
ATOM   107 C CA  . PHE A 1 17  ? -2.532  -14.009 -5.197  1.00 133.11 ? 17  PHE B CA  1 
ATOM   108 C C   . PHE A 1 17  ? -1.026  -13.745 -5.134  1.00 135.23 ? 17  PHE B C   1 
ATOM   109 O O   . PHE A 1 17  ? -0.338  -14.300 -4.276  1.00 140.91 ? 17  PHE B O   1 
ATOM   110 C CB  . PHE A 1 17  ? -2.844  -14.998 -6.325  1.00 135.16 ? 17  PHE B CB  1 
ATOM   111 C CG  . PHE A 1 17  ? -2.037  -16.264 -6.270  1.00 140.41 ? 17  PHE B CG  1 
ATOM   112 C CD1 . PHE A 1 17  ? -2.276  -17.211 -5.283  1.00 140.11 ? 17  PHE B CD1 1 
ATOM   113 C CD2 . PHE A 1 17  ? -1.036  -16.513 -7.208  1.00 149.72 ? 17  PHE B CD2 1 
ATOM   114 C CE1 . PHE A 1 17  ? -1.535  -18.382 -5.228  1.00 145.01 ? 17  PHE B CE1 1 
ATOM   115 C CE2 . PHE A 1 17  ? -0.293  -17.685 -7.157  1.00 150.95 ? 17  PHE B CE2 1 
ATOM   116 C CZ  . PHE A 1 17  ? -0.541  -18.621 -6.167  1.00 148.95 ? 17  PHE B CZ  1 
ATOM   117 N N   . GLY A 1 18  ? -0.532  -12.902 -6.042  1.00 132.73 ? 18  GLY B N   1 
ATOM   118 C CA  . GLY A 1 18  ? 0.874   -12.507 -6.072  1.00 125.70 ? 18  GLY B CA  1 
ATOM   119 C C   . GLY A 1 18  ? 1.309   -11.781 -4.812  1.00 120.08 ? 18  GLY B C   1 
ATOM   120 O O   . GLY A 1 18  ? 2.218   -12.233 -4.121  1.00 121.58 ? 18  GLY B O   1 
ATOM   121 N N   . ILE A 1 19  ? 0.640   -10.675 -4.499  1.00 116.72 ? 19  ILE B N   1 
ATOM   122 C CA  . ILE A 1 19  ? 0.966   -9.880  -3.307  1.00 124.44 ? 19  ILE B CA  1 
ATOM   123 C C   . ILE A 1 19  ? 0.948   -10.751 -2.042  1.00 132.77 ? 19  ILE B C   1 
ATOM   124 O O   . ILE A 1 19  ? 1.790   -10.582 -1.158  1.00 141.05 ? 19  ILE B O   1 
ATOM   125 C CB  . ILE A 1 19  ? 0.006   -8.674  -3.128  1.00 127.15 ? 19  ILE B CB  1 
ATOM   126 C CG1 . ILE A 1 19  ? 0.206   -7.645  -4.249  1.00 133.17 ? 19  ILE B CG1 1 
ATOM   127 C CG2 . ILE A 1 19  ? 0.227   -7.993  -1.775  1.00 125.68 ? 19  ILE B CG2 1 
ATOM   128 C CD1 . ILE A 1 19  ? -0.931  -6.653  -4.394  1.00 134.17 ? 19  ILE B CD1 1 
ATOM   129 N N   . ARG A 1 20  ? -0.007  -11.676 -1.968  1.00 141.90 ? 20  ARG B N   1 
ATOM   130 C CA  . ARG A 1 20  ? -0.139  -12.573 -0.820  1.00 141.79 ? 20  ARG B CA  1 
ATOM   131 C C   . ARG A 1 20  ? 1.031   -13.552 -0.749  1.00 138.05 ? 20  ARG B C   1 
ATOM   132 O O   . ARG A 1 20  ? 1.696   -13.636 0.283   1.00 146.38 ? 20  ARG B O   1 
ATOM   133 C CB  . ARG A 1 20  ? -1.461  -13.343 -0.889  1.00 143.01 ? 20  ARG B CB  1 
ATOM   134 C CG  . ARG A 1 20  ? -1.875  -14.039 0.404   1.00 140.20 ? 20  ARG B CG  1 
ATOM   135 C CD  . ARG A 1 20  ? -2.425  -15.434 0.136   1.00 134.15 ? 20  ARG B CD  1 
ATOM   136 N NE  . ARG A 1 20  ? -3.496  -15.427 -0.863  1.00 125.33 ? 20  ARG B NE  1 
ATOM   137 C CZ  . ARG A 1 20  ? -3.863  -16.464 -1.621  1.00 127.02 ? 20  ARG B CZ  1 
ATOM   138 N NH1 . ARG A 1 20  ? -3.260  -17.651 -1.527  1.00 125.67 ? 20  ARG B NH1 1 
ATOM   139 N NH2 . ARG A 1 20  ? -4.857  -16.308 -2.494  1.00 130.97 ? 20  ARG B NH2 1 
ATOM   140 N N   . LYS A 1 21  ? 1.287   -14.269 -1.846  1.00 137.29 ? 21  LYS B N   1 
ATOM   141 C CA  . LYS A 1 21  ? 2.370   -15.272 -1.905  1.00 136.70 ? 21  LYS B CA  1 
ATOM   142 C C   . LYS A 1 21  ? 3.773   -14.686 -1.679  1.00 144.46 ? 21  LYS B C   1 
ATOM   143 O O   . LYS A 1 21  ? 4.663   -15.396 -1.206  1.00 151.03 ? 21  LYS B O   1 
ATOM   144 C CB  . LYS A 1 21  ? 2.324   -16.045 -3.218  1.00 130.68 ? 21  LYS B CB  1 
ATOM   145 N N   . SER A 1 22  ? 3.965   -13.407 -2.007  1.00 150.96 ? 22  SER B N   1 
ATOM   146 C CA  . SER A 1 22  ? 5.217   -12.698 -1.696  1.00 150.33 ? 22  SER B CA  1 
ATOM   147 C C   . SER A 1 22  ? 5.402   -12.416 -0.191  1.00 152.51 ? 22  SER B C   1 
ATOM   148 O O   . SER A 1 22  ? 6.531   -12.226 0.266   1.00 165.63 ? 22  SER B O   1 
ATOM   149 C CB  . SER A 1 22  ? 5.319   -11.394 -2.501  1.00 146.79 ? 22  SER B CB  1 
ATOM   150 O OG  . SER A 1 22  ? 4.405   -10.416 -2.043  1.00 147.54 ? 22  SER B OG  1 
ATOM   151 N N   . LEU A 1 23  ? 4.302   -12.390 0.562   1.00 149.86 ? 23  LEU B N   1 
ATOM   152 C CA  . LEU A 1 23  ? 4.322   -12.218 2.025   1.00 152.20 ? 23  LEU B CA  1 
ATOM   153 C C   . LEU A 1 23  ? 4.174   -13.547 2.797   1.00 154.09 ? 23  LEU B C   1 
ATOM   154 O O   . LEU A 1 23  ? 4.080   -13.540 4.030   1.00 147.93 ? 23  LEU B O   1 
ATOM   155 C CB  . LEU A 1 23  ? 3.212   -11.236 2.448   1.00 153.04 ? 23  LEU B CB  1 
ATOM   156 C CG  . LEU A 1 23  ? 3.442   -9.722  2.306   1.00 150.06 ? 23  LEU B CG  1 
ATOM   157 C CD1 . LEU A 1 23  ? 4.259   -9.335  1.084   1.00 152.17 ? 23  LEU B CD1 1 
ATOM   158 C CD2 . LEU A 1 23  ? 2.101   -9.000  2.291   1.00 149.27 ? 23  LEU B CD2 1 
ATOM   159 N N   . GLU A 1 24  ? 4.175   -14.676 2.082   1.00 158.32 ? 24  GLU B N   1 
ATOM   160 C CA  . GLU A 1 24  ? 3.903   -15.994 2.669   1.00 165.24 ? 24  GLU B CA  1 
ATOM   161 C C   . GLU A 1 24  ? 5.078   -16.497 3.508   1.00 166.74 ? 24  GLU B C   1 
ATOM   162 O O   . GLU A 1 24  ? 4.892   -16.932 4.649   1.00 158.53 ? 24  GLU B O   1 
ATOM   163 C CB  . GLU A 1 24  ? 3.587   -17.011 1.564   1.00 170.65 ? 24  GLU B CB  1 
ATOM   164 C CG  . GLU A 1 24  ? 3.058   -18.353 2.059   1.00 174.67 ? 24  GLU B CG  1 
ATOM   165 C CD  . GLU A 1 24  ? 2.793   -19.348 0.940   1.00 176.22 ? 24  GLU B CD  1 
ATOM   166 O OE1 . GLU A 1 24  ? 3.594   -19.418 -0.020  1.00 173.61 ? 24  GLU B OE1 1 
ATOM   167 O OE2 . GLU A 1 24  ? 1.785   -20.080 1.031   1.00 181.79 ? 24  GLU B OE2 1 
ATOM   168 N N   . GLN A 1 25  ? 6.278   -16.432 2.929   1.00 170.66 ? 25  GLN B N   1 
ATOM   169 C CA  . GLN A 1 25  ? 7.516   -16.851 3.603   1.00 169.42 ? 25  GLN B CA  1 
ATOM   170 C C   . GLN A 1 25  ? 7.867   -16.016 4.844   1.00 172.04 ? 25  GLN B C   1 
ATOM   171 O O   . GLN A 1 25  ? 8.620   -16.478 5.703   1.00 182.01 ? 25  GLN B O   1 
ATOM   172 C CB  . GLN A 1 25  ? 8.680   -16.838 2.621   1.00 165.15 ? 25  GLN B CB  1 
ATOM   173 N N   . ILE A 1 26  ? 7.325   -14.800 4.934   1.00 169.92 ? 26  ILE B N   1 
ATOM   174 C CA  . ILE A 1 26  ? 7.525   -13.929 6.093   1.00 168.73 ? 26  ILE B CA  1 
ATOM   175 C C   . ILE A 1 26  ? 6.640   -14.418 7.248   1.00 177.06 ? 26  ILE B C   1 
ATOM   176 O O   . ILE A 1 26  ? 5.413   -14.317 7.176   1.00 181.68 ? 26  ILE B O   1 
ATOM   177 C CB  . ILE A 1 26  ? 7.188   -12.454 5.758   1.00 164.32 ? 26  ILE B CB  1 
ATOM   178 C CG1 . ILE A 1 26  ? 8.045   -11.945 4.590   1.00 166.41 ? 26  ILE B CG1 1 
ATOM   179 C CG2 . ILE A 1 26  ? 7.409   -11.557 6.969   1.00 159.44 ? 26  ILE B CG2 1 
ATOM   180 C CD1 . ILE A 1 26  ? 7.470   -10.729 3.897   1.00 168.54 ? 26  ILE B CD1 1 
ATOM   181 N N   . GLU A 1 27  ? 7.269   -14.945 8.301   1.00 182.81 ? 27  GLU B N   1 
ATOM   182 C CA  . GLU A 1 27  ? 6.544   -15.469 9.476   1.00 187.57 ? 27  GLU B CA  1 
ATOM   183 C C   . GLU A 1 27  ? 5.816   -14.386 10.273  1.00 181.99 ? 27  GLU B C   1 
ATOM   184 O O   . GLU A 1 27  ? 4.695   -14.603 10.735  1.00 191.49 ? 27  GLU B O   1 
ATOM   185 C CB  . GLU A 1 27  ? 7.479   -16.261 10.413  1.00 193.21 ? 27  GLU B CB  1 
ATOM   186 C CG  . GLU A 1 27  ? 7.425   -17.773 10.235  1.00 198.01 ? 27  GLU B CG  1 
ATOM   187 C CD  . GLU A 1 27  ? 6.257   -18.418 10.967  1.00 203.60 ? 27  GLU B CD  1 
ATOM   188 O OE1 . GLU A 1 27  ? 6.503   -19.208 11.904  1.00 211.26 ? 27  GLU B OE1 1 
ATOM   189 O OE2 . GLU A 1 27  ? 5.091   -18.136 10.615  1.00 206.21 ? 27  GLU B OE2 1 
ATOM   190 N N   . TRP A 1 28  ? 6.452   -13.226 10.424  1.00 175.73 ? 28  TRP B N   1 
ATOM   191 C CA  . TRP A 1 28  ? 5.871   -12.107 11.190  1.00 178.51 ? 28  TRP B CA  1 
ATOM   192 C C   . TRP A 1 28  ? 4.721   -11.342 10.494  1.00 177.15 ? 28  TRP B C   1 
ATOM   193 O O   . TRP A 1 28  ? 4.153   -10.429 11.094  1.00 168.83 ? 28  TRP B O   1 
ATOM   194 C CB  . TRP A 1 28  ? 6.969   -11.133 11.669  1.00 183.26 ? 28  TRP B CB  1 
ATOM   195 C CG  . TRP A 1 28  ? 7.747   -10.429 10.582  1.00 189.98 ? 28  TRP B CG  1 
ATOM   196 C CD1 . TRP A 1 28  ? 8.870   -10.884 9.947   1.00 190.79 ? 28  TRP B CD1 1 
ATOM   197 C CD2 . TRP A 1 28  ? 7.478   -9.134  10.033  1.00 193.09 ? 28  TRP B CD2 1 
ATOM   198 N NE1 . TRP A 1 28  ? 9.303   -9.963  9.024   1.00 192.81 ? 28  TRP B NE1 1 
ATOM   199 C CE2 . TRP A 1 28  ? 8.467   -8.878  9.055   1.00 192.92 ? 28  TRP B CE2 1 
ATOM   200 C CE3 . TRP A 1 28  ? 6.491   -8.167  10.264  1.00 192.83 ? 28  TRP B CE3 1 
ATOM   201 C CZ2 . TRP A 1 28  ? 8.499   -7.694  8.310   1.00 190.72 ? 28  TRP B CZ2 1 
ATOM   202 C CZ3 . TRP A 1 28  ? 6.522   -6.989  9.522   1.00 191.44 ? 28  TRP B CZ3 1 
ATOM   203 C CH2 . TRP A 1 28  ? 7.522   -6.764  8.558   1.00 192.34 ? 28  TRP B CH2 1 
ATOM   204 N N   . VAL A 1 29  ? 4.375   -11.718 9.257   1.00 181.04 ? 29  VAL B N   1 
ATOM   205 C CA  . VAL A 1 29  ? 3.266   -11.109 8.504   1.00 181.03 ? 29  VAL B CA  1 
ATOM   206 C C   . VAL A 1 29  ? 2.091   -12.088 8.396   1.00 175.85 ? 29  VAL B C   1 
ATOM   207 O O   . VAL A 1 29  ? 2.254   -13.198 7.885   1.00 168.06 ? 29  VAL B O   1 
ATOM   208 C CB  . VAL A 1 29  ? 3.733   -10.685 7.089   1.00 183.03 ? 29  VAL B CB  1 
ATOM   209 C CG1 . VAL A 1 29  ? 2.557   -10.319 6.184   1.00 182.71 ? 29  VAL B CG1 1 
ATOM   210 C CG2 . VAL A 1 29  ? 4.701   -9.512  7.186   1.00 185.07 ? 29  VAL B CG2 1 
ATOM   211 N N   . ASN A 1 30  ? 0.919   -11.657 8.871   1.00 173.58 ? 30  ASN B N   1 
ATOM   212 C CA  . ASN A 1 30  ? -0.335  -12.413 8.753   1.00 173.20 ? 30  ASN B CA  1 
ATOM   213 C C   . ASN A 1 30  ? -1.284  -11.674 7.807   1.00 169.32 ? 30  ASN B C   1 
ATOM   214 O O   . ASN A 1 30  ? -1.488  -10.471 7.959   1.00 158.34 ? 30  ASN B O   1 
ATOM   215 C CB  . ASN A 1 30  ? -0.976  -12.580 10.122  1.00 172.38 ? 30  ASN B CB  1 
ATOM   216 N N   . VAL A 1 31  ? -1.866  -12.390 6.843   1.00 172.23 ? 31  VAL B N   1 
ATOM   217 C CA  . VAL A 1 31  ? -2.751  -11.783 5.834   1.00 176.21 ? 31  VAL B CA  1 
ATOM   218 C C   . VAL A 1 31  ? -4.203  -11.857 6.313   1.00 169.30 ? 31  VAL B C   1 
ATOM   219 O O   . VAL A 1 31  ? -4.712  -12.951 6.570   1.00 175.57 ? 31  VAL B O   1 
ATOM   220 C CB  . VAL A 1 31  ? -2.621  -12.478 4.456   1.00 178.62 ? 31  VAL B CB  1 
ATOM   221 C CG1 . VAL A 1 31  ? -3.384  -11.700 3.386   1.00 178.26 ? 31  VAL B CG1 1 
ATOM   222 C CG2 . VAL A 1 31  ? -1.155  -12.623 4.058   1.00 180.11 ? 31  VAL B CG2 1 
ATOM   223 N N   . VAL A 1 32  ? -4.868  -10.702 6.402   1.00 155.92 ? 32  VAL B N   1 
ATOM   224 C CA  . VAL A 1 32  ? -6.196  -10.601 7.036   1.00 154.87 ? 32  VAL B CA  1 
ATOM   225 C C   . VAL A 1 32  ? -7.343  -10.174 6.103   1.00 157.24 ? 32  VAL B C   1 
ATOM   226 O O   . VAL A 1 32  ? -8.448  -9.896  6.579   1.00 161.71 ? 32  VAL B O   1 
ATOM   227 C CB  . VAL A 1 32  ? -6.158  -9.657  8.272   1.00 151.61 ? 32  VAL B CB  1 
ATOM   228 C CG1 . VAL A 1 32  ? -5.003  -10.030 9.190   1.00 153.82 ? 32  VAL B CG1 1 
ATOM   229 C CG2 . VAL A 1 32  ? -6.067  -8.188  7.869   1.00 151.08 ? 32  VAL B CG2 1 
ATOM   230 N N   . GLY A 1 33  ? -7.103  -10.127 4.793   1.00 157.80 ? 33  GLY B N   1 
ATOM   231 C CA  . GLY A 1 33  ? -8.153  -9.737  3.846   1.00 152.88 ? 33  GLY B CA  1 
ATOM   232 C C   . GLY A 1 33  ? -7.673  -9.505  2.425   1.00 146.04 ? 33  GLY B C   1 
ATOM   233 O O   . GLY A 1 33  ? -6.559  -9.028  2.208   1.00 144.37 ? 33  GLY B O   1 
ATOM   234 N N   . GLU A 1 34  ? -8.527  -9.846  1.461   1.00 140.37 ? 34  GLU B N   1 
ATOM   235 C CA  . GLU A 1 34  ? -8.248  -9.648  0.040   1.00 138.46 ? 34  GLU B CA  1 
ATOM   236 C C   . GLU A 1 34  ? -9.494  -9.122  -0.653  1.00 139.72 ? 34  GLU B C   1 
ATOM   237 O O   . GLU A 1 34  ? -10.408 -9.884  -0.967  1.00 144.69 ? 34  GLU B O   1 
ATOM   238 C CB  . GLU A 1 34  ? -7.797  -10.954 -0.613  1.00 133.29 ? 34  GLU B CB  1 
ATOM   239 C CG  . GLU A 1 34  ? -6.461  -11.463 -0.097  1.00 129.88 ? 34  GLU B CG  1 
ATOM   240 C CD  . GLU A 1 34  ? -5.901  -12.611 -0.915  1.00 129.31 ? 34  GLU B CD  1 
ATOM   241 O OE1 . GLU A 1 34  ? -6.446  -12.926 -1.994  1.00 127.80 ? 34  GLU B OE1 1 
ATOM   242 O OE2 . GLU A 1 34  ? -4.899  -13.210 -0.469  1.00 130.78 ? 34  GLU B OE2 1 
ATOM   243 N N   . PHE A 1 35  ? -9.513  -7.813  -0.893  1.00 144.64 ? 35  PHE B N   1 
ATOM   244 C CA  . PHE A 1 35  ? -10.677 -7.123  -1.439  1.00 147.48 ? 35  PHE B CA  1 
ATOM   245 C C   . PHE A 1 35  ? -10.470 -6.759  -2.907  1.00 147.52 ? 35  PHE B C   1 
ATOM   246 O O   . PHE A 1 35  ? -9.379  -6.358  -3.297  1.00 157.49 ? 35  PHE B O   1 
ATOM   247 C CB  . PHE A 1 35  ? -10.959 -5.883  -0.597  1.00 146.42 ? 35  PHE B CB  1 
ATOM   248 C CG  . PHE A 1 35  ? -11.242 -6.204  0.838   1.00 147.91 ? 35  PHE B CG  1 
ATOM   249 C CD1 . PHE A 1 35  ? -12.528 -6.536  1.244   1.00 158.08 ? 35  PHE B CD1 1 
ATOM   250 C CD2 . PHE A 1 35  ? -10.221 -6.222  1.774   1.00 146.70 ? 35  PHE B CD2 1 
ATOM   251 C CE1 . PHE A 1 35  ? -12.796 -6.855  2.565   1.00 159.99 ? 35  PHE B CE1 1 
ATOM   252 C CE2 . PHE A 1 35  ? -10.480 -6.539  3.099   1.00 154.07 ? 35  PHE B CE2 1 
ATOM   253 C CZ  . PHE A 1 35  ? -11.770 -6.855  3.495   1.00 158.98 ? 35  PHE B CZ  1 
ATOM   254 N N   . GLU A 1 36  ? -11.524 -6.919  -3.711  1.00 147.39 ? 36  GLU B N   1 
ATOM   255 C CA  . GLU A 1 36  ? -11.489 -6.628  -5.152  1.00 140.81 ? 36  GLU B CA  1 
ATOM   256 C C   . GLU A 1 36  ? -12.260 -5.369  -5.554  1.00 141.48 ? 36  GLU B C   1 
ATOM   257 O O   . GLU A 1 36  ? -12.334 -5.049  -6.742  1.00 150.87 ? 36  GLU B O   1 
ATOM   258 C CB  . GLU A 1 36  ? -12.018 -7.825  -5.937  1.00 138.81 ? 36  GLU B CB  1 
ATOM   259 C CG  . GLU A 1 36  ? -11.116 -9.040  -5.842  1.00 143.23 ? 36  GLU B CG  1 
ATOM   260 C CD  . GLU A 1 36  ? -11.699 -10.260 -6.527  1.00 148.52 ? 36  GLU B CD  1 
ATOM   261 O OE1 . GLU A 1 36  ? -12.334 -10.113 -7.594  1.00 152.59 ? 36  GLU B OE1 1 
ATOM   262 O OE2 . GLU A 1 36  ? -11.513 -11.376 -5.998  1.00 150.61 ? 36  GLU B OE2 1 
ATOM   263 N N   . ASP A 1 37  ? -12.843 -4.669  -4.583  1.00 141.32 ? 37  ASP B N   1 
ATOM   264 C CA  . ASP A 1 37  ? -13.408 -3.343  -4.825  1.00 147.07 ? 37  ASP B CA  1 
ATOM   265 C C   . ASP A 1 37  ? -13.354 -2.515  -3.552  1.00 144.62 ? 37  ASP B C   1 
ATOM   266 O O   . ASP A 1 37  ? -13.353 -3.062  -2.449  1.00 144.94 ? 37  ASP B O   1 
ATOM   267 C CB  . ASP A 1 37  ? -14.844 -3.437  -5.356  1.00 153.58 ? 37  ASP B CB  1 
ATOM   268 C CG  . ASP A 1 37  ? -15.816 -4.005  -4.339  1.00 153.14 ? 37  ASP B CG  1 
ATOM   269 O OD1 . ASP A 1 37  ? -15.867 -5.241  -4.177  1.00 159.13 ? 37  ASP B OD1 1 
ATOM   270 O OD2 . ASP A 1 37  ? -16.535 -3.209  -3.705  1.00 150.95 ? 37  ASP B OD2 1 
ATOM   271 N N   . SER A 1 38  ? -13.305 -1.197  -3.722  1.00 150.61 ? 38  SER B N   1 
ATOM   272 C CA  . SER A 1 38  ? -13.215 -0.266  -2.599  1.00 159.14 ? 38  SER B CA  1 
ATOM   273 C C   . SER A 1 38  ? -14.403 -0.372  -1.638  1.00 162.69 ? 38  SER B C   1 
ATOM   274 O O   . SER A 1 38  ? -14.222 -0.231  -0.431  1.00 166.39 ? 38  SER B O   1 
ATOM   275 C CB  . SER A 1 38  ? -13.068 1.174   -3.105  1.00 165.72 ? 38  SER B CB  1 
ATOM   276 O OG  . SER A 1 38  ? -14.086 1.499   -4.036  1.00 175.09 ? 38  SER B OG  1 
ATOM   277 N N   . THR A 1 39  ? -15.599 -0.643  -2.164  1.00 162.48 ? 39  THR B N   1 
ATOM   278 C CA  . THR A 1 39  ? -16.815 -0.723  -1.339  1.00 160.73 ? 39  THR B CA  1 
ATOM   279 C C   . THR A 1 39  ? -16.721 -1.833  -0.286  1.00 154.10 ? 39  THR B C   1 
ATOM   280 O O   . THR A 1 39  ? -17.037 -1.607  0.881   1.00 154.18 ? 39  THR B O   1 
ATOM   281 C CB  . THR A 1 39  ? -18.091 -0.930  -2.192  1.00 159.41 ? 39  THR B CB  1 
ATOM   282 O OG1 . THR A 1 39  ? -17.995 -0.178  -3.409  1.00 154.16 ? 39  THR B OG1 1 
ATOM   283 C CG2 . THR A 1 39  ? -19.335 -0.496  -1.426  1.00 159.53 ? 39  THR B CG2 1 
ATOM   284 N N   . ALA A 1 40  ? -16.278 -3.017  -0.708  1.00 150.00 ? 40  ALA B N   1 
ATOM   285 C CA  . ALA A 1 40  ? -16.072 -4.157  0.196   1.00 149.32 ? 40  ALA B CA  1 
ATOM   286 C C   . ALA A 1 40  ? -15.018 -3.839  1.254   1.00 149.52 ? 40  ALA B C   1 
ATOM   287 O O   . ALA A 1 40  ? -15.240 -4.068  2.446   1.00 151.20 ? 40  ALA B O   1 
ATOM   288 C CB  . ALA A 1 40  ? -15.664 -5.397  -0.589  1.00 147.89 ? 40  ALA B CB  1 
ATOM   289 N N   . LEU A 1 41  ? -13.881 -3.314  0.796   1.00 145.57 ? 41  LEU B N   1 
ATOM   290 C CA  . LEU A 1 41  ? -12.792 -2.873  1.672   1.00 145.42 ? 41  LEU B CA  1 
ATOM   291 C C   . LEU A 1 41  ? -13.252 -1.829  2.689   1.00 146.47 ? 41  LEU B C   1 
ATOM   292 O O   . LEU A 1 41  ? -12.956 -1.956  3.875   1.00 153.17 ? 41  LEU B O   1 
ATOM   293 C CB  . LEU A 1 41  ? -11.638 -2.298  0.840   1.00 147.10 ? 41  LEU B CB  1 
ATOM   294 C CG  . LEU A 1 41  ? -10.436 -1.705  1.590   1.00 144.66 ? 41  LEU B CG  1 
ATOM   295 C CD1 . LEU A 1 41  ? -9.644  -2.805  2.279   1.00 144.97 ? 41  LEU B CD1 1 
ATOM   296 C CD2 . LEU A 1 41  ? -9.552  -0.916  0.641   1.00 143.42 ? 41  LEU B CD2 1 
ATOM   297 N N   . ILE A 1 42  ? -13.958 -0.803  2.217   1.00 145.22 ? 42  ILE B N   1 
ATOM   298 C CA  . ILE A 1 42  ? -14.458 0.272   3.088   1.00 152.56 ? 42  ILE B CA  1 
ATOM   299 C C   . ILE A 1 42  ? -15.413 -0.270  4.161   1.00 159.99 ? 42  ILE B C   1 
ATOM   300 O O   . ILE A 1 42  ? -15.347 0.157   5.315   1.00 161.81 ? 42  ILE B O   1 
ATOM   301 C CB  . ILE A 1 42  ? -15.146 1.402   2.270   1.00 154.23 ? 42  ILE B CB  1 
ATOM   302 C CG1 . ILE A 1 42  ? -14.111 2.182   1.439   1.00 154.49 ? 42  ILE B CG1 1 
ATOM   303 C CG2 . ILE A 1 42  ? -15.933 2.361   3.169   1.00 156.25 ? 42  ILE B CG2 1 
ATOM   304 C CD1 . ILE A 1 42  ? -13.315 3.221   2.198   1.00 154.94 ? 42  ILE B CD1 1 
ATOM   305 N N   . ASN A 1 43  ? -16.287 -1.203  3.778   1.00 162.47 ? 43  ASN B N   1 
ATOM   306 C CA  . ASN A 1 43  ? -17.263 -1.787  4.708   1.00 163.38 ? 43  ASN B CA  1 
ATOM   307 C C   . ASN A 1 43  ? -16.677 -2.794  5.710   1.00 162.48 ? 43  ASN B C   1 
ATOM   308 O O   . ASN A 1 43  ? -17.260 -3.000  6.775   1.00 174.72 ? 43  ASN B O   1 
ATOM   309 C CB  . ASN A 1 43  ? -18.425 -2.433  3.937   1.00 166.63 ? 43  ASN B CB  1 
ATOM   310 C CG  . ASN A 1 43  ? -19.255 -1.417  3.158   1.00 167.34 ? 43  ASN B CG  1 
ATOM   311 O OD1 . ASN A 1 43  ? -19.223 -0.214  3.432   1.00 163.19 ? 43  ASN B OD1 1 
ATOM   312 N ND2 . ASN A 1 43  ? -20.009 -1.906  2.177   1.00 166.51 ? 43  ASN B ND2 1 
ATOM   313 N N   . ASN A 1 44  ? -15.545 -3.415  5.373   1.00 156.38 ? 44  ASN B N   1 
ATOM   314 C CA  . ASN A 1 44  ? -14.839 -4.333  6.285   1.00 152.35 ? 44  ASN B CA  1 
ATOM   315 C C   . ASN A 1 44  ? -13.650 -3.702  7.020   1.00 151.11 ? 44  ASN B C   1 
ATOM   316 O O   . ASN A 1 44  ? -12.998 -4.361  7.831   1.00 145.71 ? 44  ASN B O   1 
ATOM   317 C CB  . ASN A 1 44  ? -14.380 -5.581  5.530   1.00 147.33 ? 44  ASN B CB  1 
ATOM   318 C CG  . ASN A 1 44  ? -15.532 -6.486  5.159   1.00 148.39 ? 44  ASN B CG  1 
ATOM   319 O OD1 . ASN A 1 44  ? -15.579 -7.640  5.576   1.00 154.34 ? 44  ASN B OD1 1 
ATOM   320 N ND2 . ASN A 1 44  ? -16.477 -5.963  4.387   1.00 149.91 ? 44  ASN B ND2 1 
ATOM   321 N N   . LEU A 1 45  ? -13.378 -2.430  6.742   1.00 154.19 ? 45  LEU B N   1 
ATOM   322 C CA  . LEU A 1 45  ? -12.264 -1.712  7.370   1.00 157.34 ? 45  LEU B CA  1 
ATOM   323 C C   . LEU A 1 45  ? -12.503 -1.444  8.873   1.00 162.86 ? 45  LEU B C   1 
ATOM   324 O O   . LEU A 1 45  ? -11.562 -1.550  9.664   1.00 166.52 ? 45  LEU B O   1 
ATOM   325 C CB  . LEU A 1 45  ? -11.956 -0.402  6.611   1.00 155.56 ? 45  LEU B CB  1 
ATOM   326 C CG  . LEU A 1 45  ? -10.499 -0.096  6.234   1.00 154.15 ? 45  LEU B CG  1 
ATOM   327 C CD1 . LEU A 1 45  ? -9.886  -1.179  5.354   1.00 148.44 ? 45  LEU B CD1 1 
ATOM   328 C CD2 . LEU A 1 45  ? -10.419 1.248   5.522   1.00 152.41 ? 45  LEU B CD2 1 
ATOM   329 N N   . PRO A 1 46  ? -13.750 -1.099  9.272   1.00 168.73 ? 46  PRO B N   1 
ATOM   330 C CA  . PRO A 1 46  ? -14.048 -0.946  10.708  1.00 169.65 ? 46  PRO B CA  1 
ATOM   331 C C   . PRO A 1 46  ? -13.986 -2.257  11.501  1.00 166.32 ? 46  PRO B C   1 
ATOM   332 O O   . PRO A 1 46  ? -13.477 -2.268  12.625  1.00 170.12 ? 46  PRO B O   1 
ATOM   333 C CB  . PRO A 1 46  ? -15.479 -0.384  10.721  1.00 169.59 ? 46  PRO B CB  1 
ATOM   334 C CG  . PRO A 1 46  ? -15.691 0.185   9.363   1.00 169.88 ? 46  PRO B CG  1 
ATOM   335 C CD  . PRO A 1 46  ? -14.895 -0.685  8.442   1.00 168.23 ? 46  PRO B CD  1 
ATOM   336 N N   . LYS A 1 47  ? -14.491 -3.340  10.907  1.00 159.48 ? 47  LYS B N   1 
ATOM   337 C CA  . LYS A 1 47  ? -14.544 -4.661  11.556  1.00 154.12 ? 47  LYS B CA  1 
ATOM   338 C C   . LYS A 1 47  ? -13.274 -5.527  11.420  1.00 156.05 ? 47  LYS B C   1 
ATOM   339 O O   . LYS A 1 47  ? -13.287 -6.700  11.813  1.00 145.57 ? 47  LYS B O   1 
ATOM   340 C CB  . LYS A 1 47  ? -15.765 -5.436  11.039  1.00 151.74 ? 47  LYS B CB  1 
ATOM   341 C CG  . LYS A 1 47  ? -15.619 -6.034  9.646   1.00 151.32 ? 47  LYS B CG  1 
ATOM   342 C CD  . LYS A 1 47  ? -16.933 -6.050  8.879   1.00 149.05 ? 47  LYS B CD  1 
ATOM   343 C CE  . LYS A 1 47  ? -18.018 -6.842  9.588   1.00 146.50 ? 47  LYS B CE  1 
ATOM   344 N NZ  . LYS A 1 47  ? -19.204 -7.022  8.711   1.00 146.84 ? 47  LYS B NZ  1 
ATOM   345 N N   . LEU A 1 48  ? -12.206 -4.967  10.844  1.00 164.54 ? 48  LEU B N   1 
ATOM   346 C CA  . LEU A 1 48  ? -10.885 -5.599  10.817  1.00 165.80 ? 48  LEU B CA  1 
ATOM   347 C C   . LEU A 1 48  ? -9.895  -4.737  11.594  1.00 178.10 ? 48  LEU B C   1 
ATOM   348 O O   . LEU A 1 48  ? -9.828  -3.521  11.384  1.00 176.36 ? 48  LEU B O   1 
ATOM   349 C CB  . LEU A 1 48  ? -10.392 -5.762  9.377   1.00 163.71 ? 48  LEU B CB  1 
ATOM   350 C CG  . LEU A 1 48  ? -11.072 -6.835  8.522   1.00 163.78 ? 48  LEU B CG  1 
ATOM   351 C CD1 . LEU A 1 48  ? -10.736 -6.650  7.050   1.00 162.02 ? 48  LEU B CD1 1 
ATOM   352 C CD2 . LEU A 1 48  ? -10.669 -8.227  8.979   1.00 167.74 ? 48  LEU B CD2 1 
ATOM   353 N N   . ASP A 1 49  ? -9.145  -5.369  12.496  1.00 190.55 ? 49  ASP B N   1 
ATOM   354 C CA  . ASP A 1 49  ? -8.025  -4.727  13.180  1.00 192.27 ? 49  ASP B CA  1 
ATOM   355 C C   . ASP A 1 49  ? -6.781  -5.057  12.357  1.00 190.61 ? 49  ASP B C   1 
ATOM   356 O O   . ASP A 1 49  ? -6.253  -6.170  12.430  1.00 187.72 ? 49  ASP B O   1 
ATOM   357 C CB  . ASP A 1 49  ? -7.909  -5.228  14.631  1.00 190.82 ? 49  ASP B CB  1 
ATOM   358 C CG  . ASP A 1 49  ? -7.067  -4.308  15.519  1.00 187.44 ? 49  ASP B CG  1 
ATOM   359 O OD1 . ASP A 1 49  ? -6.274  -3.491  14.998  1.00 181.70 ? 49  ASP B OD1 1 
ATOM   360 O OD2 . ASP A 1 49  ? -7.201  -4.409  16.758  1.00 185.37 ? 49  ASP B OD2 1 
ATOM   361 N N   . ALA A 1 50  ? -6.343  -4.089  11.552  1.00 189.13 ? 50  ALA B N   1 
ATOM   362 C CA  . ALA A 1 50  ? -5.238  -4.274  10.611  1.00 185.70 ? 50  ALA B CA  1 
ATOM   363 C C   . ALA A 1 50  ? -4.248  -3.119  10.688  1.00 182.40 ? 50  ALA B C   1 
ATOM   364 O O   . ALA A 1 50  ? -4.603  -2.002  11.077  1.00 177.59 ? 50  ALA B O   1 
ATOM   365 C CB  . ALA A 1 50  ? -5.772  -4.410  9.196   1.00 183.62 ? 50  ALA B CB  1 
ATOM   366 N N   . HIS A 1 51  ? -3.009  -3.408  10.302  1.00 181.96 ? 51  HIS B N   1 
ATOM   367 C CA  . HIS A 1 51  ? -1.904  -2.455  10.396  1.00 183.91 ? 51  HIS B CA  1 
ATOM   368 C C   . HIS A 1 51  ? -1.519  -1.810  9.056   1.00 173.75 ? 51  HIS B C   1 
ATOM   369 O O   . HIS A 1 51  ? -1.145  -0.634  9.034   1.00 166.86 ? 51  HIS B O   1 
ATOM   370 C CB  . HIS A 1 51  ? -0.696  -3.146  11.036  1.00 193.11 ? 51  HIS B CB  1 
ATOM   371 C CG  . HIS A 1 51  ? -0.968  -3.664  12.416  1.00 198.71 ? 51  HIS B CG  1 
ATOM   372 N ND1 . HIS A 1 51  ? -1.441  -2.857  13.429  1.00 203.16 ? 51  HIS B ND1 1 
ATOM   373 C CD2 . HIS A 1 51  ? -0.844  -4.901  12.952  1.00 200.25 ? 51  HIS B CD2 1 
ATOM   374 C CE1 . HIS A 1 51  ? -1.593  -3.575  14.528  1.00 205.97 ? 51  HIS B CE1 1 
ATOM   375 N NE2 . HIS A 1 51  ? -1.237  -4.819  14.265  1.00 206.06 ? 51  HIS B NE2 1 
ATOM   376 N N   . VAL A 1 52  ? -1.617  -2.564  7.954   1.00 166.39 ? 52  VAL B N   1 
ATOM   377 C CA  . VAL A 1 52  ? -1.189  -2.094  6.628   1.00 160.97 ? 52  VAL B CA  1 
ATOM   378 C C   . VAL A 1 52  ? -2.191  -2.453  5.522   1.00 153.83 ? 52  VAL B C   1 
ATOM   379 O O   . VAL A 1 52  ? -2.673  -3.585  5.454   1.00 141.47 ? 52  VAL B O   1 
ATOM   380 C CB  . VAL A 1 52  ? 0.205   -2.665  6.260   1.00 166.00 ? 52  VAL B CB  1 
ATOM   381 C CG1 . VAL A 1 52  ? 0.598   -2.322  4.821   1.00 166.59 ? 52  VAL B CG1 1 
ATOM   382 C CG2 . VAL A 1 52  ? 1.255   -2.146  7.235   1.00 170.13 ? 52  VAL B CG2 1 
ATOM   383 N N   . LEU A 1 53  ? -2.476  -1.472  4.658   1.00 152.21 ? 53  LEU B N   1 
ATOM   384 C CA  . LEU A 1 53  ? -3.231  -1.675  3.415   1.00 142.45 ? 53  LEU B CA  1 
ATOM   385 C C   . LEU A 1 53  ? -2.290  -1.589  2.212   1.00 133.49 ? 53  LEU B C   1 
ATOM   386 O O   . LEU A 1 53  ? -1.838  -0.504  1.855   1.00 126.30 ? 53  LEU B O   1 
ATOM   387 C CB  . LEU A 1 53  ? -4.347  -0.628  3.280   1.00 141.09 ? 53  LEU B CB  1 
ATOM   388 C CG  . LEU A 1 53  ? -5.085  -0.514  1.936   1.00 139.47 ? 53  LEU B CG  1 
ATOM   389 C CD1 . LEU A 1 53  ? -5.750  -1.828  1.561   1.00 140.26 ? 53  LEU B CD1 1 
ATOM   390 C CD2 . LEU A 1 53  ? -6.104  0.613   1.976   1.00 137.53 ? 53  LEU B CD2 1 
ATOM   391 N N   . ILE A 1 54  ? -1.990  -2.731  1.602   1.00 132.35 ? 54  ILE B N   1 
ATOM   392 C CA  . ILE A 1 54  ? -1.329  -2.759  0.296   1.00 135.88 ? 54  ILE B CA  1 
ATOM   393 C C   . ILE A 1 54  ? -2.413  -2.559  -0.753  1.00 135.11 ? 54  ILE B C   1 
ATOM   394 O O   . ILE A 1 54  ? -3.429  -3.252  -0.728  1.00 136.52 ? 54  ILE B O   1 
ATOM   395 C CB  . ILE A 1 54  ? -0.597  -4.095  0.036   1.00 137.57 ? 54  ILE B CB  1 
ATOM   396 C CG1 . ILE A 1 54  ? 0.538   -4.276  1.049   1.00 135.57 ? 54  ILE B CG1 1 
ATOM   397 C CG2 . ILE A 1 54  ? -0.048  -4.147  -1.394  1.00 138.47 ? 54  ILE B CG2 1 
ATOM   398 C CD1 . ILE A 1 54  ? 1.125   -5.669  1.073   1.00 138.23 ? 54  ILE B CD1 1 
ATOM   399 N N   . THR A 1 55  ? -2.198  -1.626  -1.675  1.00 140.59 ? 55  THR B N   1 
ATOM   400 C CA  . THR A 1 55  ? -3.196  -1.336  -2.699  1.00 146.93 ? 55  THR B CA  1 
ATOM   401 C C   . THR A 1 55  ? -2.625  -0.615  -3.916  1.00 152.31 ? 55  THR B C   1 
ATOM   402 O O   . THR A 1 55  ? -1.668  0.148   -3.813  1.00 154.12 ? 55  THR B O   1 
ATOM   403 C CB  . THR A 1 55  ? -4.366  -0.504  -2.115  1.00 148.83 ? 55  THR B CB  1 
ATOM   404 O OG1 . THR A 1 55  ? -5.371  -0.302  -3.120  1.00 153.28 ? 55  THR B OG1 1 
ATOM   405 C CG2 . THR A 1 55  ? -3.886  0.858   -1.582  1.00 144.98 ? 55  THR B CG2 1 
ATOM   406 N N   . ASP A 1 56  ? -3.247  -0.865  -5.064  1.00 155.55 ? 56  ASP B N   1 
ATOM   407 C CA  . ASP A 1 56  ? -2.998  -0.107  -6.284  1.00 155.36 ? 56  ASP B CA  1 
ATOM   408 C C   . ASP A 1 56  ? -3.746  1.227   -6.168  1.00 159.66 ? 56  ASP B C   1 
ATOM   409 O O   . ASP A 1 56  ? -4.554  1.407   -5.251  1.00 169.94 ? 56  ASP B O   1 
ATOM   410 C CB  . ASP A 1 56  ? -3.516  -0.916  -7.483  1.00 158.10 ? 56  ASP B CB  1 
ATOM   411 C CG  . ASP A 1 56  ? -2.953  -0.451  -8.817  1.00 162.60 ? 56  ASP B CG  1 
ATOM   412 O OD1 . ASP A 1 56  ? -2.133  0.493   -8.860  1.00 171.77 ? 56  ASP B OD1 1 
ATOM   413 O OD2 . ASP A 1 56  ? -3.341  -1.049  -9.843  1.00 160.52 ? 56  ASP B OD2 1 
ATOM   414 N N   . LEU A 1 57  ? -3.475  2.163   -7.077  1.00 161.74 ? 57  LEU B N   1 
ATOM   415 C CA  . LEU A 1 57  ? -4.289  3.383   -7.184  1.00 162.00 ? 57  LEU B CA  1 
ATOM   416 C C   . LEU A 1 57  ? -5.676  3.057   -7.766  1.00 166.63 ? 57  LEU B C   1 
ATOM   417 O O   . LEU A 1 57  ? -6.697  3.321   -7.131  1.00 170.55 ? 57  LEU B O   1 
ATOM   418 C CB  . LEU A 1 57  ? -3.562  4.465   -7.993  1.00 158.18 ? 57  LEU B CB  1 
ATOM   419 C CG  . LEU A 1 57  ? -2.397  5.116   -7.228  1.00 155.76 ? 57  LEU B CG  1 
ATOM   420 C CD1 . LEU A 1 57  ? -1.362  5.721   -8.165  1.00 153.59 ? 57  LEU B CD1 1 
ATOM   421 C CD2 . LEU A 1 57  ? -2.896  6.167   -6.245  1.00 153.11 ? 57  LEU B CD2 1 
ATOM   422 N N   . SER A 1 58  ? -5.708  2.450   -8.950  1.00 167.78 ? 58  SER B N   1 
ATOM   423 C CA  . SER A 1 58  ? -6.967  1.978   -9.537  1.00 171.41 ? 58  SER B CA  1 
ATOM   424 C C   . SER A 1 58  ? -7.490  0.748   -8.783  1.00 178.06 ? 58  SER B C   1 
ATOM   425 O O   . SER A 1 58  ? -6.820  -0.289  -8.759  1.00 172.87 ? 58  SER B O   1 
ATOM   426 C CB  . SER A 1 58  ? -6.774  1.647   -11.009 1.00 172.52 ? 58  SER B CB  1 
ATOM   427 N N   . MET A 1 59  ? -8.672  0.874   -8.171  1.00 186.24 ? 59  MET B N   1 
ATOM   428 C CA  . MET A 1 59  ? -9.318  -0.234  -7.445  1.00 186.68 ? 59  MET B CA  1 
ATOM   429 C C   . MET A 1 59  ? -10.837 -0.209  -7.610  1.00 179.20 ? 59  MET B C   1 
ATOM   430 O O   . MET A 1 59  ? -11.549 0.459   -6.857  1.00 173.98 ? 59  MET B O   1 
ATOM   431 C CB  . MET A 1 59  ? -8.940  -0.194  -5.970  1.00 186.96 ? 59  MET B CB  1 
ATOM   432 N N   . GLY A 1 65  ? -6.189  8.955   -9.963  1.00 173.85 ? 65  GLY B N   1 
ATOM   433 C CA  . GLY A 1 65  ? -7.185  9.983   -9.667  1.00 177.50 ? 65  GLY B CA  1 
ATOM   434 C C   . GLY A 1 65  ? -8.260  9.516   -8.699  1.00 177.87 ? 65  GLY B C   1 
ATOM   435 O O   . GLY A 1 65  ? -8.579  10.216  -7.735  1.00 170.40 ? 65  GLY B O   1 
ATOM   436 N N   . ASP A 1 66  ? -8.822  8.338   -8.972  1.00 180.15 ? 66  ASP B N   1 
ATOM   437 C CA  . ASP A 1 66  ? -9.823  7.706   -8.096  1.00 173.87 ? 66  ASP B CA  1 
ATOM   438 C C   . ASP A 1 66  ? -9.189  7.101   -6.837  1.00 172.92 ? 66  ASP B C   1 
ATOM   439 O O   . ASP A 1 66  ? -9.786  7.144   -5.759  1.00 166.75 ? 66  ASP B O   1 
ATOM   440 C CB  . ASP A 1 66  ? -10.609 6.624   -8.855  1.00 170.01 ? 66  ASP B CB  1 
ATOM   441 C CG  . ASP A 1 66  ? -11.524 7.199   -9.932  1.00 172.09 ? 66  ASP B CG  1 
ATOM   442 O OD1 . ASP A 1 66  ? -11.452 8.415   -10.219 1.00 177.25 ? 66  ASP B OD1 1 
ATOM   443 O OD2 . ASP A 1 66  ? -12.326 6.425   -10.497 1.00 173.04 ? 66  ASP B OD2 1 
ATOM   444 N N   . GLY A 1 67  ? -7.992  6.529   -6.987  1.00 174.14 ? 67  GLY B N   1 
ATOM   445 C CA  . GLY A 1 67  ? -7.217  5.991   -5.865  1.00 168.33 ? 67  GLY B CA  1 
ATOM   446 C C   . GLY A 1 67  ? -6.745  7.015   -4.851  1.00 164.31 ? 67  GLY B C   1 
ATOM   447 O O   . GLY A 1 67  ? -6.587  6.693   -3.673  1.00 171.02 ? 67  GLY B O   1 
ATOM   448 N N   . ILE A 1 68  ? -6.495  8.239   -5.312  1.00 157.09 ? 68  ILE B N   1 
ATOM   449 C CA  . ILE A 1 68  ? -6.165  9.351   -4.420  1.00 158.02 ? 68  ILE B CA  1 
ATOM   450 C C   . ILE A 1 68  ? -7.357  9.714   -3.535  1.00 158.02 ? 68  ILE B C   1 
ATOM   451 O O   . ILE A 1 68  ? -7.182  9.993   -2.349  1.00 161.75 ? 68  ILE B O   1 
ATOM   452 C CB  . ILE A 1 68  ? -5.709  10.565  -5.217  1.00 158.33 ? 68  ILE B CB  1 
ATOM   453 N N   . THR A 1 69  ? -8.557  9.704   -4.117  1.00 159.47 ? 69  THR B N   1 
ATOM   454 C CA  . THR A 1 69  ? -9.799  9.977   -3.381  1.00 164.71 ? 69  THR B CA  1 
ATOM   455 C C   . THR A 1 69  ? -10.057 8.911   -2.309  1.00 161.23 ? 69  THR B C   1 
ATOM   456 O O   . THR A 1 69  ? -10.409 9.238   -1.171  1.00 158.46 ? 69  THR B O   1 
ATOM   457 C CB  . THR A 1 69  ? -11.025 10.050  -4.326  1.00 167.76 ? 69  THR B CB  1 
ATOM   458 O OG1 . THR A 1 69  ? -10.669 10.718  -5.544  1.00 165.83 ? 69  THR B OG1 1 
ATOM   459 C CG2 . THR A 1 69  ? -12.183 10.796  -3.664  1.00 168.48 ? 69  THR B CG2 1 
ATOM   460 N N   . LEU A 1 70  ? -9.885  7.645   -2.695  1.00 160.46 ? 70  LEU B N   1 
ATOM   461 C CA  . LEU A 1 70  ? -9.974  6.495   -1.783  1.00 160.69 ? 70  LEU B CA  1 
ATOM   462 C C   . LEU A 1 70  ? -9.016  6.623   -0.606  1.00 158.91 ? 70  LEU B C   1 
ATOM   463 O O   . LEU A 1 70  ? -9.425  6.512   0.551   1.00 164.29 ? 70  LEU B O   1 
ATOM   464 C CB  . LEU A 1 70  ? -9.664  5.192   -2.534  1.00 160.46 ? 70  LEU B CB  1 
ATOM   465 C CG  . LEU A 1 70  ? -9.584  3.893   -1.721  1.00 161.44 ? 70  LEU B CG  1 
ATOM   466 C CD1 . LEU A 1 70  ? -10.945 3.556   -1.133  1.00 159.75 ? 70  LEU B CD1 1 
ATOM   467 C CD2 . LEU A 1 70  ? -9.061  2.753   -2.579  1.00 162.38 ? 70  LEU B CD2 1 
ATOM   468 N N   . ILE A 1 71  ? -7.741  6.833   -0.921  1.00 155.45 ? 71  ILE B N   1 
ATOM   469 C CA  . ILE A 1 71  ? -6.703  7.023   0.091   1.00 155.28 ? 71  ILE B CA  1 
ATOM   470 C C   . ILE A 1 71  ? -7.053  8.226   0.971   1.00 155.68 ? 71  ILE B C   1 
ATOM   471 O O   . ILE A 1 71  ? -7.059  8.108   2.192   1.00 157.54 ? 71  ILE B O   1 
ATOM   472 C CB  . ILE A 1 71  ? -5.298  7.172   -0.553  1.00 158.17 ? 71  ILE B CB  1 
ATOM   473 C CG1 . ILE A 1 71  ? -4.835  5.817   -1.109  1.00 153.63 ? 71  ILE B CG1 1 
ATOM   474 C CG2 . ILE A 1 71  ? -4.274  7.695   0.455   1.00 163.80 ? 71  ILE B CG2 1 
ATOM   475 C CD1 . ILE A 1 71  ? -3.705  5.898   -2.112  1.00 150.92 ? 71  ILE B CD1 1 
ATOM   476 N N   . LYS A 1 72  ? -7.369  9.359   0.340   1.00 159.02 ? 72  LYS B N   1 
ATOM   477 C CA  . LYS A 1 72  ? -7.764  10.588  1.052   1.00 163.98 ? 72  LYS B CA  1 
ATOM   478 C C   . LYS A 1 72  ? -8.912  10.370  2.044   1.00 166.31 ? 72  LYS B C   1 
ATOM   479 O O   . LYS A 1 72  ? -8.914  10.954  3.131   1.00 163.35 ? 72  LYS B O   1 
ATOM   480 C CB  . LYS A 1 72  ? -8.134  11.686  0.060   1.00 160.94 ? 72  LYS B CB  1 
ATOM   481 N N   . TYR A 1 73  ? -9.878  9.534   1.662   1.00 168.41 ? 73  TYR B N   1 
ATOM   482 C CA  . TYR A 1 73  ? -10.986 9.156   2.546   1.00 172.30 ? 73  TYR B CA  1 
ATOM   483 C C   . TYR A 1 73  ? -10.515 8.256   3.692   1.00 171.10 ? 73  TYR B C   1 
ATOM   484 O O   . TYR A 1 73  ? -10.848 8.505   4.854   1.00 170.12 ? 73  TYR B O   1 
ATOM   485 C CB  . TYR A 1 73  ? -12.098 8.457   1.753   1.00 173.93 ? 73  TYR B CB  1 
ATOM   486 C CG  . TYR A 1 73  ? -13.260 7.985   2.603   1.00 178.42 ? 73  TYR B CG  1 
ATOM   487 C CD1 . TYR A 1 73  ? -14.317 8.842   2.917   1.00 183.81 ? 73  TYR B CD1 1 
ATOM   488 C CD2 . TYR A 1 73  ? -13.303 6.681   3.101   1.00 178.46 ? 73  TYR B CD2 1 
ATOM   489 C CE1 . TYR A 1 73  ? -15.383 8.412   3.700   1.00 186.21 ? 73  TYR B CE1 1 
ATOM   490 C CE2 . TYR A 1 73  ? -14.362 6.245   3.886   1.00 181.05 ? 73  TYR B CE2 1 
ATOM   491 C CZ  . TYR A 1 73  ? -15.399 7.110   4.183   1.00 183.87 ? 73  TYR B CZ  1 
ATOM   492 O OH  . TYR A 1 73  ? -16.452 6.679   4.959   1.00 184.02 ? 73  TYR B OH  1 
ATOM   493 N N   . ILE A 1 74  ? -9.755  7.213   3.355   1.00 168.98 ? 74  ILE B N   1 
ATOM   494 C CA  . ILE A 1 74  ? -9.218  6.262   4.346   1.00 164.90 ? 74  ILE B CA  1 
ATOM   495 C C   . ILE A 1 74  ? -8.345  6.966   5.398   1.00 170.97 ? 74  ILE B C   1 
ATOM   496 O O   . ILE A 1 74  ? -8.367  6.586   6.568   1.00 176.79 ? 74  ILE B O   1 
ATOM   497 C CB  . ILE A 1 74  ? -8.453  5.091   3.660   1.00 158.49 ? 74  ILE B CB  1 
ATOM   498 C CG1 . ILE A 1 74  ? -9.447  4.166   2.941   1.00 158.88 ? 74  ILE B CG1 1 
ATOM   499 C CG2 . ILE A 1 74  ? -7.645  4.271   4.665   1.00 152.60 ? 74  ILE B CG2 1 
ATOM   500 C CD1 . ILE A 1 74  ? -8.813  3.164   1.996   1.00 158.80 ? 74  ILE B CD1 1 
ATOM   501 N N   . LYS A 1 75  ? -7.595  7.987   4.981   1.00 178.23 ? 75  LYS B N   1 
ATOM   502 C CA  . LYS A 1 75  ? -6.783  8.797   5.904   1.00 184.51 ? 75  LYS B CA  1 
ATOM   503 C C   . LYS A 1 75  ? -7.658  9.549   6.909   1.00 182.86 ? 75  LYS B C   1 
ATOM   504 O O   . LYS A 1 75  ? -7.330  9.612   8.095   1.00 183.87 ? 75  LYS B O   1 
ATOM   505 C CB  . LYS A 1 75  ? -5.925  9.815   5.138   1.00 190.58 ? 75  LYS B CB  1 
ATOM   506 C CG  . LYS A 1 75  ? -4.900  9.224   4.173   1.00 194.47 ? 75  LYS B CG  1 
ATOM   507 C CD  . LYS A 1 75  ? -3.492  9.166   4.745   1.00 198.65 ? 75  LYS B CD  1 
ATOM   508 C CE  . LYS A 1 75  ? -3.370  8.141   5.859   1.00 201.39 ? 75  LYS B CE  1 
ATOM   509 N NZ  . LYS A 1 75  ? -1.946  7.894   6.215   1.00 203.22 ? 75  LYS B NZ  1 
ATOM   510 N N   . ARG A 1 76  ? -8.760  10.116  6.419   1.00 180.40 ? 76  ARG B N   1 
ATOM   511 C CA  . ARG A 1 76  ? -9.690  10.890  7.247   1.00 183.39 ? 76  ARG B CA  1 
ATOM   512 C C   . ARG A 1 76  ? -10.367 10.062  8.347   1.00 186.82 ? 76  ARG B C   1 
ATOM   513 O O   . ARG A 1 76  ? -10.536 10.549  9.467   1.00 191.83 ? 76  ARG B O   1 
ATOM   514 C CB  . ARG A 1 76  ? -10.745 11.561  6.374   1.00 182.13 ? 76  ARG B CB  1 
ATOM   515 N N   . HIS A 1 77  ? -10.735 8.821   8.026   1.00 185.41 ? 77  HIS B N   1 
ATOM   516 C CA  . HIS A 1 77  ? -11.538 7.976   8.924   1.00 182.96 ? 77  HIS B CA  1 
ATOM   517 C C   . HIS A 1 77  ? -10.857 6.713   9.469   1.00 182.54 ? 77  HIS B C   1 
ATOM   518 O O   . HIS A 1 77  ? -11.427 6.047   10.334  1.00 183.33 ? 77  HIS B O   1 
ATOM   519 C CB  . HIS A 1 77  ? -12.837 7.596   8.213   1.00 185.66 ? 77  HIS B CB  1 
ATOM   520 C CG  . HIS A 1 77  ? -13.639 8.778   7.771   1.00 191.32 ? 77  HIS B CG  1 
ATOM   521 N ND1 . HIS A 1 77  ? -14.353 9.562   8.651   1.00 196.43 ? 77  HIS B ND1 1 
ATOM   522 C CD2 . HIS A 1 77  ? -13.829 9.321   6.545   1.00 193.22 ? 77  HIS B CD2 1 
ATOM   523 C CE1 . HIS A 1 77  ? -14.955 10.532  7.987   1.00 197.81 ? 77  HIS B CE1 1 
ATOM   524 N NE2 . HIS A 1 77  ? -14.652 10.409  6.707   1.00 198.05 ? 77  HIS B NE2 1 
ATOM   525 N N   . PHE A 1 78  ? -9.667  6.372   8.968   1.00 184.36 ? 78  PHE B N   1 
ATOM   526 C CA  . PHE A 1 78  ? -8.903  5.211   9.456   1.00 184.32 ? 78  PHE B CA  1 
ATOM   527 C C   . PHE A 1 78  ? -7.406  5.557   9.567   1.00 186.46 ? 78  PHE B C   1 
ATOM   528 O O   . PHE A 1 78  ? -6.568  4.929   8.910   1.00 187.99 ? 78  PHE B O   1 
ATOM   529 C CB  . PHE A 1 78  ? -9.119  3.998   8.532   1.00 184.74 ? 78  PHE B CB  1 
ATOM   530 C CG  . PHE A 1 78  ? -10.561 3.607   8.362   1.00 183.91 ? 78  PHE B CG  1 
ATOM   531 C CD1 . PHE A 1 78  ? -11.342 4.188   7.365   1.00 184.58 ? 78  PHE B CD1 1 
ATOM   532 C CD2 . PHE A 1 78  ? -11.143 2.659   9.198   1.00 184.55 ? 78  PHE B CD2 1 
ATOM   533 C CE1 . PHE A 1 78  ? -12.675 3.832   7.207   1.00 186.45 ? 78  PHE B CE1 1 
ATOM   534 C CE2 . PHE A 1 78  ? -12.476 2.300   9.047   1.00 184.03 ? 78  PHE B CE2 1 
ATOM   535 C CZ  . PHE A 1 78  ? -13.242 2.884   8.048   1.00 186.14 ? 78  PHE B CZ  1 
ATOM   536 N N   . PRO A 1 79  ? -7.062  6.557   10.406  1.00 183.00 ? 79  PRO B N   1 
ATOM   537 C CA  . PRO A 1 79  ? -5.670  7.019   10.526  1.00 186.04 ? 79  PRO B CA  1 
ATOM   538 C C   . PRO A 1 79  ? -4.698  6.011   11.159  1.00 192.82 ? 79  PRO B C   1 
ATOM   539 O O   . PRO A 1 79  ? -3.496  6.087   10.897  1.00 200.27 ? 79  PRO B O   1 
ATOM   540 C CB  . PRO A 1 79  ? -5.791  8.269   11.403  1.00 183.37 ? 79  PRO B CB  1 
ATOM   541 C CG  . PRO A 1 79  ? -7.015  8.040   12.213  1.00 181.56 ? 79  PRO B CG  1 
ATOM   542 C CD  . PRO A 1 79  ? -7.959  7.297   11.316  1.00 181.38 ? 79  PRO B CD  1 
ATOM   543 N N   . SER A 1 80  ? -5.212  5.098   11.989  1.00 198.39 ? 80  SER B N   1 
ATOM   544 C CA  . SER A 1 80  ? -4.413  4.001   12.561  1.00 199.17 ? 80  SER B CA  1 
ATOM   545 C C   . SER A 1 80  ? -3.753  3.151   11.473  1.00 201.61 ? 80  SER B C   1 
ATOM   546 O O   . SER A 1 80  ? -2.587  2.766   11.592  1.00 206.92 ? 80  SER B O   1 
ATOM   547 C CB  . SER A 1 80  ? -5.287  3.095   13.438  1.00 200.39 ? 80  SER B CB  1 
ATOM   548 O OG  . SER A 1 80  ? -6.229  3.848   14.194  1.00 207.07 ? 80  SER B OG  1 
ATOM   549 N N   . LEU A 1 81  ? -4.521  2.866   10.422  1.00 200.16 ? 81  LEU B N   1 
ATOM   550 C CA  . LEU A 1 81  ? -4.046  2.111   9.263   1.00 192.61 ? 81  LEU B CA  1 
ATOM   551 C C   . LEU A 1 81  ? -3.044  2.918   8.438   1.00 187.67 ? 81  LEU B C   1 
ATOM   552 O O   . LEU A 1 81  ? -3.250  4.109   8.195   1.00 186.05 ? 81  LEU B O   1 
ATOM   553 C CB  . LEU A 1 81  ? -5.237  1.718   8.381   1.00 191.99 ? 81  LEU B CB  1 
ATOM   554 C CG  . LEU A 1 81  ? -5.003  0.903   7.107   1.00 192.08 ? 81  LEU B CG  1 
ATOM   555 C CD1 . LEU A 1 81  ? -4.298  -0.410  7.403   1.00 192.62 ? 81  LEU B CD1 1 
ATOM   556 C CD2 . LEU A 1 81  ? -6.342  0.660   6.428   1.00 191.63 ? 81  LEU B CD2 1 
ATOM   557 N N   . SER A 1 82  ? -1.964  2.256   8.025   1.00 182.81 ? 82  SER B N   1 
ATOM   558 C CA  . SER A 1 82  ? -0.974  2.818   7.107   1.00 179.00 ? 82  SER B CA  1 
ATOM   559 C C   . SER A 1 82  ? -1.146  2.170   5.734   1.00 173.45 ? 82  SER B C   1 
ATOM   560 O O   . SER A 1 82  ? -1.674  1.061   5.632   1.00 169.69 ? 82  SER B O   1 
ATOM   561 C CB  . SER A 1 82  ? 0.432   2.574   7.646   1.00 182.76 ? 82  SER B CB  1 
ATOM   562 O OG  . SER A 1 82  ? 0.588   3.156   8.929   1.00 184.16 ? 82  SER B OG  1 
ATOM   563 N N   . ILE A 1 83  ? -0.703  2.865   4.684   1.00 168.73 ? 83  ILE B N   1 
ATOM   564 C CA  . ILE A 1 83  ? -0.975  2.455   3.297   1.00 165.84 ? 83  ILE B CA  1 
ATOM   565 C C   . ILE A 1 83  ? 0.309   2.350   2.468   1.00 158.22 ? 83  ILE B C   1 
ATOM   566 O O   . ILE A 1 83  ? 1.088   3.301   2.409   1.00 161.11 ? 83  ILE B O   1 
ATOM   567 C CB  . ILE A 1 83  ? -1.932  3.446   2.584   1.00 166.10 ? 83  ILE B CB  1 
ATOM   568 C CG1 . ILE A 1 83  ? -3.181  3.728   3.434   1.00 166.56 ? 83  ILE B CG1 1 
ATOM   569 C CG2 . ILE A 1 83  ? -2.350  2.901   1.218   1.00 166.97 ? 83  ILE B CG2 1 
ATOM   570 C CD1 . ILE A 1 83  ? -3.964  4.948   2.999   1.00 166.81 ? 83  ILE B CD1 1 
ATOM   571 N N   . ILE A 1 84  ? 0.513   1.196   1.830   1.00 148.77 ? 84  ILE B N   1 
ATOM   572 C CA  . ILE A 1 84  ? 1.532   1.032   0.790   1.00 143.61 ? 84  ILE B CA  1 
ATOM   573 C C   . ILE A 1 84  ? 0.826   1.130   -0.563  1.00 144.03 ? 84  ILE B C   1 
ATOM   574 O O   . ILE A 1 84  ? -0.197  0.476   -0.777  1.00 154.42 ? 84  ILE B O   1 
ATOM   575 C CB  . ILE A 1 84  ? 2.277   -0.317  0.910   1.00 141.24 ? 84  ILE B CB  1 
ATOM   576 C CG1 . ILE A 1 84  ? 3.033   -0.382  2.244   1.00 141.51 ? 84  ILE B CG1 1 
ATOM   577 C CG2 . ILE A 1 84  ? 3.246   -0.510  -0.260  1.00 140.26 ? 84  ILE B CG2 1 
ATOM   578 C CD1 . ILE A 1 84  ? 3.603   -1.746  2.581   1.00 141.06 ? 84  ILE B CD1 1 
ATOM   579 N N   . VAL A 1 85  ? 1.379   1.940   -1.466  1.00 138.49 ? 85  VAL B N   1 
ATOM   580 C CA  . VAL A 1 85  ? 0.794   2.180   -2.784  1.00 132.52 ? 85  VAL B CA  1 
ATOM   581 C C   . VAL A 1 85  ? 1.657   1.551   -3.875  1.00 129.77 ? 85  VAL B C   1 
ATOM   582 O O   . VAL A 1 85  ? 2.816   1.916   -4.038  1.00 132.59 ? 85  VAL B O   1 
ATOM   583 C CB  . VAL A 1 85  ? 0.618   3.694   -3.041  1.00 130.84 ? 85  VAL B CB  1 
ATOM   584 C CG1 . VAL A 1 85  ? 0.300   3.986   -4.508  1.00 133.44 ? 85  VAL B CG1 1 
ATOM   585 C CG2 . VAL A 1 85  ? -0.483  4.238   -2.147  1.00 131.99 ? 85  VAL B CG2 1 
ATOM   586 N N   . LEU A 1 86  ? 1.076   0.617   -4.623  1.00 132.93 ? 86  LEU B N   1 
ATOM   587 C CA  . LEU A 1 86  ? 1.722   0.062   -5.810  1.00 140.38 ? 86  LEU B CA  1 
ATOM   588 C C   . LEU A 1 86  ? 1.408   0.945   -7.014  1.00 149.14 ? 86  LEU B C   1 
ATOM   589 O O   . LEU A 1 86  ? 0.314   1.510   -7.112  1.00 152.60 ? 86  LEU B O   1 
ATOM   590 C CB  . LEU A 1 86  ? 1.250   -1.366  -6.067  1.00 139.49 ? 86  LEU B CB  1 
ATOM   591 C CG  . LEU A 1 86  ? 1.346   -2.333  -4.888  1.00 144.14 ? 86  LEU B CG  1 
ATOM   592 C CD1 . LEU A 1 86  ? 0.904   -3.717  -5.333  1.00 149.78 ? 86  LEU B CD1 1 
ATOM   593 C CD2 . LEU A 1 86  ? 2.754   -2.373  -4.314  1.00 145.23 ? 86  LEU B CD2 1 
ATOM   594 N N   . THR A 1 87  ? 2.372   1.057   -7.925  1.00 154.19 ? 87  THR B N   1 
ATOM   595 C CA  . THR A 1 87  ? 2.241   1.919   -9.101  1.00 155.17 ? 87  THR B CA  1 
ATOM   596 C C   . THR A 1 87  ? 3.340   1.622   -10.125 1.00 156.85 ? 87  THR B C   1 
ATOM   597 O O   . THR A 1 87  ? 4.516   1.565   -9.771  1.00 159.62 ? 87  THR B O   1 
ATOM   598 C CB  . THR A 1 87  ? 2.263   3.421   -8.708  1.00 154.93 ? 87  THR B CB  1 
ATOM   599 O OG1 . THR A 1 87  ? 2.422   4.235   -9.877  1.00 159.78 ? 87  THR B OG1 1 
ATOM   600 C CG2 . THR A 1 87  ? 3.386   3.738   -7.711  1.00 153.86 ? 87  THR B CG2 1 
ATOM   601 N N   . MET A 1 88  ? 2.951   1.418   -11.384 1.00 162.10 ? 88  MET B N   1 
ATOM   602 C CA  . MET A 1 88  ? 3.920   1.259   -12.480 1.00 167.19 ? 88  MET B CA  1 
ATOM   603 C C   . MET A 1 88  ? 4.569   2.598   -12.804 1.00 168.79 ? 88  MET B C   1 
ATOM   604 O O   . MET A 1 88  ? 5.790   2.685   -12.945 1.00 162.39 ? 88  MET B O   1 
ATOM   605 C CB  . MET A 1 88  ? 3.265   0.695   -13.750 1.00 171.79 ? 88  MET B CB  1 
ATOM   606 C CG  . MET A 1 88  ? 3.089   -0.817  -13.764 1.00 176.01 ? 88  MET B CG  1 
ATOM   607 S SD  . MET A 1 88  ? 3.434   -1.558  -15.373 1.00 186.57 ? 88  MET B SD  1 
ATOM   608 C CE  . MET A 1 88  ? 2.293   -0.660  -16.424 1.00 186.80 ? 88  MET B CE  1 
ATOM   609 N N   . ASN A 1 89  ? 3.737   3.631   -12.926 1.00 180.30 ? 89  ASN B N   1 
ATOM   610 C CA  . ASN A 1 89  ? 4.198   4.984   -13.234 1.00 190.06 ? 89  ASN B CA  1 
ATOM   611 C C   . ASN A 1 89  ? 5.218   5.493   -12.216 1.00 192.10 ? 89  ASN B C   1 
ATOM   612 O O   . ASN A 1 89  ? 4.955   5.504   -11.010 1.00 190.75 ? 89  ASN B O   1 
ATOM   613 C CB  . ASN A 1 89  ? 3.015   5.943   -13.303 1.00 190.07 ? 89  ASN B CB  1 
ATOM   614 N N   . ASN A 1 90  ? 6.382   5.894   -12.722 1.00 194.53 ? 90  ASN B N   1 
ATOM   615 C CA  . ASN A 1 90  ? 7.396   6.583   -11.935 1.00 199.09 ? 90  ASN B CA  1 
ATOM   616 C C   . ASN A 1 90  ? 7.326   8.109   -12.123 1.00 195.25 ? 90  ASN B C   1 
ATOM   617 O O   . ASN A 1 90  ? 8.179   8.829   -11.599 1.00 191.68 ? 90  ASN B O   1 
ATOM   618 C CB  . ASN A 1 90  ? 8.784   6.057   -12.323 1.00 208.06 ? 90  ASN B CB  1 
ATOM   619 C CG  . ASN A 1 90  ? 9.856   6.404   -11.303 1.00 217.41 ? 90  ASN B CG  1 
ATOM   620 O OD1 . ASN A 1 90  ? 9.708   6.127   -10.112 1.00 221.91 ? 90  ASN B OD1 1 
ATOM   621 N ND2 . ASN A 1 90  ? 10.949  7.007   -11.769 1.00 221.20 ? 90  ASN B ND2 1 
ATOM   622 N N   . ASN A 1 91  ? 6.311   8.592   -12.852 1.00 191.49 ? 91  ASN B N   1 
ATOM   623 C CA  . ASN A 1 91  ? 6.125   10.025  -13.124 1.00 187.38 ? 91  ASN B CA  1 
ATOM   624 C C   . ASN A 1 91  ? 5.968   10.822  -11.819 1.00 183.72 ? 91  ASN B C   1 
ATOM   625 O O   . ASN A 1 91  ? 4.901   10.770  -11.201 1.00 172.44 ? 91  ASN B O   1 
ATOM   626 C CB  . ASN A 1 91  ? 4.913   10.240  -14.022 1.00 185.16 ? 91  ASN B CB  1 
ATOM   627 N N   . PRO A 1 92  ? 7.026   11.564  -11.399 1.00 184.88 ? 92  PRO B N   1 
ATOM   628 C CA  . PRO A 1 92  ? 7.030   12.208  -10.071 1.00 184.32 ? 92  PRO B CA  1 
ATOM   629 C C   . PRO A 1 92  ? 5.843   13.135  -9.811  1.00 184.23 ? 92  PRO B C   1 
ATOM   630 O O   . PRO A 1 92  ? 5.447   13.303  -8.658  1.00 179.41 ? 92  PRO B O   1 
ATOM   631 C CB  . PRO A 1 92  ? 8.338   13.014  -10.059 1.00 184.25 ? 92  PRO B CB  1 
ATOM   632 C CG  . PRO A 1 92  ? 9.172   12.439  -11.142 1.00 185.85 ? 92  PRO B CG  1 
ATOM   633 C CD  . PRO A 1 92  ? 8.213   11.958  -12.184 1.00 185.02 ? 92  PRO B CD  1 
ATOM   634 N N   . ALA A 1 93  ? 5.306   13.736  -10.875 1.00 182.70 ? 93  ALA B N   1 
ATOM   635 C CA  . ALA A 1 93  ? 4.048   14.491  -10.826 1.00 182.27 ? 93  ALA B CA  1 
ATOM   636 C C   . ALA A 1 93  ? 2.951   13.756  -10.052 1.00 176.49 ? 93  ALA B C   1 
ATOM   637 O O   . ALA A 1 93  ? 2.253   14.356  -9.230  1.00 170.30 ? 93  ALA B O   1 
ATOM   638 C CB  . ALA A 1 93  ? 3.571   14.793  -12.238 1.00 183.84 ? 93  ALA B CB  1 
ATOM   639 N N   . ILE A 1 94  ? 2.822   12.456  -10.320 1.00 172.30 ? 94  ILE B N   1 
ATOM   640 C CA  . ILE A 1 94  ? 1.872   11.596  -9.615  1.00 169.67 ? 94  ILE B CA  1 
ATOM   641 C C   . ILE A 1 94  ? 2.375   11.361  -8.194  1.00 162.67 ? 94  ILE B C   1 
ATOM   642 O O   . ILE A 1 94  ? 1.698   11.699  -7.223  1.00 157.24 ? 94  ILE B O   1 
ATOM   643 C CB  . ILE A 1 94  ? 1.693   10.221  -10.313 1.00 172.99 ? 94  ILE B CB  1 
ATOM   644 C CG1 . ILE A 1 94  ? 1.192   10.383  -11.755 1.00 177.25 ? 94  ILE B CG1 1 
ATOM   645 C CG2 . ILE A 1 94  ? 0.716   9.340   -9.537  1.00 175.20 ? 94  ILE B CG2 1 
ATOM   646 C CD1 . ILE A 1 94  ? 1.451   9.172   -12.631 1.00 181.38 ? 94  ILE B CD1 1 
ATOM   647 N N   . LEU A 1 95  ? 3.586   10.815  -8.095  1.00 157.51 ? 95  LEU B N   1 
ATOM   648 C CA  . LEU A 1 95  ? 4.126   10.307  -6.829  1.00 157.81 ? 95  LEU B CA  1 
ATOM   649 C C   . LEU A 1 95  ? 4.405   11.402  -5.796  1.00 159.56 ? 95  LEU B C   1 
ATOM   650 O O   . LEU A 1 95  ? 4.437   11.119  -4.600  1.00 163.37 ? 95  LEU B O   1 
ATOM   651 C CB  . LEU A 1 95  ? 5.398   9.479   -7.070  1.00 158.89 ? 95  LEU B CB  1 
ATOM   652 C CG  . LEU A 1 95  ? 5.365   8.368   -8.132  1.00 160.56 ? 95  LEU B CG  1 
ATOM   653 C CD1 . LEU A 1 95  ? 6.645   7.548   -8.073  1.00 161.70 ? 95  LEU B CD1 1 
ATOM   654 C CD2 . LEU A 1 95  ? 4.150   7.462   -7.982  1.00 163.62 ? 95  LEU B CD2 1 
ATOM   655 N N   . SER A 1 96  ? 4.609   12.638  -6.255  1.00 161.01 ? 96  SER B N   1 
ATOM   656 C CA  . SER A 1 96  ? 4.698   13.803  -5.365  1.00 165.43 ? 96  SER B CA  1 
ATOM   657 C C   . SER A 1 96  ? 3.356   14.068  -4.692  1.00 162.49 ? 96  SER B C   1 
ATOM   658 O O   . SER A 1 96  ? 3.299   14.300  -3.484  1.00 164.24 ? 96  SER B O   1 
ATOM   659 C CB  . SER A 1 96  ? 5.137   15.053  -6.136  1.00 169.99 ? 96  SER B CB  1 
ATOM   660 O OG  . SER A 1 96  ? 5.165   16.197  -5.294  1.00 169.84 ? 96  SER B OG  1 
ATOM   661 N N   . ALA A 1 97  ? 2.286   14.036  -5.486  1.00 160.63 ? 97  ALA B N   1 
ATOM   662 C CA  . ALA A 1 97  ? 0.919   14.190  -4.977  1.00 162.91 ? 97  ALA B CA  1 
ATOM   663 C C   . ALA A 1 97  ? 0.488   13.029  -4.077  1.00 161.21 ? 97  ALA B C   1 
ATOM   664 O O   . ALA A 1 97  ? -0.314  13.226  -3.161  1.00 159.55 ? 97  ALA B O   1 
ATOM   665 C CB  . ALA A 1 97  ? -0.064  14.350  -6.129  1.00 166.57 ? 97  ALA B CB  1 
ATOM   666 N N   . VAL A 1 98  ? 1.009   11.831  -4.351  1.00 157.00 ? 98  VAL B N   1 
ATOM   667 C CA  . VAL A 1 98  ? 0.774   10.651  -3.510  1.00 157.47 ? 98  VAL B CA  1 
ATOM   668 C C   . VAL A 1 98  ? 1.379   10.848  -2.113  1.00 159.79 ? 98  VAL B C   1 
ATOM   669 O O   . VAL A 1 98  ? 0.733   10.542  -1.109  1.00 158.85 ? 98  VAL B O   1 
ATOM   670 C CB  . VAL A 1 98  ? 1.335   9.361   -4.168  1.00 162.40 ? 98  VAL B CB  1 
ATOM   671 C CG1 . VAL A 1 98  ? 1.283   8.174   -3.212  1.00 164.99 ? 98  VAL B CG1 1 
ATOM   672 C CG2 . VAL A 1 98  ? 0.561   9.020   -5.437  1.00 165.15 ? 98  VAL B CG2 1 
ATOM   673 N N   . LEU A 1 99  ? 2.608   11.358  -2.062  1.00 164.40 ? 99  LEU B N   1 
ATOM   674 C CA  . LEU A 1 99  ? 3.298   11.621  -0.791  1.00 167.79 ? 99  LEU B CA  1 
ATOM   675 C C   . LEU A 1 99  ? 2.739   12.820  -0.016  1.00 171.88 ? 99  LEU B C   1 
ATOM   676 O O   . LEU A 1 99  ? 2.896   12.881  1.206   1.00 175.44 ? 99  LEU B O   1 
ATOM   677 C CB  . LEU A 1 99  ? 4.799   11.811  -1.022  1.00 166.87 ? 99  LEU B CB  1 
ATOM   678 C CG  . LEU A 1 99  ? 5.542   10.578  -1.548  1.00 166.23 ? 99  LEU B CG  1 
ATOM   679 C CD1 . LEU A 1 99  ? 6.899   10.978  -2.109  1.00 165.13 ? 99  LEU B CD1 1 
ATOM   680 C CD2 . LEU A 1 99  ? 5.697   9.518   -0.467  1.00 167.32 ? 99  LEU B CD2 1 
ATOM   681 N N   . ASP A 1 100 ? 2.091   13.759  -0.709  1.00 174.62 ? 100 ASP B N   1 
ATOM   682 C CA  . ASP A 1 100 ? 1.377   14.869  -0.049  1.00 179.79 ? 100 ASP B CA  1 
ATOM   683 C C   . ASP A 1 100 ? 0.145   14.412  0.751   1.00 183.46 ? 100 ASP B C   1 
ATOM   684 O O   . ASP A 1 100 ? -0.287  15.109  1.670   1.00 186.08 ? 100 ASP B O   1 
ATOM   685 C CB  . ASP A 1 100 ? 0.964   15.937  -1.070  1.00 181.92 ? 100 ASP B CB  1 
ATOM   686 C CG  . ASP A 1 100 ? 2.153   16.680  -1.663  1.00 186.04 ? 100 ASP B CG  1 
ATOM   687 O OD1 . ASP A 1 100 ? 3.316   16.331  -1.358  1.00 185.70 ? 100 ASP B OD1 1 
ATOM   688 O OD2 . ASP A 1 100 ? 1.919   17.624  -2.446  1.00 192.12 ? 100 ASP B OD2 1 
ATOM   689 N N   . LEU A 1 101 ? -0.406  13.248  0.402   1.00 186.06 ? 101 LEU B N   1 
ATOM   690 C CA  . LEU A 1 101 ? -1.463  12.608  1.201   1.00 185.31 ? 101 LEU B CA  1 
ATOM   691 C C   . LEU A 1 101 ? -0.900  12.049  2.516   1.00 184.67 ? 101 LEU B C   1 
ATOM   692 O O   . LEU A 1 101 ? -1.658  11.769  3.444   1.00 187.57 ? 101 LEU B O   1 
ATOM   693 C CB  . LEU A 1 101 ? -2.147  11.479  0.414   1.00 187.70 ? 101 LEU B CB  1 
ATOM   694 C CG  . LEU A 1 101 ? -2.562  11.718  -1.046  1.00 187.04 ? 101 LEU B CG  1 
ATOM   695 C CD1 . LEU A 1 101 ? -3.466  10.593  -1.532  1.00 188.14 ? 101 LEU B CD1 1 
ATOM   696 C CD2 . LEU A 1 101 ? -3.238  13.069  -1.236  1.00 185.32 ? 101 LEU B CD2 1 
ATOM   697 N N   . ASP A 1 102 ? 0.422   11.859  2.555   1.00 182.17 ? 102 ASP B N   1 
ATOM   698 C CA  . ASP A 1 102 ? 1.181   11.435  3.732   1.00 183.63 ? 102 ASP B CA  1 
ATOM   699 C C   . ASP A 1 102 ? 0.977   9.941   3.984   1.00 176.07 ? 102 ASP B C   1 
ATOM   700 O O   . ASP A 1 102 ? 0.679   9.510   5.101   1.00 175.45 ? 102 ASP B O   1 
ATOM   701 C CB  . ASP A 1 102 ? 0.862   12.299  4.971   1.00 187.69 ? 102 ASP B CB  1 
ATOM   702 C CG  . ASP A 1 102 ? 1.970   12.260  6.019   1.00 194.90 ? 102 ASP B CG  1 
ATOM   703 O OD1 . ASP A 1 102 ? 3.150   12.470  5.664   1.00 196.15 ? 102 ASP B OD1 1 
ATOM   704 O OD2 . ASP A 1 102 ? 1.654   12.030  7.206   1.00 201.95 ? 102 ASP B OD2 1 
ATOM   705 N N   . ILE A 1 103 ? 1.156   9.162   2.918   1.00 170.40 ? 103 ILE B N   1 
ATOM   706 C CA  . ILE A 1 103 ? 1.104   7.702   2.997   1.00 169.00 ? 103 ILE B CA  1 
ATOM   707 C C   . ILE A 1 103 ? 2.448   7.157   3.486   1.00 168.96 ? 103 ILE B C   1 
ATOM   708 O O   . ILE A 1 103 ? 3.463   7.860   3.458   1.00 172.93 ? 103 ILE B O   1 
ATOM   709 C CB  . ILE A 1 103 ? 0.698   7.047   1.653   1.00 167.92 ? 103 ILE B CB  1 
ATOM   710 C CG1 . ILE A 1 103 ? 1.780   7.206   0.573   1.00 167.09 ? 103 ILE B CG1 1 
ATOM   711 C CG2 . ILE A 1 103 ? -0.628  7.617   1.166   1.00 167.64 ? 103 ILE B CG2 1 
ATOM   712 C CD1 . ILE A 1 103 ? 1.600   6.244   -0.572  1.00 165.96 ? 103 ILE B CD1 1 
ATOM   713 N N   . GLU A 1 104 ? 2.444   5.898   3.910   1.00 166.95 ? 104 GLU B N   1 
ATOM   714 C CA  . GLU A 1 104 ? 3.615   5.282   4.533   1.00 163.87 ? 104 GLU B CA  1 
ATOM   715 C C   . GLU A 1 104 ? 4.692   4.841   3.534   1.00 161.24 ? 104 GLU B C   1 
ATOM   716 O O   . GLU A 1 104 ? 5.875   5.034   3.797   1.00 164.69 ? 104 GLU B O   1 
ATOM   717 C CB  . GLU A 1 104 ? 3.189   4.113   5.406   1.00 160.77 ? 104 GLU B CB  1 
ATOM   718 N N   . GLY A 1 105 ? 4.298   4.255   2.402   1.00 157.14 ? 105 GLY B N   1 
ATOM   719 C CA  . GLY A 1 105 ? 5.274   3.716   1.445   1.00 154.31 ? 105 GLY B CA  1 
ATOM   720 C C   . GLY A 1 105 ? 4.809   3.607   0.005   1.00 151.34 ? 105 GLY B C   1 
ATOM   721 O O   . GLY A 1 105 ? 3.615   3.691   -0.280  1.00 156.38 ? 105 GLY B O   1 
ATOM   722 N N   . ILE A 1 106 ? 5.777   3.444   -0.900  1.00 149.07 ? 106 ILE B N   1 
ATOM   723 C CA  . ILE A 1 106 ? 5.521   3.264   -2.333  1.00 141.75 ? 106 ILE B CA  1 
ATOM   724 C C   . ILE A 1 106 ? 6.489   2.236   -2.920  1.00 139.72 ? 106 ILE B C   1 
ATOM   725 O O   . ILE A 1 106 ? 7.654   2.548   -3.167  1.00 149.86 ? 106 ILE B O   1 
ATOM   726 C CB  . ILE A 1 106 ? 5.662   4.584   -3.144  1.00 140.55 ? 106 ILE B CB  1 
ATOM   727 C CG1 . ILE A 1 106 ? 4.934   5.748   -2.459  1.00 141.25 ? 106 ILE B CG1 1 
ATOM   728 C CG2 . ILE A 1 106 ? 5.132   4.393   -4.565  1.00 143.35 ? 106 ILE B CG2 1 
ATOM   729 C CD1 . ILE A 1 106 ? 5.051   7.078   -3.178  1.00 141.44 ? 106 ILE B CD1 1 
ATOM   730 N N   . VAL A 1 107 ? 6.011   1.011   -3.125  1.00 139.25 ? 107 VAL B N   1 
ATOM   731 C CA  . VAL A 1 107 ? 6.705   0.051   -3.987  1.00 137.02 ? 107 VAL B CA  1 
ATOM   732 C C   . VAL A 1 107 ? 6.305   0.352   -5.424  1.00 138.79 ? 107 VAL B C   1 
ATOM   733 O O   . VAL A 1 107 ? 5.245   0.933   -5.669  1.00 135.59 ? 107 VAL B O   1 
ATOM   734 C CB  . VAL A 1 107 ? 6.343   -1.381  -3.619  1.00 129.80 ? 107 VAL B CB  1 
ATOM   735 N N   . LEU A 1 108 ? 7.168   -0.012  -6.366  1.00 146.12 ? 108 LEU B N   1 
ATOM   736 C CA  . LEU A 1 108 ? 6.840   0.052   -7.786  1.00 153.56 ? 108 LEU B CA  1 
ATOM   737 C C   . LEU A 1 108 ? 6.510   -1.360  -8.245  1.00 160.93 ? 108 LEU B C   1 
ATOM   738 O O   . LEU A 1 108 ? 7.237   -2.303  -7.920  1.00 164.56 ? 108 LEU B O   1 
ATOM   739 C CB  . LEU A 1 108 ? 8.003   0.630   -8.594  1.00 154.38 ? 108 LEU B CB  1 
ATOM   740 C CG  . LEU A 1 108 ? 8.424   2.059   -8.231  1.00 157.09 ? 108 LEU B CG  1 
ATOM   741 C CD1 . LEU A 1 108 ? 9.707   2.434   -8.956  1.00 158.60 ? 108 LEU B CD1 1 
ATOM   742 C CD2 . LEU A 1 108 ? 7.321   3.064   -8.538  1.00 156.98 ? 108 LEU B CD2 1 
ATOM   743 N N   . LYS A 1 109 ? 5.414   -1.498  -8.993  1.00 168.36 ? 109 LYS B N   1 
ATOM   744 C CA  . LYS A 1 109 ? 4.910   -2.806  -9.446  1.00 171.60 ? 109 LYS B CA  1 
ATOM   745 C C   . LYS A 1 109 ? 5.988   -3.649  -10.125 1.00 171.14 ? 109 LYS B C   1 
ATOM   746 O O   . LYS A 1 109 ? 6.034   -4.867  -9.938  1.00 168.26 ? 109 LYS B O   1 
ATOM   747 C CB  . LYS A 1 109 ? 3.729   -2.631  -10.400 1.00 171.96 ? 109 LYS B CB  1 
ATOM   748 C CG  . LYS A 1 109 ? 2.445   -2.149  -9.747  1.00 176.34 ? 109 LYS B CG  1 
ATOM   749 C CD  . LYS A 1 109 ? 1.429   -1.787  -10.813 1.00 179.75 ? 109 LYS B CD  1 
ATOM   750 C CE  . LYS A 1 109 ? 0.037   -1.575  -10.247 1.00 182.37 ? 109 LYS B CE  1 
ATOM   751 N NZ  . LYS A 1 109 ? -0.919  -1.215  -11.332 1.00 186.98 ? 109 LYS B NZ  1 
ATOM   752 N N   . GLN A 1 110 ? 6.846   -2.992  -10.906 1.00 174.70 ? 110 GLN B N   1 
ATOM   753 C CA  . GLN A 1 110 ? 8.061   -3.623  -11.430 1.00 174.32 ? 110 GLN B CA  1 
ATOM   754 C C   . GLN A 1 110 ? 9.012   -3.978  -10.283 1.00 172.12 ? 110 GLN B C   1 
ATOM   755 O O   . GLN A 1 110 ? 9.706   -3.110  -9.747  1.00 177.77 ? 110 GLN B O   1 
ATOM   756 C CB  . GLN A 1 110 ? 8.763   -2.717  -12.457 1.00 174.77 ? 110 GLN B CB  1 
ATOM   757 C CG  . GLN A 1 110 ? 8.327   -2.967  -13.891 1.00 176.40 ? 110 GLN B CG  1 
ATOM   758 C CD  . GLN A 1 110 ? 8.739   -4.342  -14.393 1.00 178.90 ? 110 GLN B CD  1 
ATOM   759 O OE1 . GLN A 1 110 ? 9.856   -4.799  -14.146 1.00 184.48 ? 110 GLN B OE1 1 
ATOM   760 N NE2 . GLN A 1 110 ? 7.834   -5.014  -15.092 1.00 179.31 ? 110 GLN B NE2 1 
ATOM   761 N N   . GLY A 1 111 ? 9.024   -5.257  -9.912  1.00 162.66 ? 111 GLY B N   1 
ATOM   762 C CA  . GLY A 1 111 ? 9.799   -5.730  -8.770  1.00 161.59 ? 111 GLY B CA  1 
ATOM   763 C C   . GLY A 1 111 ? 9.217   -5.352  -7.417  1.00 163.84 ? 111 GLY B C   1 
ATOM   764 O O   . GLY A 1 111 ? 9.958   -5.218  -6.440  1.00 163.38 ? 111 GLY B O   1 
ATOM   765 N N   . ALA A 1 112 ? 7.898   -5.159  -7.356  1.00 168.18 ? 112 ALA B N   1 
ATOM   766 C CA  . ALA A 1 112 ? 7.183   -5.041  -6.080  1.00 169.08 ? 112 ALA B CA  1 
ATOM   767 C C   . ALA A 1 112 ? 7.335   -6.312  -5.229  1.00 165.59 ? 112 ALA B C   1 
ATOM   768 O O   . ALA A 1 112 ? 7.714   -6.207  -4.067  1.00 168.50 ? 112 ALA B O   1 
ATOM   769 C CB  . ALA A 1 112 ? 5.708   -4.701  -6.294  1.00 171.50 ? 112 ALA B CB  1 
ATOM   770 N N   . PRO A 1 113 ? 7.072   -7.513  -5.803  1.00 158.56 ? 113 PRO B N   1 
ATOM   771 C CA  . PRO A 1 113 ? 7.303   -8.773  -5.078  1.00 158.50 ? 113 PRO B CA  1 
ATOM   772 C C   . PRO A 1 113 ? 8.557   -8.827  -4.196  1.00 159.36 ? 113 PRO B C   1 
ATOM   773 O O   . PRO A 1 113 ? 8.502   -9.366  -3.090  1.00 162.30 ? 113 PRO B O   1 
ATOM   774 C CB  . PRO A 1 113 ? 7.413   -9.815  -6.211  1.00 155.87 ? 113 PRO B CB  1 
ATOM   775 C CG  . PRO A 1 113 ? 7.007   -9.114  -7.474  1.00 155.14 ? 113 PRO B CG  1 
ATOM   776 C CD  . PRO A 1 113 ? 6.401   -7.804  -7.082  1.00 156.57 ? 113 PRO B CD  1 
ATOM   777 N N   . THR A 1 114 ? 9.664   -8.274  -4.688  1.00 160.14 ? 114 THR B N   1 
ATOM   778 C CA  . THR A 1 114 ? 10.911  -8.196  -3.926  1.00 156.91 ? 114 THR B CA  1 
ATOM   779 C C   . THR A 1 114 ? 10.852  -7.116  -2.845  1.00 152.98 ? 114 THR B C   1 
ATOM   780 O O   . THR A 1 114 ? 11.021  -7.407  -1.664  1.00 145.69 ? 114 THR B O   1 
ATOM   781 C CB  . THR A 1 114 ? 12.107  -7.907  -4.856  1.00 158.10 ? 114 THR B CB  1 
ATOM   782 O OG1 . THR A 1 114 ? 12.051  -8.784  -5.989  1.00 161.02 ? 114 THR B OG1 1 
ATOM   783 C CG2 . THR A 1 114 ? 13.435  -8.094  -4.119  1.00 157.32 ? 114 THR B CG2 1 
ATOM   784 N N   . ASP A 1 115 ? 10.598  -5.876  -3.263  1.00 156.52 ? 115 ASP B N   1 
ATOM   785 C CA  . ASP A 1 115 ? 10.654  -4.709  -2.370  1.00 160.53 ? 115 ASP B CA  1 
ATOM   786 C C   . ASP A 1 115 ? 9.462   -4.580  -1.412  1.00 162.60 ? 115 ASP B C   1 
ATOM   787 O O   . ASP A 1 115 ? 9.525   -3.798  -0.459  1.00 163.90 ? 115 ASP B O   1 
ATOM   788 C CB  . ASP A 1 115 ? 10.801  -3.430  -3.190  1.00 157.96 ? 115 ASP B CB  1 
ATOM   789 N N   . LEU A 1 116 ? 8.387   -5.328  -1.666  1.00 164.88 ? 116 LEU B N   1 
ATOM   790 C CA  . LEU A 1 116 ? 7.157   -5.239  -0.871  1.00 159.97 ? 116 LEU B CA  1 
ATOM   791 C C   . LEU A 1 116 ? 7.327   -5.732  0.580   1.00 156.39 ? 116 LEU B C   1 
ATOM   792 O O   . LEU A 1 116 ? 6.803   -5.096  1.496   1.00 145.57 ? 116 LEU B O   1 
ATOM   793 C CB  . LEU A 1 116 ? 6.002   -5.947  -1.602  1.00 155.57 ? 116 LEU B CB  1 
ATOM   794 C CG  . LEU A 1 116 ? 4.586   -5.872  -1.047  1.00 156.18 ? 116 LEU B CG  1 
ATOM   795 C CD1 . LEU A 1 116 ? 4.150   -4.424  -0.885  1.00 151.51 ? 116 LEU B CD1 1 
ATOM   796 C CD2 . LEU A 1 116 ? 3.652   -6.623  -1.984  1.00 159.46 ? 116 LEU B CD2 1 
ATOM   797 N N   . PRO A 1 117 ? 8.047   -6.859  0.793   1.00 153.62 ? 117 PRO B N   1 
ATOM   798 C CA  . PRO A 1 117 ? 8.533   -7.221  2.132   1.00 150.05 ? 117 PRO B CA  1 
ATOM   799 C C   . PRO A 1 117 ? 9.364   -6.144  2.838   1.00 150.39 ? 117 PRO B C   1 
ATOM   800 O O   . PRO A 1 117 ? 9.160   -5.905  4.030   1.00 147.26 ? 117 PRO B O   1 
ATOM   801 C CB  . PRO A 1 117 ? 9.410   -8.442  1.859   1.00 150.80 ? 117 PRO B CB  1 
ATOM   802 C CG  . PRO A 1 117 ? 8.809   -9.084  0.659   1.00 150.13 ? 117 PRO B CG  1 
ATOM   803 C CD  . PRO A 1 117 ? 8.066   -8.028  -0.109  1.00 152.14 ? 117 PRO B CD  1 
ATOM   804 N N   . LYS A 1 118 ? 10.288  -5.517  2.111   1.00 158.08 ? 118 LYS B N   1 
ATOM   805 C CA  . LYS A 1 118 ? 11.174  -4.490  2.684   1.00 165.54 ? 118 LYS B CA  1 
ATOM   806 C C   . LYS A 1 118 ? 10.431  -3.205  3.061   1.00 165.67 ? 118 LYS B C   1 
ATOM   807 O O   . LYS A 1 118 ? 10.845  -2.503  3.988   1.00 165.67 ? 118 LYS B O   1 
ATOM   808 C CB  . LYS A 1 118 ? 12.346  -4.161  1.742   1.00 169.17 ? 118 LYS B CB  1 
ATOM   809 C CG  . LYS A 1 118 ? 13.427  -5.236  1.670   1.00 175.07 ? 118 LYS B CG  1 
ATOM   810 C CD  . LYS A 1 118 ? 13.358  -6.055  0.389   1.00 181.60 ? 118 LYS B CD  1 
ATOM   811 C CE  . LYS A 1 118 ? 14.166  -7.340  0.502   1.00 187.36 ? 118 LYS B CE  1 
ATOM   812 N NZ  . LYS A 1 118 ? 14.358  -8.011  -0.815  1.00 190.15 ? 118 LYS B NZ  1 
ATOM   813 N N   . ALA A 1 119 ? 9.351   -2.900  2.340   1.00 167.30 ? 119 ALA B N   1 
ATOM   814 C CA  . ALA A 1 119 ? 8.473   -1.776  2.679   1.00 165.57 ? 119 ALA B CA  1 
ATOM   815 C C   . ALA A 1 119 ? 7.767   -2.013  4.013   1.00 163.14 ? 119 ALA B C   1 
ATOM   816 O O   . ALA A 1 119 ? 7.741   -1.129  4.869   1.00 159.63 ? 119 ALA B O   1 
ATOM   817 C CB  . ALA A 1 119 ? 7.451   -1.546  1.575   1.00 165.63 ? 119 ALA B CB  1 
ATOM   818 N N   . LEU A 1 120 ? 7.212   -3.214  4.182   1.00 162.66 ? 120 LEU B N   1 
ATOM   819 C CA  . LEU A 1 120 ? 6.541   -3.605  5.428   1.00 159.48 ? 120 LEU B CA  1 
ATOM   820 C C   . LEU A 1 120 ? 7.502   -3.535  6.617   1.00 161.01 ? 120 LEU B C   1 
ATOM   821 O O   . LEU A 1 120 ? 7.141   -3.032  7.685   1.00 160.54 ? 120 LEU B O   1 
ATOM   822 C CB  . LEU A 1 120 ? 5.956   -5.023  5.314   1.00 154.83 ? 120 LEU B CB  1 
ATOM   823 C CG  . LEU A 1 120 ? 4.856   -5.277  4.270   1.00 153.54 ? 120 LEU B CG  1 
ATOM   824 C CD1 . LEU A 1 120 ? 4.660   -6.768  4.040   1.00 150.40 ? 120 LEU B CD1 1 
ATOM   825 C CD2 . LEU A 1 120 ? 3.536   -4.625  4.656   1.00 153.39 ? 120 LEU B CD2 1 
ATOM   826 N N   . ALA A 1 121 ? 8.722   -4.039  6.412   1.00 162.14 ? 121 ALA B N   1 
ATOM   827 C CA  . ALA A 1 121 ? 9.783   -4.024  7.429   1.00 156.38 ? 121 ALA B CA  1 
ATOM   828 C C   . ALA A 1 121 ? 10.144  -2.608  7.886   1.00 155.06 ? 121 ALA B C   1 
ATOM   829 O O   . ALA A 1 121 ? 10.350  -2.369  9.077   1.00 149.33 ? 121 ALA B O   1 
ATOM   830 C CB  . ALA A 1 121 ? 11.019  -4.738  6.906   1.00 153.61 ? 121 ALA B CB  1 
ATOM   831 N N   . ALA A 1 122 ? 10.223  -1.680  6.934   1.00 155.59 ? 122 ALA B N   1 
ATOM   832 C CA  . ALA A 1 122 ? 10.455  -0.268  7.241   1.00 162.24 ? 122 ALA B CA  1 
ATOM   833 C C   . ALA A 1 122 ? 9.289   0.326   8.034   1.00 169.02 ? 122 ALA B C   1 
ATOM   834 O O   . ALA A 1 122 ? 9.503   1.021   9.031   1.00 165.47 ? 122 ALA B O   1 
ATOM   835 C CB  . ALA A 1 122 ? 10.681  0.525   5.961   1.00 165.39 ? 122 ALA B CB  1 
ATOM   836 N N   . LEU A 1 123 ? 8.065   0.051   7.577   1.00 178.23 ? 123 LEU B N   1 
ATOM   837 C CA  . LEU A 1 123 ? 6.832   0.524   8.242   1.00 183.15 ? 123 LEU B CA  1 
ATOM   838 C C   . LEU A 1 123 ? 6.702   0.065   9.698   1.00 183.43 ? 123 LEU B C   1 
ATOM   839 O O   . LEU A 1 123 ? 6.228   0.828   10.544  1.00 180.82 ? 123 LEU B O   1 
ATOM   840 C CB  . LEU A 1 123 ? 5.574   0.101   7.459   1.00 185.93 ? 123 LEU B CB  1 
ATOM   841 C CG  . LEU A 1 123 ? 4.949   1.132   6.513   1.00 186.77 ? 123 LEU B CG  1 
ATOM   842 C CD1 . LEU A 1 123 ? 5.939   1.694   5.501   1.00 186.47 ? 123 LEU B CD1 1 
ATOM   843 C CD2 . LEU A 1 123 ? 3.760   0.504   5.803   1.00 187.03 ? 123 LEU B CD2 1 
ATOM   844 N N   . GLN A 1 124 ? 7.107   -1.176  9.976   1.00 182.22 ? 124 GLN B N   1 
ATOM   845 C CA  . GLN A 1 124 ? 7.105   -1.717  11.343  1.00 185.47 ? 124 GLN B CA  1 
ATOM   846 C C   . GLN A 1 124 ? 7.970   -0.892  12.306  1.00 187.77 ? 124 GLN B C   1 
ATOM   847 O O   . GLN A 1 124 ? 7.603   -0.713  13.471  1.00 187.03 ? 124 GLN B O   1 
ATOM   848 C CB  . GLN A 1 124 ? 7.565   -3.183  11.343  1.00 185.89 ? 124 GLN B CB  1 
ATOM   849 C CG  . GLN A 1 124 ? 7.692   -3.802  12.730  1.00 185.57 ? 124 GLN B CG  1 
ATOM   850 C CD  . GLN A 1 124 ? 7.588   -5.317  12.713  1.00 188.50 ? 124 GLN B CD  1 
ATOM   851 O OE1 . GLN A 1 124 ? 6.538   -5.864  12.381  1.00 185.10 ? 124 GLN B OE1 1 
ATOM   852 N NE2 . GLN A 1 124 ? 8.668   -6.003  13.088  1.00 193.91 ? 124 GLN B NE2 1 
ATOM   853 N N   . LYS A 1 125 ? 9.094   -0.378  11.805  1.00 188.30 ? 125 LYS B N   1 
ATOM   854 C CA  . LYS A 1 125 ? 10.029  0.429   12.600  1.00 187.42 ? 125 LYS B CA  1 
ATOM   855 C C   . LYS A 1 125 ? 9.736   1.941   12.547  1.00 189.24 ? 125 LYS B C   1 
ATOM   856 O O   . LYS A 1 125 ? 10.594  2.750   12.915  1.00 189.44 ? 125 LYS B O   1 
ATOM   857 C CB  . LYS A 1 125 ? 11.466  0.147   12.131  1.00 186.72 ? 125 LYS B CB  1 
ATOM   858 C CG  . LYS A 1 125 ? 11.873  -1.320  12.243  1.00 188.55 ? 125 LYS B CG  1 
ATOM   859 C CD  . LYS A 1 125 ? 12.845  -1.749  11.152  1.00 188.18 ? 125 LYS B CD  1 
ATOM   860 C CE  . LYS A 1 125 ? 12.948  -3.266  11.080  1.00 189.19 ? 125 LYS B CE  1 
ATOM   861 N NZ  . LYS A 1 125 ? 13.830  -3.728  9.974   1.00 188.13 ? 125 LYS B NZ  1 
ATOM   862 N N   . GLY A 1 126 ? 8.530   2.322   12.112  1.00 187.79 ? 126 GLY B N   1 
ATOM   863 C CA  . GLY A 1 126 ? 8.142   3.729   11.995  1.00 186.82 ? 126 GLY B CA  1 
ATOM   864 C C   . GLY A 1 126 ? 8.905   4.505   10.934  1.00 184.92 ? 126 GLY B C   1 
ATOM   865 O O   . GLY A 1 126 ? 9.106   5.714   11.078  1.00 177.57 ? 126 GLY B O   1 
ATOM   866 N N   . LYS A 1 127 ? 9.322   3.811   9.874   1.00 183.59 ? 127 LYS B N   1 
ATOM   867 C CA  . LYS A 1 127 ? 10.098  4.402   8.783   1.00 181.83 ? 127 LYS B CA  1 
ATOM   868 C C   . LYS A 1 127 ? 9.341   4.249   7.466   1.00 179.39 ? 127 LYS B C   1 
ATOM   869 O O   . LYS A 1 127 ? 8.813   3.176   7.171   1.00 178.28 ? 127 LYS B O   1 
ATOM   870 C CB  . LYS A 1 127 ? 11.462  3.735   8.687   1.00 178.20 ? 127 LYS B CB  1 
ATOM   871 N N   . LYS A 1 128 ? 9.288   5.320   6.677   1.00 171.87 ? 128 LYS B N   1 
ATOM   872 C CA  . LYS A 1 128 ? 8.610   5.291   5.379   1.00 167.78 ? 128 LYS B CA  1 
ATOM   873 C C   . LYS A 1 128 ? 9.436   4.538   4.338   1.00 160.74 ? 128 LYS B C   1 
ATOM   874 O O   . LYS A 1 128 ? 10.652  4.396   4.487   1.00 164.39 ? 128 LYS B O   1 
ATOM   875 C CB  . LYS A 1 128 ? 8.321   6.713   4.889   1.00 172.52 ? 128 LYS B CB  1 
ATOM   876 C CG  . LYS A 1 128 ? 7.355   7.476   5.781   1.00 177.48 ? 128 LYS B CG  1 
ATOM   877 C CD  . LYS A 1 128 ? 6.938   8.797   5.161   1.00 180.90 ? 128 LYS B CD  1 
ATOM   878 C CE  . LYS A 1 128 ? 6.139   9.631   6.148   1.00 185.99 ? 128 LYS B CE  1 
ATOM   879 N NZ  . LYS A 1 128 ? 5.728   10.941  5.575   1.00 189.30 ? 128 LYS B NZ  1 
ATOM   880 N N   . PHE A 1 129 ? 8.765   4.046   3.298   1.00 153.11 ? 129 PHE B N   1 
ATOM   881 C CA  . PHE A 1 129 ? 9.434   3.391   2.175   1.00 154.85 ? 129 PHE B CA  1 
ATOM   882 C C   . PHE A 1 129 ? 9.218   4.206   0.906   1.00 163.19 ? 129 PHE B C   1 
ATOM   883 O O   . PHE A 1 129 ? 8.337   3.918   0.093   1.00 166.83 ? 129 PHE B O   1 
ATOM   884 C CB  . PHE A 1 129 ? 8.948   1.953   1.998   1.00 153.89 ? 129 PHE B CB  1 
ATOM   885 C CG  . PHE A 1 129 ? 9.736   1.173   0.986   1.00 152.06 ? 129 PHE B CG  1 
ATOM   886 C CD1 . PHE A 1 129 ? 10.965  0.623   1.325   1.00 153.35 ? 129 PHE B CD1 1 
ATOM   887 C CD2 . PHE A 1 129 ? 9.254   0.987   -0.309  1.00 155.39 ? 129 PHE B CD2 1 
ATOM   888 C CE1 . PHE A 1 129 ? 11.700  -0.100  0.396   1.00 158.12 ? 129 PHE B CE1 1 
ATOM   889 C CE2 . PHE A 1 129 ? 9.985   0.265   -1.243  1.00 158.39 ? 129 PHE B CE2 1 
ATOM   890 C CZ  . PHE A 1 129 ? 11.209  -0.282  -0.891  1.00 157.86 ? 129 PHE B CZ  1 
ATOM   891 N N   . THR A 1 130 ? 10.033  5.242   0.764   1.00 173.33 ? 130 THR B N   1 
ATOM   892 C CA  . THR A 1 130 ? 10.026  6.091   -0.415  1.00 178.03 ? 130 THR B CA  1 
ATOM   893 C C   . THR A 1 130 ? 11.143  5.574   -1.344  1.00 176.31 ? 130 THR B C   1 
ATOM   894 O O   . THR A 1 130 ? 12.283  5.430   -0.895  1.00 181.76 ? 130 THR B O   1 
ATOM   895 C CB  . THR A 1 130 ? 10.250  7.565   -0.021  1.00 181.72 ? 130 THR B CB  1 
ATOM   896 O OG1 . THR A 1 130 ? 11.603  7.757   0.417   1.00 194.72 ? 130 THR B OG1 1 
ATOM   897 C CG2 . THR A 1 130 ? 9.299   7.987   1.097   1.00 179.93 ? 130 THR B CG2 1 
ATOM   898 N N   . PRO A 1 131 ? 10.831  5.290   -2.631  1.00 170.70 ? 131 PRO B N   1 
ATOM   899 C CA  . PRO A 1 131 ? 11.800  4.588   -3.489  1.00 176.56 ? 131 PRO B CA  1 
ATOM   900 C C   . PRO A 1 131 ? 12.927  5.488   -4.049  1.00 182.75 ? 131 PRO B C   1 
ATOM   901 O O   . PRO A 1 131 ? 13.053  6.645   -3.641  1.00 183.57 ? 131 PRO B O   1 
ATOM   902 C CB  . PRO A 1 131 ? 10.911  4.019   -4.604  1.00 171.88 ? 131 PRO B CB  1 
ATOM   903 C CG  . PRO A 1 131 ? 9.769   4.973   -4.704  1.00 168.91 ? 131 PRO B CG  1 
ATOM   904 C CD  . PRO A 1 131 ? 9.656   5.731   -3.407  1.00 164.54 ? 131 PRO B CD  1 
ATOM   905 N N   . GLU A 1 132 ? 13.744  4.941   -4.954  1.00 188.83 ? 132 GLU B N   1 
ATOM   906 C CA  . GLU A 1 132 ? 14.902  5.653   -5.536  1.00 192.29 ? 132 GLU B CA  1 
ATOM   907 C C   . GLU A 1 132 ? 14.580  6.956   -6.276  1.00 191.33 ? 132 GLU B C   1 
ATOM   908 O O   . GLU A 1 132 ? 15.382  7.890   -6.248  1.00 192.12 ? 132 GLU B O   1 
ATOM   909 C CB  . GLU A 1 132 ? 15.666  4.727   -6.467  1.00 192.20 ? 132 GLU B CB  1 
ATOM   910 N N   . SER A 1 133 ? 13.416  7.016   -6.924  1.00 192.48 ? 133 SER B N   1 
ATOM   911 C CA  . SER A 1 133 ? 13.007  8.196   -7.713  1.00 188.50 ? 133 SER B CA  1 
ATOM   912 C C   . SER A 1 133 ? 12.676  9.452   -6.889  1.00 187.99 ? 133 SER B C   1 
ATOM   913 O O   . SER A 1 133 ? 12.333  10.489  -7.461  1.00 183.61 ? 133 SER B O   1 
ATOM   914 C CB  . SER A 1 133 ? 11.830  7.841   -8.610  1.00 186.29 ? 133 SER B CB  1 
ATOM   915 N N   . VAL A 1 134 ? 12.767  9.354   -5.560  1.00 192.13 ? 134 VAL B N   1 
ATOM   916 C CA  . VAL A 1 134 ? 12.661  10.508  -4.654  1.00 203.00 ? 134 VAL B CA  1 
ATOM   917 C C   . VAL A 1 134 ? 13.748  11.563  -4.924  1.00 208.87 ? 134 VAL B C   1 
ATOM   918 O O   . VAL A 1 134 ? 13.533  12.747  -4.659  1.00 215.56 ? 134 VAL B O   1 
ATOM   919 C CB  . VAL A 1 134 ? 12.690  10.047  -3.171  1.00 204.75 ? 134 VAL B CB  1 
ATOM   920 C CG1 . VAL A 1 134 ? 12.791  11.212  -2.192  1.00 203.83 ? 134 VAL B CG1 1 
ATOM   921 C CG2 . VAL A 1 134 ? 11.445  9.239   -2.851  1.00 207.59 ? 134 VAL B CG2 1 
ATOM   922 N N   . SER A 1 135 ? 14.895  11.137  -5.461  1.00 211.32 ? 135 SER B N   1 
ATOM   923 C CA  . SER A 1 135 ? 15.941  12.054  -5.950  1.00 205.40 ? 135 SER B CA  1 
ATOM   924 C C   . SER A 1 135 ? 15.409  13.193  -6.833  1.00 207.80 ? 135 SER B C   1 
ATOM   925 O O   . SER A 1 135 ? 15.953  14.297  -6.798  1.00 207.28 ? 135 SER B O   1 
ATOM   926 C CB  . SER A 1 135 ? 17.019  11.278  -6.697  1.00 201.75 ? 135 SER B CB  1 
ATOM   927 N N   . ARG A 1 136 ? 14.359  12.923  -7.615  1.00 211.89 ? 136 ARG B N   1 
ATOM   928 C CA  . ARG A 1 136 ? 13.655  13.960  -8.391  1.00 211.37 ? 136 ARG B CA  1 
ATOM   929 C C   . ARG A 1 136 ? 12.896  14.954  -7.502  1.00 213.94 ? 136 ARG B C   1 
ATOM   930 O O   . ARG A 1 136 ? 12.907  16.159  -7.772  1.00 216.92 ? 136 ARG B O   1 
ATOM   931 C CB  . ARG A 1 136 ? 12.703  13.322  -9.394  1.00 206.21 ? 136 ARG B CB  1 
ATOM   932 N N   . LEU A 1 137 ? 12.227  14.445  -6.466  1.00 214.63 ? 137 LEU B N   1 
ATOM   933 C CA  . LEU A 1 137 ? 11.566  15.291  -5.457  1.00 214.27 ? 137 LEU B CA  1 
ATOM   934 C C   . LEU A 1 137 ? 12.568  16.074  -4.596  1.00 217.85 ? 137 LEU B C   1 
ATOM   935 O O   . LEU A 1 137 ? 12.289  17.209  -4.202  1.00 218.96 ? 137 LEU B O   1 
ATOM   936 C CB  . LEU A 1 137 ? 10.649  14.454  -4.572  1.00 209.09 ? 137 LEU B CB  1 
ATOM   937 N N   . LEU A 1 138 ? 13.720  15.464  -4.308  1.00 220.90 ? 138 LEU B N   1 
ATOM   938 C CA  . LEU A 1 138 ? 14.798  16.112  -3.542  1.00 219.26 ? 138 LEU B CA  1 
ATOM   939 C C   . LEU A 1 138 ? 15.621  17.095  -4.386  1.00 215.51 ? 138 LEU B C   1 
ATOM   940 O O   . LEU A 1 138 ? 16.135  18.083  -3.853  1.00 214.08 ? 138 LEU B O   1 
ATOM   941 C CB  . LEU A 1 138 ? 15.722  15.063  -2.912  1.00 218.77 ? 138 LEU B CB  1 
ATOM   942 C CG  . LEU A 1 138 ? 15.069  14.074  -1.938  1.00 217.30 ? 138 LEU B CG  1 
ATOM   943 C CD1 . LEU A 1 138 ? 16.038  12.952  -1.595  1.00 214.37 ? 138 LEU B CD1 1 
ATOM   944 C CD2 . LEU A 1 138 ? 14.577  14.766  -0.675  1.00 216.78 ? 138 LEU B CD2 1 
ATOM   945 N N   . GLU A 1 139 ? 15.763  16.814  -5.684  1.00 208.24 ? 139 GLU B N   1 
ATOM   946 C CA  . GLU A 1 139 ? 16.334  17.774  -6.643  1.00 203.99 ? 139 GLU B CA  1 
ATOM   947 C C   . GLU A 1 139 ? 15.446  19.015  -6.745  1.00 204.60 ? 139 GLU B C   1 
ATOM   948 O O   . GLU A 1 139 ? 15.944  20.139  -6.819  1.00 206.51 ? 139 GLU B O   1 
ATOM   949 C CB  . GLU A 1 139 ? 16.506  17.136  -8.016  1.00 198.80 ? 139 GLU B CB  1 
ATOM   950 N N   . LYS A 1 140 ? 14.132  18.789  -6.749  1.00 204.79 ? 140 LYS B N   1 
ATOM   951 C CA  . LYS A 1 140 ? 13.141  19.862  -6.688  1.00 204.16 ? 140 LYS B CA  1 
ATOM   952 C C   . LYS A 1 140 ? 13.010  20.393  -5.259  1.00 201.75 ? 140 LYS B C   1 
ATOM   953 O O   . LYS A 1 140 ? 13.569  21.436  -4.916  1.00 195.94 ? 140 LYS B O   1 
ATOM   954 C CB  . LYS A 1 140 ? 11.796  19.356  -7.184  1.00 202.61 ? 140 LYS B CB  1 
HETATM 955 O O   . HOH B 2 .   ? 2.977   -15.779 6.644   1.00 143.22 ? 201 HOH B O   1 
# 
